data_5EFX
# 
_entry.id   5EFX 
# 
_audit_conform.dict_name       mmcif_pdbx.dic 
_audit_conform.dict_version    5.380 
_audit_conform.dict_location   http://mmcif.pdb.org/dictionaries/ascii/mmcif_pdbx.dic 
# 
loop_
_database_2.database_id 
_database_2.database_code 
_database_2.pdbx_database_accession 
_database_2.pdbx_DOI 
PDB   5EFX         pdb_00005efx 10.2210/pdb5efx/pdb 
WWPDB D_1000214767 ?            ?                   
# 
_pdbx_database_status.status_code                     REL 
_pdbx_database_status.status_code_sf                  REL 
_pdbx_database_status.status_code_mr                  ? 
_pdbx_database_status.entry_id                        5EFX 
_pdbx_database_status.recvd_initial_deposition_date   2015-10-26 
_pdbx_database_status.SG_entry                        N 
_pdbx_database_status.deposit_site                    RCSB 
_pdbx_database_status.process_site                    PDBJ 
_pdbx_database_status.status_code_cs                  ? 
_pdbx_database_status.methods_development_category    ? 
_pdbx_database_status.pdb_format_compatible           Y 
_pdbx_database_status.status_code_nmr_data            ? 
# 
loop_
_audit_author.name 
_audit_author.pdbx_ordinal 
'Jiang, Y.'  1 
'Ouyang, S.' 2 
'Liu, Z.J.'  3 
# 
_citation.abstract                  ? 
_citation.abstract_id_CAS           ? 
_citation.book_id_ISBN              ? 
_citation.book_publisher            ? 
_citation.book_publisher_city       ? 
_citation.book_title                ? 
_citation.coordinate_linkage        ? 
_citation.country                   US 
_citation.database_id_Medline       ? 
_citation.details                   ? 
_citation.id                        primary 
_citation.journal_abbrev            Biochem.Biophys.Res.Commun. 
_citation.journal_id_ASTM           BBRCA9 
_citation.journal_id_CSD            0146 
_citation.journal_id_ISSN           1090-2104 
_citation.journal_full              ? 
_citation.journal_issue             ? 
_citation.journal_volume            471 
_citation.language                  ? 
_citation.page_first                621 
_citation.page_last                 627 
_citation.title                     
'Crystal structure of hGEF-H1 PH domain provides insight into incapability in phosphoinositide binding' 
_citation.year                      2016 
_citation.database_id_CSD           ? 
_citation.pdbx_database_id_DOI      10.1016/j.bbrc.2016.01.150 
_citation.pdbx_database_id_PubMed   26820534 
_citation.unpublished_flag          ? 
# 
loop_
_citation_author.citation_id 
_citation_author.name 
_citation_author.ordinal 
_citation_author.identifier_ORCID 
primary 'Jiang, Y.'  1 ? 
primary 'Jiang, H.'  2 ? 
primary 'Zhou, S.'   3 ? 
primary 'Meng, B.'   4 ? 
primary 'Liu, Z.J.'  5 ? 
primary 'Ouyang, S.' 6 ? 
# 
_cell.angle_alpha                  90.00 
_cell.angle_alpha_esd              ? 
_cell.angle_beta                   90.00 
_cell.angle_beta_esd               ? 
_cell.angle_gamma                  90.00 
_cell.angle_gamma_esd              ? 
_cell.entry_id                     5EFX 
_cell.details                      ? 
_cell.formula_units_Z              ? 
_cell.length_a                     37.948 
_cell.length_a_esd                 ? 
_cell.length_b                     81.825 
_cell.length_b_esd                 ? 
_cell.length_c                     119.830 
_cell.length_c_esd                 ? 
_cell.volume                       ? 
_cell.volume_esd                   ? 
_cell.Z_PDB                        8 
_cell.reciprocal_angle_alpha       ? 
_cell.reciprocal_angle_beta        ? 
_cell.reciprocal_angle_gamma       ? 
_cell.reciprocal_angle_alpha_esd   ? 
_cell.reciprocal_angle_beta_esd    ? 
_cell.reciprocal_angle_gamma_esd   ? 
_cell.reciprocal_length_a          ? 
_cell.reciprocal_length_b          ? 
_cell.reciprocal_length_c          ? 
_cell.reciprocal_length_a_esd      ? 
_cell.reciprocal_length_b_esd      ? 
_cell.reciprocal_length_c_esd      ? 
_cell.pdbx_unique_axis             ? 
# 
_symmetry.entry_id                         5EFX 
_symmetry.cell_setting                     ? 
_symmetry.Int_Tables_number                23 
_symmetry.space_group_name_Hall            ? 
_symmetry.space_group_name_H-M             'I 2 2 2' 
_symmetry.pdbx_full_space_group_name_H-M   ? 
# 
loop_
_entity.id 
_entity.type 
_entity.src_method 
_entity.pdbx_description 
_entity.formula_weight 
_entity.pdbx_number_of_molecules 
_entity.pdbx_ec 
_entity.pdbx_mutation 
_entity.pdbx_fragment 
_entity.details 
1 polymer man 'Rho guanine nucleotide exchange factor 2' 16604.268 1  ? ? 'UNP residues 439-582' ? 
2 water   nat water                                      18.015    30 ? ? ?                      ? 
# 
_entity_name_com.entity_id   1 
_entity_name_com.name        
'Guanine nucleotide exchange factor H1,GEF-H1,Microtubule-regulated Rho-GEF,Proliferating cell nucleolar antigen p40' 
# 
_entity_poly.entity_id                      1 
_entity_poly.type                           'polypeptide(L)' 
_entity_poly.nstd_linkage                   no 
_entity_poly.nstd_monomer                   no 
_entity_poly.pdbx_seq_one_letter_code       
;GARLQEIYNRMDPRAQTPVPGKGPFGREELLRRKLIHDGCLLWKTATGRFKDVLVLLMTDVLVFLQEKDQKYIFPTLDKP
SVVSLQNLIVRDIANQEKGMFLISAAPPEMYEVHTASRDDRSTWIRVIQQSVRTCPSREDFPLI
;
_entity_poly.pdbx_seq_one_letter_code_can   
;GARLQEIYNRMDPRAQTPVPGKGPFGREELLRRKLIHDGCLLWKTATGRFKDVLVLLMTDVLVFLQEKDQKYIFPTLDKP
SVVSLQNLIVRDIANQEKGMFLISAAPPEMYEVHTASRDDRSTWIRVIQQSVRTCPSREDFPLI
;
_entity_poly.pdbx_strand_id                 A 
_entity_poly.pdbx_target_identifier         ? 
# 
loop_
_entity_poly_seq.entity_id 
_entity_poly_seq.num 
_entity_poly_seq.mon_id 
_entity_poly_seq.hetero 
1 1   GLY n 
1 2   ALA n 
1 3   ARG n 
1 4   LEU n 
1 5   GLN n 
1 6   GLU n 
1 7   ILE n 
1 8   TYR n 
1 9   ASN n 
1 10  ARG n 
1 11  MET n 
1 12  ASP n 
1 13  PRO n 
1 14  ARG n 
1 15  ALA n 
1 16  GLN n 
1 17  THR n 
1 18  PRO n 
1 19  VAL n 
1 20  PRO n 
1 21  GLY n 
1 22  LYS n 
1 23  GLY n 
1 24  PRO n 
1 25  PHE n 
1 26  GLY n 
1 27  ARG n 
1 28  GLU n 
1 29  GLU n 
1 30  LEU n 
1 31  LEU n 
1 32  ARG n 
1 33  ARG n 
1 34  LYS n 
1 35  LEU n 
1 36  ILE n 
1 37  HIS n 
1 38  ASP n 
1 39  GLY n 
1 40  CYS n 
1 41  LEU n 
1 42  LEU n 
1 43  TRP n 
1 44  LYS n 
1 45  THR n 
1 46  ALA n 
1 47  THR n 
1 48  GLY n 
1 49  ARG n 
1 50  PHE n 
1 51  LYS n 
1 52  ASP n 
1 53  VAL n 
1 54  LEU n 
1 55  VAL n 
1 56  LEU n 
1 57  LEU n 
1 58  MET n 
1 59  THR n 
1 60  ASP n 
1 61  VAL n 
1 62  LEU n 
1 63  VAL n 
1 64  PHE n 
1 65  LEU n 
1 66  GLN n 
1 67  GLU n 
1 68  LYS n 
1 69  ASP n 
1 70  GLN n 
1 71  LYS n 
1 72  TYR n 
1 73  ILE n 
1 74  PHE n 
1 75  PRO n 
1 76  THR n 
1 77  LEU n 
1 78  ASP n 
1 79  LYS n 
1 80  PRO n 
1 81  SER n 
1 82  VAL n 
1 83  VAL n 
1 84  SER n 
1 85  LEU n 
1 86  GLN n 
1 87  ASN n 
1 88  LEU n 
1 89  ILE n 
1 90  VAL n 
1 91  ARG n 
1 92  ASP n 
1 93  ILE n 
1 94  ALA n 
1 95  ASN n 
1 96  GLN n 
1 97  GLU n 
1 98  LYS n 
1 99  GLY n 
1 100 MET n 
1 101 PHE n 
1 102 LEU n 
1 103 ILE n 
1 104 SER n 
1 105 ALA n 
1 106 ALA n 
1 107 PRO n 
1 108 PRO n 
1 109 GLU n 
1 110 MET n 
1 111 TYR n 
1 112 GLU n 
1 113 VAL n 
1 114 HIS n 
1 115 THR n 
1 116 ALA n 
1 117 SER n 
1 118 ARG n 
1 119 ASP n 
1 120 ASP n 
1 121 ARG n 
1 122 SER n 
1 123 THR n 
1 124 TRP n 
1 125 ILE n 
1 126 ARG n 
1 127 VAL n 
1 128 ILE n 
1 129 GLN n 
1 130 GLN n 
1 131 SER n 
1 132 VAL n 
1 133 ARG n 
1 134 THR n 
1 135 CYS n 
1 136 PRO n 
1 137 SER n 
1 138 ARG n 
1 139 GLU n 
1 140 ASP n 
1 141 PHE n 
1 142 PRO n 
1 143 LEU n 
1 144 ILE n 
# 
_entity_src_gen.entity_id                          1 
_entity_src_gen.pdbx_src_id                        1 
_entity_src_gen.pdbx_alt_source_flag               sample 
_entity_src_gen.pdbx_seq_type                      'Biological sequence' 
_entity_src_gen.pdbx_beg_seq_num                   1 
_entity_src_gen.pdbx_end_seq_num                   144 
_entity_src_gen.gene_src_common_name               Human 
_entity_src_gen.gene_src_genus                     ? 
_entity_src_gen.pdbx_gene_src_gene                 'ARHGEF2, KIAA0651, LFP40' 
_entity_src_gen.gene_src_species                   ? 
_entity_src_gen.gene_src_strain                    ? 
_entity_src_gen.gene_src_tissue                    ? 
_entity_src_gen.gene_src_tissue_fraction           ? 
_entity_src_gen.gene_src_details                   ? 
_entity_src_gen.pdbx_gene_src_fragment             ? 
_entity_src_gen.pdbx_gene_src_scientific_name      'Homo sapiens' 
_entity_src_gen.pdbx_gene_src_ncbi_taxonomy_id     9606 
_entity_src_gen.pdbx_gene_src_variant              ? 
_entity_src_gen.pdbx_gene_src_cell_line            ? 
_entity_src_gen.pdbx_gene_src_atcc                 ? 
_entity_src_gen.pdbx_gene_src_organ                ? 
_entity_src_gen.pdbx_gene_src_organelle            ? 
_entity_src_gen.pdbx_gene_src_cell                 ? 
_entity_src_gen.pdbx_gene_src_cellular_location    ? 
_entity_src_gen.host_org_common_name               ? 
_entity_src_gen.pdbx_host_org_scientific_name      
;Escherichia coli 'BL21-Gold(DE3)pLysS AG'
;
_entity_src_gen.pdbx_host_org_ncbi_taxonomy_id     866768 
_entity_src_gen.host_org_genus                     ? 
_entity_src_gen.pdbx_host_org_gene                 ? 
_entity_src_gen.pdbx_host_org_organ                ? 
_entity_src_gen.host_org_species                   ? 
_entity_src_gen.pdbx_host_org_tissue               ? 
_entity_src_gen.pdbx_host_org_tissue_fraction      ? 
_entity_src_gen.pdbx_host_org_strain               ? 
_entity_src_gen.pdbx_host_org_variant              ? 
_entity_src_gen.pdbx_host_org_cell_line            ? 
_entity_src_gen.pdbx_host_org_atcc                 ? 
_entity_src_gen.pdbx_host_org_culture_collection   ? 
_entity_src_gen.pdbx_host_org_cell                 ? 
_entity_src_gen.pdbx_host_org_organelle            ? 
_entity_src_gen.pdbx_host_org_cellular_location    ? 
_entity_src_gen.pdbx_host_org_vector_type          ? 
_entity_src_gen.pdbx_host_org_vector               ? 
_entity_src_gen.host_org_details                   ? 
_entity_src_gen.expression_system_id               ? 
_entity_src_gen.plasmid_name                       ? 
_entity_src_gen.plasmid_details                    ? 
_entity_src_gen.pdbx_description                   ? 
# 
_struct_ref.id                         1 
_struct_ref.db_name                    UNP 
_struct_ref.db_code                    ARHG2_HUMAN 
_struct_ref.pdbx_db_accession          Q92974 
_struct_ref.pdbx_db_isoform            ? 
_struct_ref.entity_id                  1 
_struct_ref.pdbx_seq_one_letter_code   
;GARLQEIYNRMDPRAQTPVPGKGPFGREELLRRKLIHDGCLLWKTATGRFKDVLVLLMTDVLVFLQEKDQKYIFPTLDKP
SVVSLQNLIVRDIANQEKGMFLISAAPPEMYEVHTASRDDRSTWIRVIQQSVRTCPSREDFPLI
;
_struct_ref.pdbx_align_begin           439 
# 
_struct_ref_seq.align_id                      1 
_struct_ref_seq.ref_id                        1 
_struct_ref_seq.pdbx_PDB_id_code              5EFX 
_struct_ref_seq.pdbx_strand_id                A 
_struct_ref_seq.seq_align_beg                 1 
_struct_ref_seq.pdbx_seq_align_beg_ins_code   ? 
_struct_ref_seq.seq_align_end                 144 
_struct_ref_seq.pdbx_seq_align_end_ins_code   ? 
_struct_ref_seq.pdbx_db_accession             Q92974 
_struct_ref_seq.db_align_beg                  439 
_struct_ref_seq.pdbx_db_align_beg_ins_code    ? 
_struct_ref_seq.db_align_end                  582 
_struct_ref_seq.pdbx_db_align_end_ins_code    ? 
_struct_ref_seq.pdbx_auth_seq_align_beg       439 
_struct_ref_seq.pdbx_auth_seq_align_end       582 
# 
loop_
_chem_comp.id 
_chem_comp.type 
_chem_comp.mon_nstd_flag 
_chem_comp.name 
_chem_comp.pdbx_synonyms 
_chem_comp.formula 
_chem_comp.formula_weight 
ALA 'L-peptide linking' y ALANINE         ? 'C3 H7 N O2'     89.093  
ARG 'L-peptide linking' y ARGININE        ? 'C6 H15 N4 O2 1' 175.209 
ASN 'L-peptide linking' y ASPARAGINE      ? 'C4 H8 N2 O3'    132.118 
ASP 'L-peptide linking' y 'ASPARTIC ACID' ? 'C4 H7 N O4'     133.103 
CYS 'L-peptide linking' y CYSTEINE        ? 'C3 H7 N O2 S'   121.158 
GLN 'L-peptide linking' y GLUTAMINE       ? 'C5 H10 N2 O3'   146.144 
GLU 'L-peptide linking' y 'GLUTAMIC ACID' ? 'C5 H9 N O4'     147.129 
GLY 'peptide linking'   y GLYCINE         ? 'C2 H5 N O2'     75.067  
HIS 'L-peptide linking' y HISTIDINE       ? 'C6 H10 N3 O2 1' 156.162 
HOH non-polymer         . WATER           ? 'H2 O'           18.015  
ILE 'L-peptide linking' y ISOLEUCINE      ? 'C6 H13 N O2'    131.173 
LEU 'L-peptide linking' y LEUCINE         ? 'C6 H13 N O2'    131.173 
LYS 'L-peptide linking' y LYSINE          ? 'C6 H15 N2 O2 1' 147.195 
MET 'L-peptide linking' y METHIONINE      ? 'C5 H11 N O2 S'  149.211 
PHE 'L-peptide linking' y PHENYLALANINE   ? 'C9 H11 N O2'    165.189 
PRO 'L-peptide linking' y PROLINE         ? 'C5 H9 N O2'     115.130 
SER 'L-peptide linking' y SERINE          ? 'C3 H7 N O3'     105.093 
THR 'L-peptide linking' y THREONINE       ? 'C4 H9 N O3'     119.119 
TRP 'L-peptide linking' y TRYPTOPHAN      ? 'C11 H12 N2 O2'  204.225 
TYR 'L-peptide linking' y TYROSINE        ? 'C9 H11 N O3'    181.189 
VAL 'L-peptide linking' y VALINE          ? 'C5 H11 N O2'    117.146 
# 
_exptl.absorpt_coefficient_mu     ? 
_exptl.absorpt_correction_T_max   ? 
_exptl.absorpt_correction_T_min   ? 
_exptl.absorpt_correction_type    ? 
_exptl.absorpt_process_details    ? 
_exptl.entry_id                   5EFX 
_exptl.crystals_number            ? 
_exptl.details                    ? 
_exptl.method                     'X-RAY DIFFRACTION' 
_exptl.method_details             ? 
# 
_exptl_crystal.colour                      ? 
_exptl_crystal.density_diffrn              ? 
_exptl_crystal.density_Matthews            2.74 
_exptl_crystal.density_method              ? 
_exptl_crystal.density_percent_sol         55.07 
_exptl_crystal.description                 'cubic crystals, very beautiful' 
_exptl_crystal.F_000                       ? 
_exptl_crystal.id                          1 
_exptl_crystal.preparation                 ? 
_exptl_crystal.size_max                    ? 
_exptl_crystal.size_mid                    ? 
_exptl_crystal.size_min                    ? 
_exptl_crystal.size_rad                    ? 
_exptl_crystal.colour_lustre               ? 
_exptl_crystal.colour_modifier             ? 
_exptl_crystal.colour_primary              ? 
_exptl_crystal.density_meas                ? 
_exptl_crystal.density_meas_esd            ? 
_exptl_crystal.density_meas_gt             ? 
_exptl_crystal.density_meas_lt             ? 
_exptl_crystal.density_meas_temp           ? 
_exptl_crystal.density_meas_temp_esd       ? 
_exptl_crystal.density_meas_temp_gt        ? 
_exptl_crystal.density_meas_temp_lt        ? 
_exptl_crystal.pdbx_crystal_image_url      ? 
_exptl_crystal.pdbx_crystal_image_format   ? 
_exptl_crystal.pdbx_mosaicity              ? 
_exptl_crystal.pdbx_mosaicity_esd          ? 
# 
_exptl_crystal_grow.apparatus       ? 
_exptl_crystal_grow.atmosphere      ? 
_exptl_crystal_grow.crystal_id      1 
_exptl_crystal_grow.details         ? 
_exptl_crystal_grow.method          'VAPOR DIFFUSION, HANGING DROP' 
_exptl_crystal_grow.method_ref      ? 
_exptl_crystal_grow.pH              6.8 
_exptl_crystal_grow.pressure        ? 
_exptl_crystal_grow.pressure_esd    ? 
_exptl_crystal_grow.seeding         ? 
_exptl_crystal_grow.seeding_ref     ? 
_exptl_crystal_grow.temp            289.15 
_exptl_crystal_grow.temp_details    ? 
_exptl_crystal_grow.temp_esd        ? 
_exptl_crystal_grow.time            ? 
_exptl_crystal_grow.pdbx_details    '0.2M Sodium Nitrate, 20% PEG 3350, PH 6.8' 
_exptl_crystal_grow.pdbx_pH_range   ? 
# 
_diffrn.ambient_environment    ? 
_diffrn.ambient_temp           100 
_diffrn.ambient_temp_details   ? 
_diffrn.ambient_temp_esd       ? 
_diffrn.crystal_id             1 
_diffrn.crystal_support        ? 
_diffrn.crystal_treatment      ? 
_diffrn.details                ? 
_diffrn.id                     1 
_diffrn.ambient_pressure       ? 
_diffrn.ambient_pressure_esd   ? 
_diffrn.ambient_pressure_gt    ? 
_diffrn.ambient_pressure_lt    ? 
_diffrn.ambient_temp_gt        ? 
_diffrn.ambient_temp_lt        ? 
# 
_diffrn_detector.details                      ? 
_diffrn_detector.detector                     CCD 
_diffrn_detector.diffrn_id                    1 
_diffrn_detector.type                         'ADSC QUANTUM 315r' 
_diffrn_detector.area_resol_mean              ? 
_diffrn_detector.dtime                        ? 
_diffrn_detector.pdbx_frames_total            ? 
_diffrn_detector.pdbx_collection_time_total   ? 
_diffrn_detector.pdbx_collection_date         2014-07-04 
# 
_diffrn_radiation.collimation                      ? 
_diffrn_radiation.diffrn_id                        1 
_diffrn_radiation.filter_edge                      ? 
_diffrn_radiation.inhomogeneity                    ? 
_diffrn_radiation.monochromator                    ? 
_diffrn_radiation.polarisn_norm                    ? 
_diffrn_radiation.polarisn_ratio                   ? 
_diffrn_radiation.probe                            ? 
_diffrn_radiation.type                             ? 
_diffrn_radiation.xray_symbol                      ? 
_diffrn_radiation.wavelength_id                    1 
_diffrn_radiation.pdbx_monochromatic_or_laue_m_l   M 
_diffrn_radiation.pdbx_wavelength_list             ? 
_diffrn_radiation.pdbx_wavelength                  ? 
_diffrn_radiation.pdbx_diffrn_protocol             'SINGLE WAVELENGTH' 
_diffrn_radiation.pdbx_analyzer                    ? 
_diffrn_radiation.pdbx_scattering_type             x-ray 
# 
_diffrn_radiation_wavelength.id           1 
_diffrn_radiation_wavelength.wavelength   0.98 
_diffrn_radiation_wavelength.wt           1.0 
# 
_diffrn_source.current                     ? 
_diffrn_source.details                     ? 
_diffrn_source.diffrn_id                   1 
_diffrn_source.power                       ? 
_diffrn_source.size                        ? 
_diffrn_source.source                      SYNCHROTRON 
_diffrn_source.target                      ? 
_diffrn_source.type                        'SSRF BEAMLINE BL17U' 
_diffrn_source.voltage                     ? 
_diffrn_source.take-off_angle              ? 
_diffrn_source.pdbx_wavelength_list        0.98 
_diffrn_source.pdbx_wavelength             ? 
_diffrn_source.pdbx_synchrotron_beamline   BL17U 
_diffrn_source.pdbx_synchrotron_site       SSRF 
# 
_reflns.B_iso_Wilson_estimate            47.7 
_reflns.entry_id                         5EFX 
_reflns.data_reduction_details           ? 
_reflns.data_reduction_method            ? 
_reflns.d_resolution_high                2.45 
_reflns.d_resolution_low                 50.00 
_reflns.details                          ? 
_reflns.limit_h_max                      ? 
_reflns.limit_h_min                      ? 
_reflns.limit_k_max                      ? 
_reflns.limit_k_min                      ? 
_reflns.limit_l_max                      ? 
_reflns.limit_l_min                      ? 
_reflns.number_all                       ? 
_reflns.number_obs                       7006 
_reflns.observed_criterion               ? 
_reflns.observed_criterion_F_max         ? 
_reflns.observed_criterion_F_min         ? 
_reflns.observed_criterion_I_max         ? 
_reflns.observed_criterion_I_min         ? 
_reflns.observed_criterion_sigma_F       ? 
_reflns.observed_criterion_sigma_I       ? 
_reflns.percent_possible_obs             97.2 
_reflns.R_free_details                   ? 
_reflns.Rmerge_F_all                     ? 
_reflns.Rmerge_F_obs                     ? 
_reflns.Friedel_coverage                 ? 
_reflns.number_gt                        ? 
_reflns.threshold_expression             ? 
_reflns.pdbx_redundancy                  12.5 
_reflns.pdbx_Rmerge_I_obs                0.068 
_reflns.pdbx_Rmerge_I_all                ? 
_reflns.pdbx_Rsym_value                  ? 
_reflns.pdbx_netI_over_av_sigmaI         ? 
_reflns.pdbx_netI_over_sigmaI            60.5 
_reflns.pdbx_res_netI_over_av_sigmaI_2   ? 
_reflns.pdbx_res_netI_over_sigmaI_2      ? 
_reflns.pdbx_chi_squared                 ? 
_reflns.pdbx_scaling_rejects             ? 
_reflns.pdbx_d_res_high_opt              ? 
_reflns.pdbx_d_res_low_opt               ? 
_reflns.pdbx_d_res_opt_method            ? 
_reflns.phase_calculation_details        ? 
_reflns.pdbx_Rrim_I_all                  ? 
_reflns.pdbx_Rpim_I_all                  ? 
_reflns.pdbx_d_opt                       ? 
_reflns.pdbx_number_measured_all         ? 
_reflns.pdbx_diffrn_id                   1 
_reflns.pdbx_ordinal                     1 
_reflns.pdbx_CC_half                     ? 
_reflns.pdbx_R_split                     ? 
# 
_reflns_shell.d_res_high                  2.45 
_reflns_shell.d_res_low                   2.51 
_reflns_shell.meanI_over_sigI_all         ? 
_reflns_shell.meanI_over_sigI_obs         8.29 
_reflns_shell.number_measured_all         ? 
_reflns_shell.number_measured_obs         ? 
_reflns_shell.number_possible             ? 
_reflns_shell.number_unique_all           ? 
_reflns_shell.number_unique_obs           ? 
_reflns_shell.percent_possible_all        77.2 
_reflns_shell.percent_possible_obs        ? 
_reflns_shell.Rmerge_F_all                ? 
_reflns_shell.Rmerge_F_obs                ? 
_reflns_shell.Rmerge_I_all                ? 
_reflns_shell.Rmerge_I_obs                0.361 
_reflns_shell.meanI_over_sigI_gt          ? 
_reflns_shell.meanI_over_uI_all           ? 
_reflns_shell.meanI_over_uI_gt            ? 
_reflns_shell.number_measured_gt          ? 
_reflns_shell.number_unique_gt            ? 
_reflns_shell.percent_possible_gt         ? 
_reflns_shell.Rmerge_F_gt                 ? 
_reflns_shell.Rmerge_I_gt                 ? 
_reflns_shell.pdbx_redundancy             10.6 
_reflns_shell.pdbx_Rsym_value             ? 
_reflns_shell.pdbx_chi_squared            ? 
_reflns_shell.pdbx_netI_over_sigmaI_all   ? 
_reflns_shell.pdbx_netI_over_sigmaI_obs   ? 
_reflns_shell.pdbx_Rrim_I_all             ? 
_reflns_shell.pdbx_Rpim_I_all             ? 
_reflns_shell.pdbx_rejects                ? 
_reflns_shell.pdbx_ordinal                1 
_reflns_shell.pdbx_diffrn_id              1 
_reflns_shell.pdbx_CC_half                ? 
_reflns_shell.pdbx_R_split                ? 
# 
_refine.aniso_B[1][1]                            ? 
_refine.aniso_B[1][2]                            ? 
_refine.aniso_B[1][3]                            ? 
_refine.aniso_B[2][2]                            ? 
_refine.aniso_B[2][3]                            ? 
_refine.aniso_B[3][3]                            ? 
_refine.B_iso_max                                ? 
_refine.B_iso_mean                               40.0 
_refine.B_iso_min                                ? 
_refine.correlation_coeff_Fo_to_Fc               ? 
_refine.correlation_coeff_Fo_to_Fc_free          ? 
_refine.details                                  ? 
_refine.diff_density_max                         ? 
_refine.diff_density_max_esd                     ? 
_refine.diff_density_min                         ? 
_refine.diff_density_min_esd                     ? 
_refine.diff_density_rms                         ? 
_refine.diff_density_rms_esd                     ? 
_refine.entry_id                                 5EFX 
_refine.pdbx_refine_id                           'X-RAY DIFFRACTION' 
_refine.ls_abs_structure_details                 ? 
_refine.ls_abs_structure_Flack                   ? 
_refine.ls_abs_structure_Flack_esd               ? 
_refine.ls_abs_structure_Rogers                  ? 
_refine.ls_abs_structure_Rogers_esd              ? 
_refine.ls_d_res_high                            2.451 
_refine.ls_d_res_low                             36.177 
_refine.ls_extinction_coef                       ? 
_refine.ls_extinction_coef_esd                   ? 
_refine.ls_extinction_expression                 ? 
_refine.ls_extinction_method                     ? 
_refine.ls_goodness_of_fit_all                   ? 
_refine.ls_goodness_of_fit_all_esd               ? 
_refine.ls_goodness_of_fit_obs                   ? 
_refine.ls_goodness_of_fit_obs_esd               ? 
_refine.ls_hydrogen_treatment                    ? 
_refine.ls_matrix_type                           ? 
_refine.ls_number_constraints                    ? 
_refine.ls_number_parameters                     ? 
_refine.ls_number_reflns_all                     ? 
_refine.ls_number_reflns_obs                     7003 
_refine.ls_number_reflns_R_free                  330 
_refine.ls_number_reflns_R_work                  ? 
_refine.ls_number_restraints                     ? 
_refine.ls_percent_reflns_obs                    97.03 
_refine.ls_percent_reflns_R_free                 4.71 
_refine.ls_R_factor_all                          ? 
_refine.ls_R_factor_obs                          0.2188 
_refine.ls_R_factor_R_free                       0.2530 
_refine.ls_R_factor_R_free_error                 ? 
_refine.ls_R_factor_R_free_error_details         ? 
_refine.ls_R_factor_R_work                       0.2172 
_refine.ls_R_Fsqd_factor_obs                     ? 
_refine.ls_R_I_factor_obs                        ? 
_refine.ls_redundancy_reflns_all                 ? 
_refine.ls_redundancy_reflns_obs                 ? 
_refine.ls_restrained_S_all                      ? 
_refine.ls_restrained_S_obs                      ? 
_refine.ls_shift_over_esd_max                    ? 
_refine.ls_shift_over_esd_mean                   ? 
_refine.ls_structure_factor_coef                 ? 
_refine.ls_weighting_details                     ? 
_refine.ls_weighting_scheme                      ? 
_refine.ls_wR_factor_all                         ? 
_refine.ls_wR_factor_obs                         ? 
_refine.ls_wR_factor_R_free                      ? 
_refine.ls_wR_factor_R_work                      ? 
_refine.occupancy_max                            ? 
_refine.occupancy_min                            ? 
_refine.solvent_model_details                    'FLAT BULK SOLVENT MODEL' 
_refine.solvent_model_param_bsol                 ? 
_refine.solvent_model_param_ksol                 ? 
_refine.ls_R_factor_gt                           ? 
_refine.ls_goodness_of_fit_gt                    ? 
_refine.ls_goodness_of_fit_ref                   ? 
_refine.ls_shift_over_su_max                     ? 
_refine.ls_shift_over_su_max_lt                  ? 
_refine.ls_shift_over_su_mean                    ? 
_refine.ls_shift_over_su_mean_lt                 ? 
_refine.pdbx_ls_sigma_I                          ? 
_refine.pdbx_ls_sigma_F                          1.35 
_refine.pdbx_ls_sigma_Fsqd                       ? 
_refine.pdbx_data_cutoff_high_absF               ? 
_refine.pdbx_data_cutoff_high_rms_absF           ? 
_refine.pdbx_data_cutoff_low_absF                ? 
_refine.pdbx_isotropic_thermal_model             ? 
_refine.pdbx_ls_cross_valid_method               'FREE R-VALUE' 
_refine.pdbx_method_to_determine_struct          'MOLECULAR REPLACEMENT' 
_refine.pdbx_starting_model                      4D0N 
_refine.pdbx_stereochemistry_target_values       ML 
_refine.pdbx_R_Free_selection_details            'Random selection' 
_refine.pdbx_stereochem_target_val_spec_case     ? 
_refine.pdbx_overall_ESU_R                       ? 
_refine.pdbx_overall_ESU_R_Free                  ? 
_refine.pdbx_solvent_vdw_probe_radii             1.11 
_refine.pdbx_solvent_ion_probe_radii             ? 
_refine.pdbx_solvent_shrinkage_radii             0.90 
_refine.pdbx_real_space_R                        ? 
_refine.pdbx_density_correlation                 ? 
_refine.pdbx_pd_number_of_powder_patterns        ? 
_refine.pdbx_pd_number_of_points                 ? 
_refine.pdbx_pd_meas_number_of_points            ? 
_refine.pdbx_pd_proc_ls_prof_R_factor            ? 
_refine.pdbx_pd_proc_ls_prof_wR_factor           ? 
_refine.pdbx_pd_Marquardt_correlation_coeff      ? 
_refine.pdbx_pd_Fsqrd_R_factor                   ? 
_refine.pdbx_pd_ls_matrix_band_width             ? 
_refine.pdbx_overall_phase_error                 27.09 
_refine.pdbx_overall_SU_R_free_Cruickshank_DPI   ? 
_refine.pdbx_overall_SU_R_free_Blow_DPI          ? 
_refine.pdbx_overall_SU_R_Blow_DPI               ? 
_refine.pdbx_TLS_residual_ADP_flag               ? 
_refine.pdbx_diffrn_id                           1 
_refine.overall_SU_B                             ? 
_refine.overall_SU_ML                            0.31 
_refine.overall_SU_R_Cruickshank_DPI             ? 
_refine.overall_SU_R_free                        ? 
_refine.overall_FOM_free_R_set                   ? 
_refine.overall_FOM_work_R_set                   ? 
_refine.pdbx_average_fsc_overall                 ? 
_refine.pdbx_average_fsc_work                    ? 
_refine.pdbx_average_fsc_free                    ? 
# 
_refine_hist.pdbx_refine_id                   'X-RAY DIFFRACTION' 
_refine_hist.cycle_id                         LAST 
_refine_hist.pdbx_number_atoms_protein        1165 
_refine_hist.pdbx_number_atoms_nucleic_acid   0 
_refine_hist.pdbx_number_atoms_ligand         0 
_refine_hist.number_atoms_solvent             30 
_refine_hist.number_atoms_total               1195 
_refine_hist.d_res_high                       2.451 
_refine_hist.d_res_low                        36.177 
# 
loop_
_refine_ls_restr.pdbx_refine_id 
_refine_ls_restr.criterion 
_refine_ls_restr.dev_ideal 
_refine_ls_restr.dev_ideal_target 
_refine_ls_restr.number 
_refine_ls_restr.rejects 
_refine_ls_restr.type 
_refine_ls_restr.weight 
_refine_ls_restr.pdbx_restraint_function 
'X-RAY DIFFRACTION' ? 0.009  ? 1189 ? f_bond_d           ? ? 
'X-RAY DIFFRACTION' ? 1.213  ? 1609 ? f_angle_d          ? ? 
'X-RAY DIFFRACTION' ? 15.030 ? 463  ? f_dihedral_angle_d ? ? 
'X-RAY DIFFRACTION' ? 0.078  ? 181  ? f_chiral_restr     ? ? 
'X-RAY DIFFRACTION' ? 0.005  ? 208  ? f_plane_restr      ? ? 
# 
loop_
_refine_ls_shell.pdbx_refine_id 
_refine_ls_shell.d_res_high 
_refine_ls_shell.d_res_low 
_refine_ls_shell.number_reflns_all 
_refine_ls_shell.number_reflns_obs 
_refine_ls_shell.number_reflns_R_free 
_refine_ls_shell.number_reflns_R_work 
_refine_ls_shell.percent_reflns_obs 
_refine_ls_shell.percent_reflns_R_free 
_refine_ls_shell.R_factor_all 
_refine_ls_shell.R_factor_obs 
_refine_ls_shell.R_factor_R_free 
_refine_ls_shell.R_factor_R_free_error 
_refine_ls_shell.R_factor_R_work 
_refine_ls_shell.redundancy_reflns_all 
_refine_ls_shell.redundancy_reflns_obs 
_refine_ls_shell.wR_factor_all 
_refine_ls_shell.wR_factor_obs 
_refine_ls_shell.wR_factor_R_free 
_refine_ls_shell.wR_factor_R_work 
_refine_ls_shell.pdbx_total_number_of_bins_used 
_refine_ls_shell.pdbx_phase_error 
_refine_ls_shell.pdbx_fsc_work 
_refine_ls_shell.pdbx_fsc_free 
'X-RAY DIFFRACTION' 2.4505 3.0872  . . 180 3165 94.00  . . . 0.3079 . 0.2661 . . . . . . . . . . 
'X-RAY DIFFRACTION' 3.0872 36.1812 . . 150 3508 100.00 . . . 0.2315 . 0.2035 . . . . . . . . . . 
# 
_struct.entry_id                     5EFX 
_struct.title                        'Crystal structure of Rho GTPase regulator' 
_struct.pdbx_model_details           ? 
_struct.pdbx_formula_weight          ? 
_struct.pdbx_formula_weight_method   ? 
_struct.pdbx_model_type_details      ? 
_struct.pdbx_CASP_flag               ? 
# 
_struct_keywords.entry_id        5EFX 
_struct_keywords.text            'Rho GTPase, activity, SIGNALING PROTEIN' 
_struct_keywords.pdbx_keywords   'SIGNALING PROTEIN' 
# 
loop_
_struct_asym.id 
_struct_asym.pdbx_blank_PDB_chainid_flag 
_struct_asym.pdbx_modified 
_struct_asym.entity_id 
_struct_asym.details 
A N N 1 ? 
B N N 2 ? 
# 
loop_
_struct_conf.conf_type_id 
_struct_conf.id 
_struct_conf.pdbx_PDB_helix_id 
_struct_conf.beg_label_comp_id 
_struct_conf.beg_label_asym_id 
_struct_conf.beg_label_seq_id 
_struct_conf.pdbx_beg_PDB_ins_code 
_struct_conf.end_label_comp_id 
_struct_conf.end_label_asym_id 
_struct_conf.end_label_seq_id 
_struct_conf.pdbx_end_PDB_ins_code 
_struct_conf.beg_auth_comp_id 
_struct_conf.beg_auth_asym_id 
_struct_conf.beg_auth_seq_id 
_struct_conf.end_auth_comp_id 
_struct_conf.end_auth_asym_id 
_struct_conf.end_auth_seq_id 
_struct_conf.pdbx_PDB_helix_class 
_struct_conf.details 
_struct_conf.pdbx_PDB_helix_length 
HELX_P HELX_P1 AA1 GLY A 1   ? ARG A 10  ? GLY A 439 ARG A 448 1 ? 10 
HELX_P HELX_P2 AA2 ARG A 27  ? ARG A 32  ? ARG A 465 ARG A 470 1 ? 6  
HELX_P HELX_P3 AA3 SER A 117 ? THR A 134 ? SER A 555 THR A 572 1 ? 18 
# 
_struct_conf_type.id          HELX_P 
_struct_conf_type.criteria    ? 
_struct_conf_type.reference   ? 
# 
_struct_mon_prot_cis.pdbx_id                1 
_struct_mon_prot_cis.label_comp_id          ALA 
_struct_mon_prot_cis.label_seq_id           106 
_struct_mon_prot_cis.label_asym_id          A 
_struct_mon_prot_cis.label_alt_id           . 
_struct_mon_prot_cis.pdbx_PDB_ins_code      ? 
_struct_mon_prot_cis.auth_comp_id           ALA 
_struct_mon_prot_cis.auth_seq_id            544 
_struct_mon_prot_cis.auth_asym_id           A 
_struct_mon_prot_cis.pdbx_label_comp_id_2   PRO 
_struct_mon_prot_cis.pdbx_label_seq_id_2    107 
_struct_mon_prot_cis.pdbx_label_asym_id_2   A 
_struct_mon_prot_cis.pdbx_PDB_ins_code_2    ? 
_struct_mon_prot_cis.pdbx_auth_comp_id_2    PRO 
_struct_mon_prot_cis.pdbx_auth_seq_id_2     545 
_struct_mon_prot_cis.pdbx_auth_asym_id_2    A 
_struct_mon_prot_cis.pdbx_PDB_model_num     1 
_struct_mon_prot_cis.pdbx_omega_angle       -16.65 
# 
loop_
_struct_sheet.id 
_struct_sheet.type 
_struct_sheet.number_strands 
_struct_sheet.details 
AA1 ? 2 ? 
AA2 ? 7 ? 
# 
loop_
_struct_sheet_order.sheet_id 
_struct_sheet_order.range_id_1 
_struct_sheet_order.range_id_2 
_struct_sheet_order.offset 
_struct_sheet_order.sense 
AA1 1 2 ? anti-parallel 
AA2 1 2 ? anti-parallel 
AA2 2 3 ? anti-parallel 
AA2 3 4 ? anti-parallel 
AA2 4 5 ? anti-parallel 
AA2 5 6 ? anti-parallel 
AA2 6 7 ? anti-parallel 
# 
loop_
_struct_sheet_range.sheet_id 
_struct_sheet_range.id 
_struct_sheet_range.beg_label_comp_id 
_struct_sheet_range.beg_label_asym_id 
_struct_sheet_range.beg_label_seq_id 
_struct_sheet_range.pdbx_beg_PDB_ins_code 
_struct_sheet_range.end_label_comp_id 
_struct_sheet_range.end_label_asym_id 
_struct_sheet_range.end_label_seq_id 
_struct_sheet_range.pdbx_end_PDB_ins_code 
_struct_sheet_range.beg_auth_comp_id 
_struct_sheet_range.beg_auth_asym_id 
_struct_sheet_range.beg_auth_seq_id 
_struct_sheet_range.end_auth_comp_id 
_struct_sheet_range.end_auth_asym_id 
_struct_sheet_range.end_auth_seq_id 
AA1 1 GLN A 16  ? VAL A 19  ? GLN A 454 VAL A 457 
AA1 2 GLY A 23  ? GLY A 26  ? GLY A 461 GLY A 464 
AA2 1 VAL A 82  ? SER A 84  ? VAL A 520 SER A 522 
AA2 2 VAL A 61  ? LEU A 65  ? VAL A 499 LEU A 503 
AA2 3 PHE A 50  ? MET A 58  ? PHE A 488 MET A 496 
AA2 4 LEU A 35  ? LYS A 44  ? LEU A 473 LYS A 482 
AA2 5 GLU A 109 ? HIS A 114 ? GLU A 547 HIS A 552 
AA2 6 GLY A 99  ? SER A 104 ? GLY A 537 SER A 542 
AA2 7 ILE A 89  ? ASP A 92  ? ILE A 527 ASP A 530 
# 
loop_
_pdbx_struct_sheet_hbond.sheet_id 
_pdbx_struct_sheet_hbond.range_id_1 
_pdbx_struct_sheet_hbond.range_id_2 
_pdbx_struct_sheet_hbond.range_1_label_atom_id 
_pdbx_struct_sheet_hbond.range_1_label_comp_id 
_pdbx_struct_sheet_hbond.range_1_label_asym_id 
_pdbx_struct_sheet_hbond.range_1_label_seq_id 
_pdbx_struct_sheet_hbond.range_1_PDB_ins_code 
_pdbx_struct_sheet_hbond.range_1_auth_atom_id 
_pdbx_struct_sheet_hbond.range_1_auth_comp_id 
_pdbx_struct_sheet_hbond.range_1_auth_asym_id 
_pdbx_struct_sheet_hbond.range_1_auth_seq_id 
_pdbx_struct_sheet_hbond.range_2_label_atom_id 
_pdbx_struct_sheet_hbond.range_2_label_comp_id 
_pdbx_struct_sheet_hbond.range_2_label_asym_id 
_pdbx_struct_sheet_hbond.range_2_label_seq_id 
_pdbx_struct_sheet_hbond.range_2_PDB_ins_code 
_pdbx_struct_sheet_hbond.range_2_auth_atom_id 
_pdbx_struct_sheet_hbond.range_2_auth_comp_id 
_pdbx_struct_sheet_hbond.range_2_auth_asym_id 
_pdbx_struct_sheet_hbond.range_2_auth_seq_id 
AA1 1 2 O VAL A 19  ? O VAL A 457 N GLY A 23  ? N GLY A 461 
AA2 1 2 O VAL A 83  ? O VAL A 521 N LEU A 62  ? N LEU A 500 
AA2 2 3 O VAL A 61  ? O VAL A 499 N MET A 58  ? N MET A 496 
AA2 3 4 O LEU A 57  ? O LEU A 495 N HIS A 37  ? N HIS A 475 
AA2 4 5 N LYS A 44  ? N LYS A 482 O GLU A 112 ? O GLU A 550 
AA2 5 6 O TYR A 111 ? O TYR A 549 N LEU A 102 ? N LEU A 540 
AA2 6 7 O PHE A 101 ? O PHE A 539 N ARG A 91  ? N ARG A 529 
# 
_atom_sites.entry_id                    5EFX 
_atom_sites.fract_transf_matrix[1][1]   0.01293474 
_atom_sites.fract_transf_matrix[1][2]   0.01565121 
_atom_sites.fract_transf_matrix[1][3]   -0.01679762 
_atom_sites.fract_transf_matrix[2][1]   -0.00839021 
_atom_sites.fract_transf_matrix[2][2]   0.00872727 
_atom_sites.fract_transf_matrix[2][3]   0.00167090 
_atom_sites.fract_transf_matrix[3][1]   0.00447633 
_atom_sites.fract_transf_matrix[3][2]   0.00309193 
_atom_sites.fract_transf_matrix[3][3]   0.00632784 
_atom_sites.fract_transf_vector[1]      -0.321928 
_atom_sites.fract_transf_vector[2]      -0.168880 
_atom_sites.fract_transf_vector[3]      -0.149200 
# 
loop_
_atom_type.symbol 
C 
N 
O 
S 
# 
loop_
_atom_site.group_PDB 
_atom_site.id 
_atom_site.type_symbol 
_atom_site.label_atom_id 
_atom_site.label_alt_id 
_atom_site.label_comp_id 
_atom_site.label_asym_id 
_atom_site.label_entity_id 
_atom_site.label_seq_id 
_atom_site.pdbx_PDB_ins_code 
_atom_site.Cartn_x 
_atom_site.Cartn_y 
_atom_site.Cartn_z 
_atom_site.occupancy 
_atom_site.B_iso_or_equiv 
_atom_site.pdbx_formal_charge 
_atom_site.auth_seq_id 
_atom_site.auth_comp_id 
_atom_site.auth_asym_id 
_atom_site.auth_atom_id 
_atom_site.pdbx_PDB_model_num 
ATOM   1    N N   . GLY A 1 1   ? 10.123  0.514   -11.611 1.00 47.24 ? 439 GLY A N   1 
ATOM   2    C CA  . GLY A 1 1   ? 10.919  0.142   -12.777 1.00 53.68 ? 439 GLY A CA  1 
ATOM   3    C C   . GLY A 1 1   ? 11.747  -1.125  -12.584 1.00 49.89 ? 439 GLY A C   1 
ATOM   4    O O   . GLY A 1 1   ? 11.214  -2.230  -12.630 1.00 44.66 ? 439 GLY A O   1 
ATOM   5    N N   . ALA A 1 2   ? 13.055  -0.968  -12.390 1.00 47.92 ? 440 ALA A N   1 
ATOM   6    C CA  . ALA A 1 2   ? 13.905  -2.077  -11.955 1.00 40.67 ? 440 ALA A CA  1 
ATOM   7    C C   . ALA A 1 2   ? 13.795  -2.209  -10.445 1.00 48.96 ? 440 ALA A C   1 
ATOM   8    O O   . ALA A 1 2   ? 14.146  -3.248  -9.868  1.00 47.73 ? 440 ALA A O   1 
ATOM   9    C CB  . ALA A 1 2   ? 15.337  -1.826  -12.334 1.00 41.68 ? 440 ALA A CB  1 
ATOM   10   N N   . ARG A 1 3   ? 13.330  -1.137  -9.806  1.00 45.84 ? 441 ARG A N   1 
ATOM   11   C CA  . ARG A 1 3   ? 13.072  -1.162  -8.378  1.00 48.69 ? 441 ARG A CA  1 
ATOM   12   C C   . ARG A 1 3   ? 12.065  -2.268  -8.049  1.00 47.02 ? 441 ARG A C   1 
ATOM   13   O O   . ARG A 1 3   ? 12.265  -3.063  -7.110  1.00 47.02 ? 441 ARG A O   1 
ATOM   14   C CB  . ARG A 1 3   ? 12.543  0.195   -7.930  1.00 47.82 ? 441 ARG A CB  1 
ATOM   15   C CG  . ARG A 1 3   ? 12.125  0.253   -6.475  1.00 50.01 ? 441 ARG A CG  1 
ATOM   16   C CD  . ARG A 1 3   ? 13.193  -0.269  -5.534  1.00 44.25 ? 441 ARG A CD  1 
ATOM   17   N NE  . ARG A 1 3   ? 12.721  -0.204  -4.155  1.00 45.79 ? 441 ARG A NE  1 
ATOM   18   C CZ  . ARG A 1 3   ? 13.249  -0.890  -3.147  1.00 49.89 ? 441 ARG A CZ  1 
ATOM   19   N NH1 . ARG A 1 3   ? 14.271  -1.705  -3.362  1.00 56.35 ? 441 ARG A NH1 1 
ATOM   20   N NH2 . ARG A 1 3   ? 12.745  -0.766  -1.925  1.00 43.98 ? 441 ARG A NH2 1 
ATOM   21   N N   . LEU A 1 4   ? 10.990  -2.327  -8.832  1.00 40.15 ? 442 LEU A N   1 
ATOM   22   C CA  . LEU A 1 4   ? 10.010  -3.395  -8.659  1.00 46.52 ? 442 LEU A CA  1 
ATOM   23   C C   . LEU A 1 4   ? 10.664  -4.782  -8.752  1.00 50.36 ? 442 LEU A C   1 
ATOM   24   O O   . LEU A 1 4   ? 10.363  -5.664  -7.942  1.00 49.08 ? 442 LEU A O   1 
ATOM   25   C CB  . LEU A 1 4   ? 8.844   -3.261  -9.652  1.00 39.11 ? 442 LEU A CB  1 
ATOM   26   C CG  . LEU A 1 4   ? 7.721   -4.303  -9.523  1.00 38.47 ? 442 LEU A CG  1 
ATOM   27   C CD1 . LEU A 1 4   ? 7.084   -4.279  -8.135  1.00 38.25 ? 442 LEU A CD1 1 
ATOM   28   C CD2 . LEU A 1 4   ? 6.652   -4.104  -10.591 1.00 37.75 ? 442 LEU A CD2 1 
ATOM   29   N N   . GLN A 1 5   ? 11.568  -4.959  -9.720  1.00 47.19 ? 443 GLN A N   1 
ATOM   30   C CA  . GLN A 1 5   ? 12.243  -6.241  -9.907  1.00 48.26 ? 443 GLN A CA  1 
ATOM   31   C C   . GLN A 1 5   ? 13.089  -6.602  -8.693  1.00 49.02 ? 443 GLN A C   1 
ATOM   32   O O   . GLN A 1 5   ? 13.062  -7.751  -8.233  1.00 54.13 ? 443 GLN A O   1 
ATOM   33   C CB  . GLN A 1 5   ? 13.114  -6.224  -11.162 1.00 48.75 ? 443 GLN A CB  1 
ATOM   34   C CG  . GLN A 1 5   ? 12.349  -6.048  -12.457 1.00 52.06 ? 443 GLN A CG  1 
ATOM   35   C CD  . GLN A 1 5   ? 11.580  -7.286  -12.856 1.00 50.50 ? 443 GLN A CD  1 
ATOM   36   O OE1 . GLN A 1 5   ? 11.871  -8.394  -12.403 1.00 50.10 ? 443 GLN A OE1 1 
ATOM   37   N NE2 . GLN A 1 5   ? 10.591  -7.105  -13.714 1.00 44.71 ? 443 GLN A NE2 1 
ATOM   38   N N   . GLU A 1 6   ? 13.839  -5.625  -8.186  1.00 50.33 ? 444 GLU A N   1 
ATOM   39   C CA  . GLU A 1 6   ? 14.554  -5.790  -6.922  1.00 54.28 ? 444 GLU A CA  1 
ATOM   40   C C   . GLU A 1 6   ? 13.611  -6.328  -5.858  1.00 52.97 ? 444 GLU A C   1 
ATOM   41   O O   . GLU A 1 6   ? 13.881  -7.370  -5.246  1.00 56.23 ? 444 GLU A O   1 
ATOM   42   C CB  . GLU A 1 6   ? 15.105  -4.454  -6.427  1.00 50.97 ? 444 GLU A CB  1 
ATOM   43   C CG  . GLU A 1 6   ? 16.470  -4.058  -6.944  1.00 59.99 ? 444 GLU A CG  1 
ATOM   44   C CD  . GLU A 1 6   ? 16.915  -2.705  -6.381  1.00 68.25 ? 444 GLU A CD  1 
ATOM   45   O OE1 . GLU A 1 6   ? 16.656  -2.441  -5.184  1.00 54.56 ? 444 GLU A OE1 1 
ATOM   46   O OE2 . GLU A 1 6   ? 17.507  -1.903  -7.138  1.00 74.37 ? 444 GLU A OE2 1 
ATOM   47   N N   . ILE A 1 7   ? 12.504  -5.614  -5.643  1.00 49.13 ? 445 ILE A N   1 
ATOM   48   C CA  . ILE A 1 7   ? 11.567  -5.986  -4.586  1.00 53.56 ? 445 ILE A CA  1 
ATOM   49   C C   . ILE A 1 7   ? 11.079  -7.414  -4.771  1.00 55.29 ? 445 ILE A C   1 
ATOM   50   O O   . ILE A 1 7   ? 11.084  -8.206  -3.826  1.00 53.53 ? 445 ILE A O   1 
ATOM   51   C CB  . ILE A 1 7   ? 10.364  -5.026  -4.514  1.00 51.68 ? 445 ILE A CB  1 
ATOM   52   C CG1 . ILE A 1 7   ? 10.811  -3.645  -4.024  1.00 45.72 ? 445 ILE A CG1 1 
ATOM   53   C CG2 . ILE A 1 7   ? 9.313   -5.565  -3.573  1.00 48.81 ? 445 ILE A CG2 1 
ATOM   54   C CD1 . ILE A 1 7   ? 9.769   -2.556  -4.273  1.00 36.05 ? 445 ILE A CD1 1 
ATOM   55   N N   . TYR A 1 8   ? 10.693  -7.737  -6.004  1.00 51.16 ? 446 TYR A N   1 
ATOM   56   C CA  . TYR A 1 8   ? 10.198  -9.064  -6.363  1.00 53.39 ? 446 TYR A CA  1 
ATOM   57   C C   . TYR A 1 8   ? 11.210  -10.139 -6.010  1.00 58.36 ? 446 TYR A C   1 
ATOM   58   O O   . TYR A 1 8   ? 10.847  -11.191 -5.480  1.00 58.90 ? 446 TYR A O   1 
ATOM   59   C CB  . TYR A 1 8   ? 9.895   -9.130  -7.861  1.00 51.07 ? 446 TYR A CB  1 
ATOM   60   C CG  . TYR A 1 8   ? 9.491   -10.507 -8.341  1.00 56.02 ? 446 TYR A CG  1 
ATOM   61   C CD1 . TYR A 1 8   ? 8.174   -10.950 -8.225  1.00 51.74 ? 446 TYR A CD1 1 
ATOM   62   C CD2 . TYR A 1 8   ? 10.420  -11.365 -8.920  1.00 60.15 ? 446 TYR A CD2 1 
ATOM   63   C CE1 . TYR A 1 8   ? 7.795   -12.218 -8.668  1.00 52.36 ? 446 TYR A CE1 1 
ATOM   64   C CE2 . TYR A 1 8   ? 10.048  -12.635 -9.369  1.00 58.13 ? 446 TYR A CE2 1 
ATOM   65   C CZ  . TYR A 1 8   ? 8.737   -13.050 -9.238  1.00 53.82 ? 446 TYR A CZ  1 
ATOM   66   O OH  . TYR A 1 8   ? 8.373   -14.302 -9.671  1.00 57.95 ? 446 TYR A OH  1 
ATOM   67   N N   . ASN A 1 9   ? 12.477  -9.875  -6.313  1.00 53.25 ? 447 ASN A N   1 
ATOM   68   C CA  . ASN A 1 9   ? 13.528  -10.845 -6.035  1.00 54.25 ? 447 ASN A CA  1 
ATOM   69   C C   . ASN A 1 9   ? 13.850  -10.952 -4.553  1.00 58.64 ? 447 ASN A C   1 
ATOM   70   O O   . ASN A 1 9   ? 14.382  -11.964 -4.094  1.00 57.17 ? 447 ASN A O   1 
ATOM   71   C CB  . ASN A 1 9   ? 14.781  -10.531 -6.849  1.00 53.44 ? 447 ASN A CB  1 
ATOM   72   C CG  . ASN A 1 9   ? 14.596  -10.841 -8.316  1.00 52.24 ? 447 ASN A CG  1 
ATOM   73   O OD1 . ASN A 1 9   ? 13.851  -11.747 -8.672  1.00 53.47 ? 447 ASN A OD1 1 
ATOM   74   N ND2 . ASN A 1 9   ? 15.259  -10.085 -9.175  1.00 44.15 ? 447 ASN A ND2 1 
ATOM   75   N N   . ARG A 1 10  ? 13.507  -9.914  -3.804  1.00 57.36 ? 448 ARG A N   1 
ATOM   76   C CA  . ARG A 1 10  ? 13.782  -9.912  -2.376  1.00 63.93 ? 448 ARG A CA  1 
ATOM   77   C C   . ARG A 1 10  ? 12.611  -10.490 -1.575  1.00 64.58 ? 448 ARG A C   1 
ATOM   78   O O   . ARG A 1 10  ? 12.507  -10.295 -0.359  1.00 64.91 ? 448 ARG A O   1 
ATOM   79   C CB  . ARG A 1 10  ? 14.129  -8.499  -1.917  1.00 66.27 ? 448 ARG A CB  1 
ATOM   80   C CG  . ARG A 1 10  ? 15.388  -7.935  -2.575  1.00 68.66 ? 448 ARG A CG  1 
ATOM   81   C CD  . ARG A 1 10  ? 16.603  -8.099  -1.680  1.00 72.58 ? 448 ARG A CD  1 
ATOM   82   N NE  . ARG A 1 10  ? 16.281  -7.781  -0.292  1.00 73.56 ? 448 ARG A NE  1 
ATOM   83   C CZ  . ARG A 1 10  ? 16.025  -6.554  0.158   1.00 79.06 ? 448 ARG A CZ  1 
ATOM   84   N NH1 . ARG A 1 10  ? 16.048  -5.516  -0.672  1.00 76.82 ? 448 ARG A NH1 1 
ATOM   85   N NH2 . ARG A 1 10  ? 15.738  -6.361  1.441   1.00 77.01 ? 448 ARG A NH2 1 
ATOM   86   N N   . MET A 1 11  ? 11.745  -11.225 -2.263  1.00 57.61 ? 449 MET A N   1 
ATOM   87   C CA  . MET A 1 11  ? 10.555  -11.782 -1.640  1.00 66.13 ? 449 MET A CA  1 
ATOM   88   C C   . MET A 1 11  ? 10.451  -13.300 -1.846  1.00 73.76 ? 449 MET A C   1 
ATOM   89   O O   . MET A 1 11  ? 10.639  -13.808 -2.951  1.00 73.70 ? 449 MET A O   1 
ATOM   90   C CB  . MET A 1 11  ? 9.314   -11.076 -2.189  1.00 62.16 ? 449 MET A CB  1 
ATOM   91   C CG  . MET A 1 11  ? 8.089   -11.166 -1.303  1.00 64.10 ? 449 MET A CG  1 
ATOM   92   S SD  . MET A 1 11  ? 6.777   -10.042 -1.848  1.00 70.28 ? 449 MET A SD  1 
ATOM   93   C CE  . MET A 1 11  ? 7.765   -8.638  -2.319  1.00 54.12 ? 449 MET A CE  1 
ATOM   94   N N   . ASP A 1 12  ? 10.158  -14.009 -0.762  1.00 76.23 ? 450 ASP A N   1 
ATOM   95   C CA  . ASP A 1 12  ? 9.964   -15.456 -0.761  1.00 72.92 ? 450 ASP A CA  1 
ATOM   96   C C   . ASP A 1 12  ? 8.788   -15.840 -1.676  1.00 70.66 ? 450 ASP A C   1 
ATOM   97   O O   . ASP A 1 12  ? 7.689   -15.313 -1.511  1.00 74.96 ? 450 ASP A O   1 
ATOM   98   C CB  . ASP A 1 12  ? 9.717   -15.873 0.695   1.00 78.83 ? 450 ASP A CB  1 
ATOM   99   C CG  . ASP A 1 12  ? 9.505   -17.361 0.871   1.00 77.77 ? 450 ASP A CG  1 
ATOM   100  O OD1 . ASP A 1 12  ? 9.908   -18.157 -0.006  1.00 73.02 ? 450 ASP A OD1 1 
ATOM   101  O OD2 . ASP A 1 12  ? 8.939   -17.729 1.923   1.00 81.53 ? 450 ASP A OD2 1 
ATOM   102  N N   . PRO A 1 13  ? 9.013   -16.744 -2.653  1.00 70.97 ? 451 PRO A N   1 
ATOM   103  C CA  . PRO A 1 13  ? 8.009   -17.126 -3.666  1.00 72.33 ? 451 PRO A CA  1 
ATOM   104  C C   . PRO A 1 13  ? 6.685   -17.626 -3.099  1.00 68.96 ? 451 PRO A C   1 
ATOM   105  O O   . PRO A 1 13  ? 5.680   -17.665 -3.811  1.00 69.71 ? 451 PRO A O   1 
ATOM   106  C CB  . PRO A 1 13  ? 8.680   -18.268 -4.420  1.00 73.33 ? 451 PRO A CB  1 
ATOM   107  C CG  . PRO A 1 13  ? 10.132  -18.027 -4.258  1.00 77.04 ? 451 PRO A CG  1 
ATOM   108  C CD  . PRO A 1 13  ? 10.318  -17.367 -2.912  1.00 70.33 ? 451 PRO A CD  1 
ATOM   109  N N   . ARG A 1 14  ? 6.696   -18.029 -1.837  1.00 71.59 ? 452 ARG A N   1 
ATOM   110  C CA  . ARG A 1 14  ? 5.495   -18.529 -1.194  1.00 70.29 ? 452 ARG A CA  1 
ATOM   111  C C   . ARG A 1 14  ? 4.743   -17.416 -0.454  1.00 70.41 ? 452 ARG A C   1 
ATOM   112  O O   . ARG A 1 14  ? 3.687   -17.664 0.138   1.00 67.54 ? 452 ARG A O   1 
ATOM   113  C CB  . ARG A 1 14  ? 5.830   -19.674 -0.232  1.00 69.32 ? 452 ARG A CB  1 
ATOM   114  C CG  . ARG A 1 14  ? 6.815   -20.697 -0.785  1.00 77.00 ? 452 ARG A CG  1 
ATOM   115  C CD  . ARG A 1 14  ? 6.269   -22.117 -0.717  1.00 73.60 ? 452 ARG A CD  1 
ATOM   116  N NE  . ARG A 1 14  ? 5.497   -22.463 -1.908  1.00 73.76 ? 452 ARG A NE  1 
ATOM   117  C CZ  . ARG A 1 14  ? 4.701   -23.525 -2.005  1.00 59.96 ? 452 ARG A CZ  1 
ATOM   118  N NH1 . ARG A 1 14  ? 4.038   -23.756 -3.134  1.00 56.95 ? 452 ARG A NH1 1 
ATOM   119  N NH2 . ARG A 1 14  ? 4.563   -24.348 -0.974  1.00 55.60 ? 452 ARG A NH2 1 
ATOM   120  N N   . ALA A 1 15  ? 5.279   -16.194 -0.484  1.00 70.66 ? 453 ALA A N   1 
ATOM   121  C CA  . ALA A 1 15  ? 4.638   -15.071 0.210   1.00 62.56 ? 453 ALA A CA  1 
ATOM   122  C C   . ALA A 1 15  ? 3.271   -14.774 -0.391  1.00 54.08 ? 453 ALA A C   1 
ATOM   123  O O   . ALA A 1 15  ? 3.087   -14.821 -1.612  1.00 55.30 ? 453 ALA A O   1 
ATOM   124  C CB  . ALA A 1 15  ? 5.517   -13.832 0.198   1.00 64.71 ? 453 ALA A CB  1 
ATOM   125  N N   . GLN A 1 16  ? 2.319   -14.463 0.481   1.00 48.05 ? 454 GLN A N   1 
ATOM   126  C CA  . GLN A 1 16  ? 0.916   -14.470 0.120   1.00 46.81 ? 454 GLN A CA  1 
ATOM   127  C C   . GLN A 1 16  ? 0.190   -13.619 1.146   1.00 42.09 ? 454 GLN A C   1 
ATOM   128  O O   . GLN A 1 16  ? 0.513   -13.679 2.329   1.00 42.46 ? 454 GLN A O   1 
ATOM   129  C CB  . GLN A 1 16  ? 0.408   -15.915 0.198   1.00 47.88 ? 454 GLN A CB  1 
ATOM   130  C CG  . GLN A 1 16  ? -0.756  -16.269 -0.721  1.00 50.43 ? 454 GLN A CG  1 
ATOM   131  C CD  . GLN A 1 16  ? -1.263  -17.704 -0.517  1.00 56.74 ? 454 GLN A CD  1 
ATOM   132  O OE1 . GLN A 1 16  ? -0.731  -18.455 0.302   1.00 57.36 ? 454 GLN A OE1 1 
ATOM   133  N NE2 . GLN A 1 16  ? -2.298  -18.081 -1.264  1.00 47.06 ? 454 GLN A NE2 1 
ATOM   134  N N   . THR A 1 17  ? -0.775  -12.819 0.704   1.00 36.89 ? 455 THR A N   1 
ATOM   135  C CA  . THR A 1 17  ? -1.663  -12.139 1.643   1.00 33.87 ? 455 THR A CA  1 
ATOM   136  C C   . THR A 1 17  ? -3.081  -12.018 1.077   1.00 33.09 ? 455 THR A C   1 
ATOM   137  O O   . THR A 1 17  ? -3.272  -11.741 -0.110  1.00 28.51 ? 455 THR A O   1 
ATOM   138  C CB  . THR A 1 17  ? -1.121  -10.770 2.087   1.00 35.65 ? 455 THR A CB  1 
ATOM   139  O OG1 . THR A 1 17  ? -1.859  -10.302 3.229   1.00 37.94 ? 455 THR A OG1 1 
ATOM   140  C CG2 . THR A 1 17  ? -1.218  -9.762  0.949   1.00 31.03 ? 455 THR A CG2 1 
ATOM   141  N N   . PRO A 1 18  ? -4.081  -12.266 1.928   1.00 32.27 ? 456 PRO A N   1 
ATOM   142  C CA  . PRO A 1 18  ? -5.463  -12.251 1.450   1.00 32.43 ? 456 PRO A CA  1 
ATOM   143  C C   . PRO A 1 18  ? -5.885  -10.841 1.089   1.00 29.69 ? 456 PRO A C   1 
ATOM   144  O O   . PRO A 1 18  ? -5.387  -9.864  1.649   1.00 29.63 ? 456 PRO A O   1 
ATOM   145  C CB  . PRO A 1 18  ? -6.278  -12.737 2.665   1.00 31.04 ? 456 PRO A CB  1 
ATOM   146  C CG  . PRO A 1 18  ? -5.284  -13.244 3.662   1.00 29.71 ? 456 PRO A CG  1 
ATOM   147  C CD  . PRO A 1 18  ? -3.983  -12.563 3.368   1.00 30.40 ? 456 PRO A CD  1 
ATOM   148  N N   . VAL A 1 19  ? -6.789  -10.762 0.128   1.00 27.72 ? 457 VAL A N   1 
ATOM   149  C CA  . VAL A 1 19  ? -7.491  -9.549  -0.213  1.00 32.81 ? 457 VAL A CA  1 
ATOM   150  C C   . VAL A 1 19  ? -8.936  -9.949  -0.125  1.00 36.92 ? 457 VAL A C   1 
ATOM   151  O O   . VAL A 1 19  ? -9.405  -10.726 -0.955  1.00 41.60 ? 457 VAL A O   1 
ATOM   152  C CB  . VAL A 1 19  ? -7.241  -9.135  -1.659  1.00 34.16 ? 457 VAL A CB  1 
ATOM   153  C CG1 . VAL A 1 19  ? -8.150  -7.964  -2.021  1.00 32.67 ? 457 VAL A CG1 1 
ATOM   154  C CG2 . VAL A 1 19  ? -5.763  -8.800  -1.874  1.00 28.91 ? 457 VAL A CG2 1 
ATOM   155  N N   . PRO A 1 20  ? -9.646  -9.429  0.884   1.00 47.31 ? 458 PRO A N   1 
ATOM   156  C CA  . PRO A 1 20  ? -11.031 -9.821  1.183   1.00 35.04 ? 458 PRO A CA  1 
ATOM   157  C C   . PRO A 1 20  ? -11.933 -9.675  -0.030  1.00 39.40 ? 458 PRO A C   1 
ATOM   158  O O   . PRO A 1 20  ? -11.907 -8.632  -0.682  1.00 45.47 ? 458 PRO A O   1 
ATOM   159  C CB  . PRO A 1 20  ? -11.454 -8.818  2.262   1.00 43.68 ? 458 PRO A CB  1 
ATOM   160  C CG  . PRO A 1 20  ? -10.469 -7.655  2.132   1.00 47.70 ? 458 PRO A CG  1 
ATOM   161  C CD  . PRO A 1 20  ? -9.188  -8.312  1.730   1.00 39.85 ? 458 PRO A CD  1 
ATOM   162  N N   . GLY A 1 21  ? -12.706 -10.712 -0.339  1.00 40.87 ? 459 GLY A N   1 
ATOM   163  C CA  . GLY A 1 21  ? -13.678 -10.628 -1.410  1.00 35.45 ? 459 GLY A CA  1 
ATOM   164  C C   . GLY A 1 21  ? -13.051 -10.761 -2.784  1.00 42.97 ? 459 GLY A C   1 
ATOM   165  O O   . GLY A 1 21  ? -13.756 -10.769 -3.801  1.00 41.19 ? 459 GLY A O   1 
ATOM   166  N N   . LYS A 1 22  ? -11.729 -10.881 -2.824  1.00 37.92 ? 460 LYS A N   1 
ATOM   167  C CA  . LYS A 1 22  ? -11.039 -10.959 -4.103  1.00 41.20 ? 460 LYS A CA  1 
ATOM   168  C C   . LYS A 1 22  ? -10.260 -12.261 -4.284  1.00 37.91 ? 460 LYS A C   1 
ATOM   169  O O   . LYS A 1 22  ? -10.569 -13.050 -5.174  1.00 35.79 ? 460 LYS A O   1 
ATOM   170  C CB  . LYS A 1 22  ? -10.134 -9.745  -4.282  1.00 41.50 ? 460 LYS A CB  1 
ATOM   171  C CG  . LYS A 1 22  ? -10.893 -8.435  -4.418  1.00 40.61 ? 460 LYS A CG  1 
ATOM   172  C CD  . LYS A 1 22  ? -11.646 -8.387  -5.737  1.00 41.92 ? 460 LYS A CD  1 
ATOM   173  C CE  . LYS A 1 22  ? -12.001 -6.955  -6.156  1.00 44.49 ? 460 LYS A CE  1 
ATOM   174  N NZ  . LYS A 1 22  ? -13.119 -6.355  -5.373  1.00 51.77 ? 460 LYS A NZ  1 
ATOM   175  N N   . GLY A 1 23  ? -9.270  -12.495 -3.432  1.00 30.97 ? 461 GLY A N   1 
ATOM   176  C CA  . GLY A 1 23  ? -8.450  -13.679 -3.563  1.00 30.39 ? 461 GLY A CA  1 
ATOM   177  C C   . GLY A 1 23  ? -7.101  -13.484 -2.919  1.00 32.96 ? 461 GLY A C   1 
ATOM   178  O O   . GLY A 1 23  ? -6.867  -12.475 -2.280  1.00 35.33 ? 461 GLY A O   1 
ATOM   179  N N   . PRO A 1 24  ? -6.209  -14.467 -3.072  1.00 37.16 ? 462 PRO A N   1 
ATOM   180  C CA  . PRO A 1 24  ? -4.838  -14.361 -2.569  1.00 29.47 ? 462 PRO A CA  1 
ATOM   181  C C   . PRO A 1 24  ? -3.989  -13.464 -3.443  1.00 29.24 ? 462 PRO A C   1 
ATOM   182  O O   . PRO A 1 24  ? -4.222  -13.373 -4.649  1.00 39.38 ? 462 PRO A O   1 
ATOM   183  C CB  . PRO A 1 24  ? -4.328  -15.801 -2.619  1.00 30.00 ? 462 PRO A CB  1 
ATOM   184  C CG  . PRO A 1 24  ? -5.214  -16.493 -3.622  1.00 33.68 ? 462 PRO A CG  1 
ATOM   185  C CD  . PRO A 1 24  ? -6.538  -15.821 -3.549  1.00 35.11 ? 462 PRO A CD  1 
ATOM   186  N N   . PHE A 1 25  ? -3.025  -12.797 -2.813  1.00 37.08 ? 463 PHE A N   1 
ATOM   187  C CA  . PHE A 1 25  ? -2.133  -11.845 -3.465  1.00 34.36 ? 463 PHE A CA  1 
ATOM   188  C C   . PHE A 1 25  ? -0.706  -12.256 -3.156  1.00 33.74 ? 463 PHE A C   1 
ATOM   189  O O   . PHE A 1 25  ? -0.233  -12.064 -2.034  1.00 39.04 ? 463 PHE A O   1 
ATOM   190  C CB  . PHE A 1 25  ? -2.369  -10.439 -2.912  1.00 34.46 ? 463 PHE A CB  1 
ATOM   191  C CG  . PHE A 1 25  ? -1.676  -9.359  -3.689  1.00 32.75 ? 463 PHE A CG  1 
ATOM   192  C CD1 . PHE A 1 25  ? -0.321  -9.112  -3.513  1.00 31.37 ? 463 PHE A CD1 1 
ATOM   193  C CD2 . PHE A 1 25  ? -2.384  -8.588  -4.600  1.00 29.95 ? 463 PHE A CD2 1 
ATOM   194  C CE1 . PHE A 1 25  ? 0.315   -8.126  -4.243  1.00 31.16 ? 463 PHE A CE1 1 
ATOM   195  C CE2 . PHE A 1 25  ? -1.752  -7.591  -5.325  1.00 33.18 ? 463 PHE A CE2 1 
ATOM   196  C CZ  . PHE A 1 25  ? -0.400  -7.362  -5.146  1.00 23.46 ? 463 PHE A CZ  1 
ATOM   197  N N   . GLY A 1 26  ? -0.016  -12.809 -4.149  1.00 35.79 ? 464 GLY A N   1 
ATOM   198  C CA  . GLY A 1 26  ? 1.346   -13.280 -3.955  1.00 43.20 ? 464 GLY A CA  1 
ATOM   199  C C   . GLY A 1 26  ? 2.371   -12.479 -4.730  1.00 43.71 ? 464 GLY A C   1 
ATOM   200  O O   . GLY A 1 26  ? 2.064   -11.431 -5.302  1.00 43.79 ? 464 GLY A O   1 
ATOM   201  N N   . ARG A 1 27  ? 3.595   -12.989 -4.756  1.00 46.81 ? 465 ARG A N   1 
ATOM   202  C CA  . ARG A 1 27  ? 4.733   -12.270 -5.318  1.00 50.50 ? 465 ARG A CA  1 
ATOM   203  C C   . ARG A 1 27  ? 4.564   -11.995 -6.809  1.00 45.29 ? 465 ARG A C   1 
ATOM   204  O O   . ARG A 1 27  ? 5.035   -10.978 -7.317  1.00 48.52 ? 465 ARG A O   1 
ATOM   205  C CB  . ARG A 1 27  ? 6.007   -13.076 -5.070  1.00 54.56 ? 465 ARG A CB  1 
ATOM   206  C CG  . ARG A 1 27  ? 7.278   -12.270 -5.122  1.00 56.74 ? 465 ARG A CG  1 
ATOM   207  C CD  . ARG A 1 27  ? 8.463   -13.194 -5.010  1.00 62.39 ? 465 ARG A CD  1 
ATOM   208  N NE  . ARG A 1 27  ? 8.357   -14.304 -5.950  1.00 65.86 ? 465 ARG A NE  1 
ATOM   209  C CZ  . ARG A 1 27  ? 9.394   -15.012 -6.383  1.00 69.18 ? 465 ARG A CZ  1 
ATOM   210  N NH1 . ARG A 1 27  ? 10.617  -14.715 -5.961  1.00 61.42 ? 465 ARG A NH1 1 
ATOM   211  N NH2 . ARG A 1 27  ? 9.211   -16.007 -7.242  1.00 65.61 ? 465 ARG A NH2 1 
ATOM   212  N N   . GLU A 1 28  ? 3.890   -12.909 -7.497  1.00 35.83 ? 466 GLU A N   1 
ATOM   213  C CA  . GLU A 1 28  ? 3.626   -12.767 -8.925  1.00 43.13 ? 466 GLU A CA  1 
ATOM   214  C C   . GLU A 1 28  ? 2.655   -11.617 -9.205  1.00 39.96 ? 466 GLU A C   1 
ATOM   215  O O   . GLU A 1 28  ? 2.774   -10.935 -10.226 1.00 39.08 ? 466 GLU A O   1 
ATOM   216  C CB  . GLU A 1 28  ? 3.070   -14.086 -9.499  1.00 42.36 ? 466 GLU A CB  1 
ATOM   217  C CG  . GLU A 1 28  ? 3.950   -15.294 -9.195  1.00 43.23 ? 466 GLU A CG  1 
ATOM   218  C CD  . GLU A 1 28  ? 5.350   -15.147 -9.764  1.00 49.67 ? 466 GLU A CD  1 
ATOM   219  O OE1 . GLU A 1 28  ? 5.468   -14.682 -10.924 1.00 56.43 ? 466 GLU A OE1 1 
ATOM   220  O OE2 . GLU A 1 28  ? 6.326   -15.491 -9.053  1.00 44.10 ? 466 GLU A OE2 1 
ATOM   221  N N   . GLU A 1 29  ? 1.703   -11.405 -8.295  1.00 35.15 ? 467 GLU A N   1 
ATOM   222  C CA  . GLU A 1 29  ? 0.719   -10.334 -8.445  1.00 41.83 ? 467 GLU A CA  1 
ATOM   223  C C   . GLU A 1 29  ? 1.360   -8.938  -8.499  1.00 39.02 ? 467 GLU A C   1 
ATOM   224  O O   . GLU A 1 29  ? 0.775   -7.985  -9.032  1.00 39.27 ? 467 GLU A O   1 
ATOM   225  C CB  . GLU A 1 29  ? -0.327  -10.401 -7.326  1.00 37.94 ? 467 GLU A CB  1 
ATOM   226  C CG  . GLU A 1 29  ? -1.348  -11.523 -7.492  1.00 39.35 ? 467 GLU A CG  1 
ATOM   227  C CD  . GLU A 1 29  ? -2.348  -11.261 -8.607  1.00 43.32 ? 467 GLU A CD  1 
ATOM   228  O OE1 . GLU A 1 29  ? -3.212  -12.131 -8.837  1.00 50.67 ? 467 GLU A OE1 1 
ATOM   229  O OE2 . GLU A 1 29  ? -2.284  -10.189 -9.249  1.00 45.01 ? 467 GLU A OE2 1 
ATOM   230  N N   . LEU A 1 30  ? 2.569   -8.832  -7.962  1.00 33.97 ? 468 LEU A N   1 
ATOM   231  C CA  . LEU A 1 30  ? 3.316   -7.587  -8.009  1.00 40.47 ? 468 LEU A CA  1 
ATOM   232  C C   . LEU A 1 30  ? 3.672   -7.221  -9.432  1.00 43.45 ? 468 LEU A C   1 
ATOM   233  O O   . LEU A 1 30  ? 3.564   -6.056  -9.822  1.00 40.46 ? 468 LEU A O   1 
ATOM   234  C CB  . LEU A 1 30  ? 4.611   -7.730  -7.228  1.00 41.23 ? 468 LEU A CB  1 
ATOM   235  C CG  . LEU A 1 30  ? 4.456   -7.578  -5.740  1.00 35.08 ? 468 LEU A CG  1 
ATOM   236  C CD1 . LEU A 1 30  ? 5.832   -7.548  -5.133  1.00 44.48 ? 468 LEU A CD1 1 
ATOM   237  C CD2 . LEU A 1 30  ? 3.738   -6.271  -5.504  1.00 37.89 ? 468 LEU A CD2 1 
ATOM   238  N N   . LEU A 1 31  ? 4.102   -8.229  -10.193 1.00 41.64 ? 469 LEU A N   1 
ATOM   239  C CA  . LEU A 1 31  ? 4.625   -8.019  -11.531 1.00 36.42 ? 469 LEU A CA  1 
ATOM   240  C C   . LEU A 1 31  ? 3.509   -7.754  -12.538 1.00 30.29 ? 469 LEU A C   1 
ATOM   241  O O   . LEU A 1 31  ? 3.768   -7.355  -13.665 1.00 34.26 ? 469 LEU A O   1 
ATOM   242  C CB  . LEU A 1 31  ? 5.473   -9.217  -11.953 1.00 39.47 ? 469 LEU A CB  1 
ATOM   243  C CG  . LEU A 1 31  ? 6.985   -9.140  -11.721 1.00 45.08 ? 469 LEU A CG  1 
ATOM   244  C CD1 . LEU A 1 31  ? 7.320   -8.395  -10.450 1.00 43.34 ? 469 LEU A CD1 1 
ATOM   245  C CD2 . LEU A 1 31  ? 7.598   -10.537 -11.693 1.00 48.82 ? 469 LEU A CD2 1 
ATOM   246  N N   . ARG A 1 32  ? 2.267   -7.955  -12.123 1.00 32.38 ? 470 ARG A N   1 
ATOM   247  C CA  . ARG A 1 32  ? 1.121   -7.596  -12.954 1.00 28.88 ? 470 ARG A CA  1 
ATOM   248  C C   . ARG A 1 32  ? 0.906   -6.090  -13.019 1.00 34.79 ? 470 ARG A C   1 
ATOM   249  O O   . ARG A 1 32  ? 0.069   -5.617  -13.777 1.00 30.19 ? 470 ARG A O   1 
ATOM   250  C CB  . ARG A 1 32  ? -0.149  -8.218  -12.385 1.00 35.46 ? 470 ARG A CB  1 
ATOM   251  C CG  . ARG A 1 32  ? -0.398  -9.655  -12.779 1.00 31.81 ? 470 ARG A CG  1 
ATOM   252  C CD  . ARG A 1 32  ? -1.837  -9.808  -13.233 1.00 24.53 ? 470 ARG A CD  1 
ATOM   253  N NE  . ARG A 1 32  ? -2.764  -9.641  -12.137 1.00 33.50 ? 470 ARG A NE  1 
ATOM   254  C CZ  . ARG A 1 32  ? -3.943  -9.035  -12.223 1.00 36.78 ? 470 ARG A CZ  1 
ATOM   255  N NH1 . ARG A 1 32  ? -4.354  -8.511  -13.370 1.00 32.30 ? 470 ARG A NH1 1 
ATOM   256  N NH2 . ARG A 1 32  ? -4.707  -8.935  -11.141 1.00 37.85 ? 470 ARG A NH2 1 
ATOM   257  N N   . ARG A 1 33  ? 1.652   -5.342  -12.210 1.00 39.11 ? 471 ARG A N   1 
ATOM   258  C CA  . ARG A 1 33  ? 1.363   -3.931  -12.003 1.00 35.29 ? 471 ARG A CA  1 
ATOM   259  C C   . ARG A 1 33  ? 2.578   -3.053  -12.210 1.00 34.76 ? 471 ARG A C   1 
ATOM   260  O O   . ARG A 1 33  ? 3.711   -3.530  -12.213 1.00 35.92 ? 471 ARG A O   1 
ATOM   261  C CB  . ARG A 1 33  ? 0.840   -3.726  -10.580 1.00 40.18 ? 471 ARG A CB  1 
ATOM   262  C CG  . ARG A 1 33  ? -0.534  -4.274  -10.387 1.00 33.30 ? 471 ARG A CG  1 
ATOM   263  C CD  . ARG A 1 33  ? -0.735  -4.783  -9.004  1.00 30.14 ? 471 ARG A CD  1 
ATOM   264  N NE  . ARG A 1 33  ? -2.149  -5.088  -8.809  1.00 32.17 ? 471 ARG A NE  1 
ATOM   265  C CZ  . ARG A 1 33  ? -2.649  -6.317  -8.796  1.00 34.00 ? 471 ARG A CZ  1 
ATOM   266  N NH1 . ARG A 1 33  ? -1.845  -7.358  -8.960  1.00 37.07 ? 471 ARG A NH1 1 
ATOM   267  N NH2 . ARG A 1 33  ? -3.947  -6.507  -8.607  1.00 33.32 ? 471 ARG A NH2 1 
ATOM   268  N N   . LYS A 1 34  ? 2.334   -1.761  -12.390 1.00 36.89 ? 472 LYS A N   1 
ATOM   269  C CA  . LYS A 1 34  ? 3.416   -0.794  -12.438 1.00 37.66 ? 472 LYS A CA  1 
ATOM   270  C C   . LYS A 1 34  ? 3.699   -0.302  -11.024 1.00 44.84 ? 472 LYS A C   1 
ATOM   271  O O   . LYS A 1 34  ? 2.763   -0.011  -10.266 1.00 40.37 ? 472 LYS A O   1 
ATOM   272  C CB  . LYS A 1 34  ? 3.024   0.378   -13.334 1.00 42.14 ? 472 LYS A CB  1 
ATOM   273  C CG  . LYS A 1 34  ? 4.116   1.408   -13.532 1.00 52.39 ? 472 LYS A CG  1 
ATOM   274  C CD  . LYS A 1 34  ? 4.227   1.834   -14.997 1.00 58.01 ? 472 LYS A CD  1 
ATOM   275  C CE  . LYS A 1 34  ? 5.300   2.901   -15.186 1.00 49.64 ? 472 LYS A CE  1 
ATOM   276  N NZ  . LYS A 1 34  ? 4.931   4.161   -14.486 1.00 45.61 ? 472 LYS A NZ  1 
ATOM   277  N N   . LEU A 1 35  ? 4.981   -0.237  -10.657 1.00 45.30 ? 473 LEU A N   1 
ATOM   278  C CA  . LEU A 1 35  ? 5.396   0.434   -9.423  1.00 34.97 ? 473 LEU A CA  1 
ATOM   279  C C   . LEU A 1 35  ? 5.457   1.937   -9.656  1.00 42.63 ? 473 LEU A C   1 
ATOM   280  O O   . LEU A 1 35  ? 6.388   2.430   -10.298 1.00 42.35 ? 473 LEU A O   1 
ATOM   281  C CB  . LEU A 1 35  ? 6.775   -0.045  -8.954  1.00 42.41 ? 473 LEU A CB  1 
ATOM   282  C CG  . LEU A 1 35  ? 7.311   0.668   -7.694  1.00 39.49 ? 473 LEU A CG  1 
ATOM   283  C CD1 . LEU A 1 35  ? 6.293   0.592   -6.571  1.00 35.73 ? 473 LEU A CD1 1 
ATOM   284  C CD2 . LEU A 1 35  ? 8.651   0.103   -7.208  1.00 37.66 ? 473 LEU A CD2 1 
ATOM   285  N N   . ILE A 1 36  ? 4.475   2.657   -9.119  1.00 42.68 ? 474 ILE A N   1 
ATOM   286  C CA  . ILE A 1 36  ? 4.356   4.092   -9.356  1.00 38.15 ? 474 ILE A CA  1 
ATOM   287  C C   . ILE A 1 36  ? 5.114   4.927   -8.330  1.00 37.32 ? 474 ILE A C   1 
ATOM   288  O O   . ILE A 1 36  ? 5.855   5.838   -8.699  1.00 39.30 ? 474 ILE A O   1 
ATOM   289  C CB  . ILE A 1 36  ? 2.891   4.526   -9.447  1.00 35.88 ? 474 ILE A CB  1 
ATOM   290  C CG1 . ILE A 1 36  ? 2.287   3.975   -10.750 1.00 35.41 ? 474 ILE A CG1 1 
ATOM   291  C CG2 . ILE A 1 36  ? 2.776   6.053   -9.359  1.00 27.11 ? 474 ILE A CG2 1 
ATOM   292  C CD1 . ILE A 1 36  ? 0.828   4.340   -10.985 1.00 30.54 ? 474 ILE A CD1 1 
ATOM   293  N N   . HIS A 1 37  ? 4.933   4.626   -7.048  1.00 42.22 ? 475 HIS A N   1 
ATOM   294  C CA  . HIS A 1 37  ? 5.786   5.243   -6.023  1.00 28.57 ? 475 HIS A CA  1 
ATOM   295  C C   . HIS A 1 37  ? 6.074   4.254   -4.917  1.00 28.17 ? 475 HIS A C   1 
ATOM   296  O O   . HIS A 1 37  ? 5.264   3.373   -4.660  1.00 30.76 ? 475 HIS A O   1 
ATOM   297  C CB  . HIS A 1 37  ? 5.150   6.503   -5.443  1.00 27.14 ? 475 HIS A CB  1 
ATOM   298  C CG  . HIS A 1 37  ? 6.122   7.398   -4.731  1.00 38.46 ? 475 HIS A CG  1 
ATOM   299  N ND1 . HIS A 1 37  ? 6.450   7.238   -3.398  1.00 39.81 ? 475 HIS A ND1 1 
ATOM   300  C CD2 . HIS A 1 37  ? 6.839   8.461   -5.166  1.00 34.86 ? 475 HIS A CD2 1 
ATOM   301  C CE1 . HIS A 1 37  ? 7.325   8.163   -3.047  1.00 33.67 ? 475 HIS A CE1 1 
ATOM   302  N NE2 . HIS A 1 37  ? 7.577   8.920   -4.102  1.00 32.77 ? 475 HIS A NE2 1 
ATOM   303  N N   . ASP A 1 38  ? 7.229   4.373   -4.265  1.00 31.74 ? 476 ASP A N   1 
ATOM   304  C CA  . ASP A 1 38  ? 7.529   3.483   -3.140  1.00 32.80 ? 476 ASP A CA  1 
ATOM   305  C C   . ASP A 1 38  ? 8.271   4.237   -2.065  1.00 27.18 ? 476 ASP A C   1 
ATOM   306  O O   . ASP A 1 38  ? 9.017   5.164   -2.374  1.00 29.68 ? 476 ASP A O   1 
ATOM   307  C CB  . ASP A 1 38  ? 8.332   2.257   -3.599  1.00 34.51 ? 476 ASP A CB  1 
ATOM   308  C CG  . ASP A 1 38  ? 9.770   2.591   -3.969  1.00 38.14 ? 476 ASP A CG  1 
ATOM   309  O OD1 . ASP A 1 38  ? 10.682  2.104   -3.269  1.00 38.24 ? 476 ASP A OD1 1 
ATOM   310  O OD2 . ASP A 1 38  ? 9.989   3.319   -4.969  1.00 43.28 ? 476 ASP A OD2 1 
ATOM   311  N N   . GLY A 1 39  ? 8.077   3.856   -0.805  1.00 29.07 ? 477 GLY A N   1 
ATOM   312  C CA  . GLY A 1 39  ? 8.750   4.571   0.283   1.00 28.27 ? 477 GLY A CA  1 
ATOM   313  C C   . GLY A 1 39  ? 8.484   4.047   1.685   1.00 25.52 ? 477 GLY A C   1 
ATOM   314  O O   . GLY A 1 39  ? 7.450   3.427   1.918   1.00 22.67 ? 477 GLY A O   1 
ATOM   315  N N   . CYS A 1 40  ? 9.406   4.279   2.626   1.00 32.63 ? 478 CYS A N   1 
ATOM   316  C CA  . CYS A 1 40  ? 9.142   3.873   4.009   1.00 31.62 ? 478 CYS A CA  1 
ATOM   317  C C   . CYS A 1 40  ? 8.112   4.805   4.641   1.00 31.36 ? 478 CYS A C   1 
ATOM   318  O O   . CYS A 1 40  ? 8.148   6.020   4.436   1.00 31.85 ? 478 CYS A O   1 
ATOM   319  C CB  . CYS A 1 40  ? 10.425  3.792   4.849   1.00 31.95 ? 478 CYS A CB  1 
ATOM   320  S SG  . CYS A 1 40  ? 11.357  2.245   4.610   1.00 57.19 ? 478 CYS A SG  1 
ATOM   321  N N   . LEU A 1 41  ? 7.165   4.211   5.364   1.00 32.65 ? 479 LEU A N   1 
ATOM   322  C CA  . LEU A 1 41  ? 6.157   4.944   6.126   1.00 28.85 ? 479 LEU A CA  1 
ATOM   323  C C   . LEU A 1 41  ? 5.931   4.277   7.470   1.00 27.10 ? 479 LEU A C   1 
ATOM   324  O O   . LEU A 1 41  ? 6.402   3.164   7.713   1.00 30.41 ? 479 LEU A O   1 
ATOM   325  C CB  . LEU A 1 41  ? 4.821   5.031   5.381   1.00 22.48 ? 479 LEU A CB  1 
ATOM   326  C CG  . LEU A 1 41  ? 4.808   5.823   4.071   1.00 25.09 ? 479 LEU A CG  1 
ATOM   327  C CD1 . LEU A 1 41  ? 3.433   5.767   3.435   1.00 21.70 ? 479 LEU A CD1 1 
ATOM   328  C CD2 . LEU A 1 41  ? 5.231   7.254   4.309   1.00 31.30 ? 479 LEU A CD2 1 
ATOM   329  N N   . LEU A 1 42  ? 5.200   4.974   8.335   1.00 30.93 ? 480 LEU A N   1 
ATOM   330  C CA  . LEU A 1 42  ? 4.846   4.464   9.647   1.00 29.89 ? 480 LEU A CA  1 
ATOM   331  C C   . LEU A 1 42  ? 3.362   4.130   9.704   1.00 30.50 ? 480 LEU A C   1 
ATOM   332  O O   . LEU A 1 42  ? 2.513   4.989   9.488   1.00 27.26 ? 480 LEU A O   1 
ATOM   333  C CB  . LEU A 1 42  ? 5.165   5.496   10.718  1.00 31.69 ? 480 LEU A CB  1 
ATOM   334  C CG  . LEU A 1 42  ? 6.636   5.766   11.038  1.00 38.94 ? 480 LEU A CG  1 
ATOM   335  C CD1 . LEU A 1 42  ? 6.729   6.787   12.154  1.00 37.33 ? 480 LEU A CD1 1 
ATOM   336  C CD2 . LEU A 1 42  ? 7.368   4.486   11.432  1.00 36.28 ? 480 LEU A CD2 1 
ATOM   337  N N   . TRP A 1 43  ? 3.060   2.879   10.014  1.00 28.12 ? 481 TRP A N   1 
ATOM   338  C CA  . TRP A 1 43  ? 1.696   2.407   10.093  1.00 24.94 ? 481 TRP A CA  1 
ATOM   339  C C   . TRP A 1 43  ? 1.264   2.409   11.536  1.00 30.31 ? 481 TRP A C   1 
ATOM   340  O O   . TRP A 1 43  ? 1.851   1.709   12.352  1.00 33.71 ? 481 TRP A O   1 
ATOM   341  C CB  . TRP A 1 43  ? 1.650   0.978   9.542   1.00 36.33 ? 481 TRP A CB  1 
ATOM   342  C CG  . TRP A 1 43  ? 0.369   0.203   9.730   1.00 38.82 ? 481 TRP A CG  1 
ATOM   343  C CD1 . TRP A 1 43  ? -0.327  0.019   10.888  1.00 48.27 ? 481 TRP A CD1 1 
ATOM   344  C CD2 . TRP A 1 43  ? -0.307  -0.567  8.738   1.00 41.61 ? 481 TRP A CD2 1 
ATOM   345  N NE1 . TRP A 1 43  ? -1.418  -0.781  10.668  1.00 52.67 ? 481 TRP A NE1 1 
ATOM   346  C CE2 . TRP A 1 43  ? -1.426  -1.158  9.353   1.00 46.70 ? 481 TRP A CE2 1 
ATOM   347  C CE3 . TRP A 1 43  ? -0.080  -0.810  7.388   1.00 45.68 ? 481 TRP A CE3 1 
ATOM   348  C CZ2 . TRP A 1 43  ? -2.318  -1.969  8.662   1.00 42.32 ? 481 TRP A CZ2 1 
ATOM   349  C CZ3 . TRP A 1 43  ? -0.969  -1.610  6.701   1.00 47.72 ? 481 TRP A CZ3 1 
ATOM   350  C CH2 . TRP A 1 43  ? -2.071  -2.182  7.338   1.00 46.48 ? 481 TRP A CH2 1 
ATOM   351  N N   . LYS A 1 44  ? 0.208   3.143   11.857  1.00 28.80 ? 482 LYS A N   1 
ATOM   352  C CA  . LYS A 1 44  ? -0.307  3.107   13.220  1.00 31.89 ? 482 LYS A CA  1 
ATOM   353  C C   . LYS A 1 44  ? -1.180  1.881   13.404  1.00 38.11 ? 482 LYS A C   1 
ATOM   354  O O   . LYS A 1 44  ? -2.244  1.772   12.816  1.00 45.96 ? 482 LYS A O   1 
ATOM   355  C CB  . LYS A 1 44  ? -1.098  4.371   13.568  1.00 36.36 ? 482 LYS A CB  1 
ATOM   356  C CG  . LYS A 1 44  ? -0.613  5.067   14.852  1.00 41.57 ? 482 LYS A CG  1 
ATOM   357  C CD  . LYS A 1 44  ? -1.719  5.881   15.499  1.00 39.60 ? 482 LYS A CD  1 
ATOM   358  C CE  . LYS A 1 44  ? -1.162  6.896   16.481  1.00 44.26 ? 482 LYS A CE  1 
ATOM   359  N NZ  . LYS A 1 44  ? -2.248  7.716   17.089  1.00 50.53 ? 482 LYS A NZ  1 
ATOM   360  N N   . THR A 1 45  ? -0.721  0.957   14.231  1.00 42.06 ? 483 THR A N   1 
ATOM   361  C CA  . THR A 1 45  ? -1.477  -0.246  14.537  1.00 41.56 ? 483 THR A CA  1 
ATOM   362  C C   . THR A 1 45  ? -2.609  0.080   15.509  1.00 46.49 ? 483 THR A C   1 
ATOM   363  O O   . THR A 1 45  ? -2.710  1.204   15.991  1.00 47.19 ? 483 THR A O   1 
ATOM   364  C CB  . THR A 1 45  ? -0.565  -1.289  15.186  1.00 49.29 ? 483 THR A CB  1 
ATOM   365  O OG1 . THR A 1 45  ? -0.101  -0.791  16.449  1.00 44.70 ? 483 THR A OG1 1 
ATOM   366  C CG2 . THR A 1 45  ? 0.638   -1.551  14.303  1.00 49.55 ? 483 THR A CG2 1 
ATOM   367  N N   . ALA A 1 46  ? -3.460  -0.899  15.801  1.00 51.99 ? 484 ALA A N   1 
ATOM   368  C CA  . ALA A 1 46  ? -4.519  -0.710  16.790  1.00 50.38 ? 484 ALA A CA  1 
ATOM   369  C C   . ALA A 1 46  ? -3.881  -0.514  18.144  1.00 56.04 ? 484 ALA A C   1 
ATOM   370  O O   . ALA A 1 46  ? -4.412  0.188   19.002  1.00 59.54 ? 484 ALA A O   1 
ATOM   371  C CB  . ALA A 1 46  ? -5.447  -1.910  16.823  1.00 52.82 ? 484 ALA A CB  1 
ATOM   372  N N   . THR A 1 47  ? -2.724  -1.142  18.315  1.00 51.29 ? 485 THR A N   1 
ATOM   373  C CA  . THR A 1 47  ? -1.944  -1.044  19.538  1.00 56.75 ? 485 THR A CA  1 
ATOM   374  C C   . THR A 1 47  ? -1.537  0.403   19.836  1.00 56.31 ? 485 THR A C   1 
ATOM   375  O O   . THR A 1 47  ? -1.167  0.732   20.966  1.00 61.12 ? 485 THR A O   1 
ATOM   376  C CB  . THR A 1 47  ? -0.681  -1.943  19.454  1.00 62.06 ? 485 THR A CB  1 
ATOM   377  O OG1 . THR A 1 47  ? 0.315   -1.313  18.638  1.00 60.14 ? 485 THR A OG1 1 
ATOM   378  C CG2 . THR A 1 47  ? -1.030  -3.301  18.847  1.00 57.36 ? 485 THR A CG2 1 
ATOM   379  N N   . GLY A 1 48  ? -1.612  1.266   18.825  1.00 52.27 ? 486 GLY A N   1 
ATOM   380  C CA  . GLY A 1 48  ? -1.213  2.654   18.980  1.00 52.89 ? 486 GLY A CA  1 
ATOM   381  C C   . GLY A 1 48  ? 0.270   2.787   18.714  1.00 48.89 ? 486 GLY A C   1 
ATOM   382  O O   . GLY A 1 48  ? 0.855   3.867   18.843  1.00 45.25 ? 486 GLY A O   1 
ATOM   383  N N   . ARG A 1 49  ? 0.877   1.667   18.339  1.00 48.56 ? 487 ARG A N   1 
ATOM   384  C CA  . ARG A 1 49  ? 2.287   1.653   18.022  1.00 42.68 ? 487 ARG A CA  1 
ATOM   385  C C   . ARG A 1 49  ? 2.501   1.873   16.539  1.00 33.76 ? 487 ARG A C   1 
ATOM   386  O O   . ARG A 1 49  ? 1.604   1.668   15.724  1.00 41.68 ? 487 ARG A O   1 
ATOM   387  C CB  . ARG A 1 49  ? 2.919   0.352   18.502  1.00 42.08 ? 487 ARG A CB  1 
ATOM   388  C CG  . ARG A 1 49  ? 2.718   0.159   20.002  1.00 44.70 ? 487 ARG A CG  1 
ATOM   389  C CD  . ARG A 1 49  ? 3.784   -0.711  20.620  1.00 44.65 ? 487 ARG A CD  1 
ATOM   390  N NE  . ARG A 1 49  ? 5.113   -0.294  20.201  1.00 44.47 ? 487 ARG A NE  1 
ATOM   391  C CZ  . ARG A 1 49  ? 6.225   -0.918  20.561  1.00 45.60 ? 487 ARG A CZ  1 
ATOM   392  N NH1 . ARG A 1 49  ? 6.146   -1.979  21.351  1.00 41.23 ? 487 ARG A NH1 1 
ATOM   393  N NH2 . ARG A 1 49  ? 7.408   -0.485  20.136  1.00 47.46 ? 487 ARG A NH2 1 
ATOM   394  N N   . PHE A 1 50  ? 3.689   2.334   16.202  1.00 31.15 ? 488 PHE A N   1 
ATOM   395  C CA  . PHE A 1 50  ? 4.045   2.574   14.819  1.00 40.10 ? 488 PHE A CA  1 
ATOM   396  C C   . PHE A 1 50  ? 4.898   1.438   14.277  1.00 37.67 ? 488 PHE A C   1 
ATOM   397  O O   . PHE A 1 50  ? 5.912   1.055   14.865  1.00 38.79 ? 488 PHE A O   1 
ATOM   398  C CB  . PHE A 1 50  ? 4.760   3.925   14.693  1.00 38.52 ? 488 PHE A CB  1 
ATOM   399  C CG  . PHE A 1 50  ? 3.860   5.099   14.938  1.00 39.99 ? 488 PHE A CG  1 
ATOM   400  C CD1 . PHE A 1 50  ? 3.666   5.593   16.216  1.00 44.44 ? 488 PHE A CD1 1 
ATOM   401  C CD2 . PHE A 1 50  ? 3.182   5.693   13.888  1.00 38.71 ? 488 PHE A CD2 1 
ATOM   402  C CE1 . PHE A 1 50  ? 2.818   6.673   16.437  1.00 45.78 ? 488 PHE A CE1 1 
ATOM   403  C CE2 . PHE A 1 50  ? 2.339   6.773   14.100  1.00 40.87 ? 488 PHE A CE2 1 
ATOM   404  C CZ  . PHE A 1 50  ? 2.156   7.260   15.374  1.00 43.43 ? 488 PHE A CZ  1 
ATOM   405  N N   . LYS A 1 51  ? 4.474   0.896   13.145  1.00 32.83 ? 489 LYS A N   1 
ATOM   406  C CA  . LYS A 1 51  ? 5.167   -0.212  12.509  1.00 31.98 ? 489 LYS A CA  1 
ATOM   407  C C   . LYS A 1 51  ? 5.839   0.326   11.252  1.00 35.28 ? 489 LYS A C   1 
ATOM   408  O O   . LYS A 1 51  ? 5.183   0.953   10.408  1.00 32.37 ? 489 LYS A O   1 
ATOM   409  C CB  . LYS A 1 51  ? 4.148   -1.303  12.173  1.00 35.82 ? 489 LYS A CB  1 
ATOM   410  C CG  . LYS A 1 51  ? 4.723   -2.655  11.864  1.00 42.84 ? 489 LYS A CG  1 
ATOM   411  C CD  . LYS A 1 51  ? 3.757   -3.742  12.318  1.00 56.08 ? 489 LYS A CD  1 
ATOM   412  C CE  . LYS A 1 51  ? 3.708   -3.847  13.832  1.00 50.90 ? 489 LYS A CE  1 
ATOM   413  N NZ  . LYS A 1 51  ? 2.844   -4.973  14.282  1.00 53.97 ? 489 LYS A NZ  1 
ATOM   414  N N   . ASP A 1 52  ? 7.149   0.127   11.140  1.00 35.15 ? 490 ASP A N   1 
ATOM   415  C CA  . ASP A 1 52  ? 7.858   0.543   9.935   1.00 37.65 ? 490 ASP A CA  1 
ATOM   416  C C   . ASP A 1 52  ? 7.444   -0.336  8.789   1.00 39.03 ? 490 ASP A C   1 
ATOM   417  O O   . ASP A 1 52  ? 7.518   -1.566  8.887   1.00 38.20 ? 490 ASP A O   1 
ATOM   418  C CB  . ASP A 1 52  ? 9.359   0.434   10.132  1.00 42.60 ? 490 ASP A CB  1 
ATOM   419  C CG  . ASP A 1 52  ? 9.875   1.436   11.125  1.00 47.77 ? 490 ASP A CG  1 
ATOM   420  O OD1 . ASP A 1 52  ? 10.169  2.573   10.716  1.00 48.20 ? 490 ASP A OD1 1 
ATOM   421  O OD2 . ASP A 1 52  ? 9.976   1.093   12.319  1.00 54.51 ? 490 ASP A OD2 1 
ATOM   422  N N   . VAL A 1 53  ? 6.991   0.285   7.703   1.00 34.63 ? 491 VAL A N   1 
ATOM   423  C CA  . VAL A 1 53  ? 6.585   -0.489  6.535   1.00 35.40 ? 491 VAL A CA  1 
ATOM   424  C C   . VAL A 1 53  ? 7.105   0.123   5.248   1.00 36.93 ? 491 VAL A C   1 
ATOM   425  O O   . VAL A 1 53  ? 7.246   1.343   5.152   1.00 33.44 ? 491 VAL A O   1 
ATOM   426  C CB  . VAL A 1 53  ? 5.055   -0.651  6.448   1.00 35.02 ? 491 VAL A CB  1 
ATOM   427  C CG1 . VAL A 1 53  ? 4.575   -1.578  7.539   1.00 34.04 ? 491 VAL A CG1 1 
ATOM   428  C CG2 . VAL A 1 53  ? 4.356   0.710   6.553   1.00 27.91 ? 491 VAL A CG2 1 
ATOM   429  N N   . LEU A 1 54  ? 7.423   -0.738  4.279   1.00 38.18 ? 492 LEU A N   1 
ATOM   430  C CA  . LEU A 1 54  ? 7.723   -0.309  2.914   1.00 33.86 ? 492 LEU A CA  1 
ATOM   431  C C   . LEU A 1 54  ? 6.393   -0.250  2.168   1.00 28.80 ? 492 LEU A C   1 
ATOM   432  O O   . LEU A 1 54  ? 5.661   -1.234  2.133   1.00 32.31 ? 492 LEU A O   1 
ATOM   433  C CB  . LEU A 1 54  ? 8.665   -1.303  2.234   1.00 28.21 ? 492 LEU A CB  1 
ATOM   434  C CG  . LEU A 1 54  ? 8.862   -1.074  0.743   1.00 33.94 ? 492 LEU A CG  1 
ATOM   435  C CD1 . LEU A 1 54  ? 9.323   0.341   0.493   1.00 35.14 ? 492 LEU A CD1 1 
ATOM   436  C CD2 . LEU A 1 54  ? 9.852   -2.072  0.183   1.00 45.35 ? 492 LEU A CD2 1 
ATOM   437  N N   . VAL A 1 55  ? 6.053   0.903   1.606   1.00 26.92 ? 493 VAL A N   1 
ATOM   438  C CA  . VAL A 1 55  ? 4.753   1.051   0.952   1.00 27.36 ? 493 VAL A CA  1 
ATOM   439  C C   . VAL A 1 55  ? 4.927   1.224   -0.540  1.00 29.72 ? 493 VAL A C   1 
ATOM   440  O O   . VAL A 1 55  ? 5.726   2.055   -0.990  1.00 27.40 ? 493 VAL A O   1 
ATOM   441  C CB  . VAL A 1 55  ? 3.947   2.236   1.521   1.00 27.67 ? 493 VAL A CB  1 
ATOM   442  C CG1 . VAL A 1 55  ? 2.609   2.387   0.798   1.00 27.34 ? 493 VAL A CG1 1 
ATOM   443  C CG2 . VAL A 1 55  ? 3.712   2.030   2.997   1.00 30.80 ? 493 VAL A CG2 1 
ATOM   444  N N   . LEU A 1 56  ? 4.181   0.413   -1.288  1.00 29.42 ? 494 LEU A N   1 
ATOM   445  C CA  . LEU A 1 56  ? 4.188   0.429   -2.738  1.00 28.34 ? 494 LEU A CA  1 
ATOM   446  C C   . LEU A 1 56  ? 2.867   1.009   -3.216  1.00 26.68 ? 494 LEU A C   1 
ATOM   447  O O   . LEU A 1 56  ? 1.799   0.526   -2.859  1.00 29.45 ? 494 LEU A O   1 
ATOM   448  C CB  . LEU A 1 56  ? 4.323   -0.994  -3.264  1.00 30.32 ? 494 LEU A CB  1 
ATOM   449  C CG  . LEU A 1 56  ? 5.702   -1.605  -3.529  1.00 34.25 ? 494 LEU A CG  1 
ATOM   450  C CD1 . LEU A 1 56  ? 6.658   -1.345  -2.427  1.00 28.58 ? 494 LEU A CD1 1 
ATOM   451  C CD2 . LEU A 1 56  ? 5.586   -3.109  -3.742  1.00 33.64 ? 494 LEU A CD2 1 
ATOM   452  N N   . LEU A 1 57  ? 2.939   2.072   -3.997  1.00 26.09 ? 495 LEU A N   1 
ATOM   453  C CA  . LEU A 1 57  ? 1.782   2.599   -4.694  1.00 26.95 ? 495 LEU A CA  1 
ATOM   454  C C   . LEU A 1 57  ? 1.891   2.116   -6.124  1.00 32.51 ? 495 LEU A C   1 
ATOM   455  O O   . LEU A 1 57  ? 2.826   2.500   -6.854  1.00 34.45 ? 495 LEU A O   1 
ATOM   456  C CB  . LEU A 1 57  ? 1.762   4.126   -4.680  1.00 30.37 ? 495 LEU A CB  1 
ATOM   457  C CG  . LEU A 1 57  ? 0.652   4.631   -5.610  1.00 29.23 ? 495 LEU A CG  1 
ATOM   458  C CD1 . LEU A 1 57  ? -0.669  4.145   -5.106  1.00 24.47 ? 495 LEU A CD1 1 
ATOM   459  C CD2 . LEU A 1 57  ? 0.634   6.144   -5.758  1.00 33.87 ? 495 LEU A CD2 1 
ATOM   460  N N   . MET A 1 58  ? 0.940   1.267   -6.509  1.00 30.78 ? 496 MET A N   1 
ATOM   461  C CA  . MET A 1 58  ? 0.941   0.617   -7.813  1.00 30.90 ? 496 MET A CA  1 
ATOM   462  C C   . MET A 1 58  ? -0.243  1.081   -8.631  1.00 31.83 ? 496 MET A C   1 
ATOM   463  O O   . MET A 1 58  ? -1.001  1.944   -8.194  1.00 31.88 ? 496 MET A O   1 
ATOM   464  C CB  . MET A 1 58  ? 0.892   -0.903  -7.663  1.00 30.01 ? 496 MET A CB  1 
ATOM   465  C CG  . MET A 1 58  ? 1.754   -1.432  -6.541  1.00 32.99 ? 496 MET A CG  1 
ATOM   466  S SD  . MET A 1 58  ? 2.240   -3.149  -6.774  1.00 41.54 ? 496 MET A SD  1 
ATOM   467  C CE  . MET A 1 58  ? 3.813   -2.930  -7.646  1.00 33.98 ? 496 MET A CE  1 
ATOM   468  N N   . THR A 1 59  ? -0.390  0.501   -9.816  1.00 37.78 ? 497 THR A N   1 
ATOM   469  C CA  . THR A 1 59  ? -1.414  0.904   -10.769 1.00 33.09 ? 497 THR A CA  1 
ATOM   470  C C   . THR A 1 59  ? -2.795  0.941   -10.139 1.00 33.49 ? 497 THR A C   1 
ATOM   471  O O   . THR A 1 59  ? -3.490  1.959   -10.206 1.00 34.44 ? 497 THR A O   1 
ATOM   472  C CB  . THR A 1 59  ? -1.461  -0.070  -11.928 1.00 36.04 ? 497 THR A CB  1 
ATOM   473  O OG1 . THR A 1 59  ? -0.130  -0.314  -12.408 1.00 44.47 ? 497 THR A OG1 1 
ATOM   474  C CG2 . THR A 1 59  ? -2.313  0.496   -13.036 1.00 44.29 ? 497 THR A CG2 1 
ATOM   475  N N   . ASP A 1 60  ? -3.173  -0.166  -9.506  1.00 31.39 ? 498 ASP A N   1 
ATOM   476  C CA  . ASP A 1 60  ? -4.520  -0.335  -8.961  1.00 31.79 ? 498 ASP A CA  1 
ATOM   477  C C   . ASP A 1 60  ? -4.573  -0.591  -7.436  1.00 27.57 ? 498 ASP A C   1 
ATOM   478  O O   . ASP A 1 60  ? -5.653  -0.717  -6.855  1.00 25.32 ? 498 ASP A O   1 
ATOM   479  C CB  . ASP A 1 60  ? -5.231  -1.478  -9.704  1.00 25.49 ? 498 ASP A CB  1 
ATOM   480  C CG  . ASP A 1 60  ? -4.619  -2.850  -9.399  1.00 28.18 ? 498 ASP A CG  1 
ATOM   481  O OD1 . ASP A 1 60  ? -3.374  -2.965  -9.301  1.00 26.32 ? 498 ASP A OD1 1 
ATOM   482  O OD2 . ASP A 1 60  ? -5.387  -3.824  -9.250  1.00 30.12 ? 498 ASP A OD2 1 
ATOM   483  N N   . VAL A 1 61  ? -3.421  -0.670  -6.778  1.00 29.57 ? 499 VAL A N   1 
ATOM   484  C CA  . VAL A 1 61  ? -3.420  -1.037  -5.366  1.00 29.89 ? 499 VAL A CA  1 
ATOM   485  C C   . VAL A 1 61  ? -2.331  -0.377  -4.566  1.00 28.51 ? 499 VAL A C   1 
ATOM   486  O O   . VAL A 1 61  ? -1.352  0.099   -5.128  1.00 31.16 ? 499 VAL A O   1 
ATOM   487  C CB  . VAL A 1 61  ? -3.184  -2.540  -5.187  1.00 30.40 ? 499 VAL A CB  1 
ATOM   488  C CG1 . VAL A 1 61  ? -4.392  -3.325  -5.602  1.00 26.71 ? 499 VAL A CG1 1 
ATOM   489  C CG2 . VAL A 1 61  ? -1.961  -2.973  -5.977  1.00 25.94 ? 499 VAL A CG2 1 
ATOM   490  N N   . LEU A 1 62  ? -2.507  -0.378  -3.245  1.00 25.15 ? 500 LEU A N   1 
ATOM   491  C CA  . LEU A 1 62  ? -1.426  -0.086  -2.295  1.00 23.77 ? 500 LEU A CA  1 
ATOM   492  C C   . LEU A 1 62  ? -0.971  -1.380  -1.622  1.00 24.81 ? 500 LEU A C   1 
ATOM   493  O O   . LEU A 1 62  ? -1.791  -2.188  -1.153  1.00 26.99 ? 500 LEU A O   1 
ATOM   494  C CB  . LEU A 1 62  ? -1.886  0.873   -1.200  1.00 26.67 ? 500 LEU A CB  1 
ATOM   495  C CG  . LEU A 1 62  ? -1.767  2.356   -1.504  1.00 31.50 ? 500 LEU A CG  1 
ATOM   496  C CD1 . LEU A 1 62  ? -2.483  3.148   -0.433  1.00 37.85 ? 500 LEU A CD1 1 
ATOM   497  C CD2 . LEU A 1 62  ? -0.303  2.742   -1.568  1.00 29.20 ? 500 LEU A CD2 1 
ATOM   498  N N   . VAL A 1 63  ? 0.338   -1.567  -1.565  1.00 23.15 ? 501 VAL A N   1 
ATOM   499  C CA  . VAL A 1 63  ? 0.914   -2.748  -0.946  1.00 26.92 ? 501 VAL A CA  1 
ATOM   500  C C   . VAL A 1 63  ? 1.734   -2.340  0.274   1.00 28.67 ? 501 VAL A C   1 
ATOM   501  O O   . VAL A 1 63  ? 2.508   -1.378  0.232   1.00 30.60 ? 501 VAL A O   1 
ATOM   502  C CB  . VAL A 1 63  ? 1.799   -3.519  -1.939  1.00 26.91 ? 501 VAL A CB  1 
ATOM   503  C CG1 . VAL A 1 63  ? 2.469   -4.701  -1.238  1.00 23.24 ? 501 VAL A CG1 1 
ATOM   504  C CG2 . VAL A 1 63  ? 0.956   -3.982  -3.141  1.00 25.00 ? 501 VAL A CG2 1 
ATOM   505  N N   . PHE A 1 64  ? 1.541   -3.059  1.373   1.00 27.39 ? 502 PHE A N   1 
ATOM   506  C CA  . PHE A 1 64  ? 2.377   -2.880  2.548   1.00 29.79 ? 502 PHE A CA  1 
ATOM   507  C C   . PHE A 1 64  ? 3.323   -4.072  2.696   1.00 31.92 ? 502 PHE A C   1 
ATOM   508  O O   . PHE A 1 64  ? 2.896   -5.232  2.635   1.00 32.06 ? 502 PHE A O   1 
ATOM   509  C CB  . PHE A 1 64  ? 1.503   -2.749  3.794   1.00 32.46 ? 502 PHE A CB  1 
ATOM   510  C CG  . PHE A 1 64  ? 0.671   -1.503  3.823   1.00 31.56 ? 502 PHE A CG  1 
ATOM   511  C CD1 . PHE A 1 64  ? -0.620  -1.497  3.301   1.00 29.22 ? 502 PHE A CD1 1 
ATOM   512  C CD2 . PHE A 1 64  ? 1.176   -0.332  4.368   1.00 36.74 ? 502 PHE A CD2 1 
ATOM   513  C CE1 . PHE A 1 64  ? -1.389  -0.356  3.330   1.00 29.48 ? 502 PHE A CE1 1 
ATOM   514  C CE2 . PHE A 1 64  ? 0.402   0.823   4.401   1.00 38.38 ? 502 PHE A CE2 1 
ATOM   515  C CZ  . PHE A 1 64  ? -0.880  0.809   3.880   1.00 32.49 ? 502 PHE A CZ  1 
ATOM   516  N N   . LEU A 1 65  ? 4.609   -3.781  2.876   1.00 31.20 ? 503 LEU A N   1 
ATOM   517  C CA  . LEU A 1 65  ? 5.635   -4.812  3.060   1.00 36.08 ? 503 LEU A CA  1 
ATOM   518  C C   . LEU A 1 65  ? 6.457   -4.555  4.334   1.00 39.00 ? 503 LEU A C   1 
ATOM   519  O O   . LEU A 1 65  ? 6.497   -3.434  4.839   1.00 42.99 ? 503 LEU A O   1 
ATOM   520  C CB  . LEU A 1 65  ? 6.546   -4.865  1.832   1.00 39.08 ? 503 LEU A CB  1 
ATOM   521  C CG  . LEU A 1 65  ? 5.877   -5.222  0.502   1.00 36.94 ? 503 LEU A CG  1 
ATOM   522  C CD1 . LEU A 1 65  ? 6.841   -5.092  -0.681  1.00 38.68 ? 503 LEU A CD1 1 
ATOM   523  C CD2 . LEU A 1 65  ? 5.295   -6.623  0.561   1.00 38.89 ? 503 LEU A CD2 1 
ATOM   524  N N   . GLN A 1 66  ? 7.085   -5.597  4.867   1.00 47.05 ? 504 GLN A N   1 
ATOM   525  C CA  . GLN A 1 66  ? 7.996   -5.456  6.002   1.00 48.52 ? 504 GLN A CA  1 
ATOM   526  C C   . GLN A 1 66  ? 9.347   -6.062  5.646   1.00 51.83 ? 504 GLN A C   1 
ATOM   527  O O   . GLN A 1 66  ? 9.426   -7.057  4.890   1.00 52.80 ? 504 GLN A O   1 
ATOM   528  C CB  . GLN A 1 66  ? 7.451   -6.156  7.247   1.00 49.82 ? 504 GLN A CB  1 
ATOM   529  C CG  . GLN A 1 66  ? 6.699   -5.283  8.232   1.00 44.76 ? 504 GLN A CG  1 
ATOM   530  C CD  . GLN A 1 66  ? 6.088   -6.107  9.361   1.00 56.53 ? 504 GLN A CD  1 
ATOM   531  O OE1 . GLN A 1 66  ? 6.329   -7.311  9.474   1.00 51.77 ? 504 GLN A OE1 1 
ATOM   532  N NE2 . GLN A 1 66  ? 5.289   -5.462  10.194  1.00 55.88 ? 504 GLN A NE2 1 
ATOM   533  N N   . GLU A 1 67  ? 10.390  -5.454  6.214   1.00 60.08 ? 505 GLU A N   1 
ATOM   534  C CA  . GLU A 1 67  ? 11.783  -5.811  5.971   1.00 66.95 ? 505 GLU A CA  1 
ATOM   535  C C   . GLU A 1 67  ? 12.251  -6.872  6.972   1.00 71.47 ? 505 GLU A C   1 
ATOM   536  O O   . GLU A 1 67  ? 13.112  -6.618  7.819   1.00 77.78 ? 505 GLU A O   1 
ATOM   537  C CB  . GLU A 1 67  ? 12.677  -4.543  6.008   1.00 70.99 ? 505 GLU A CB  1 
ATOM   538  C CG  . GLU A 1 67  ? 12.797  -3.750  7.351   1.00 72.96 ? 505 GLU A CG  1 
ATOM   539  C CD  . GLU A 1 67  ? 11.581  -2.893  7.711   1.00 73.72 ? 505 GLU A CD  1 
ATOM   540  O OE1 . GLU A 1 67  ? 10.435  -3.364  7.539   1.00 63.07 ? 505 GLU A OE1 1 
ATOM   541  O OE2 . GLU A 1 67  ? 11.777  -1.746  8.185   1.00 72.05 ? 505 GLU A OE2 1 
ATOM   542  N N   . LYS A 1 68  ? 11.680  -8.070  6.879   1.00 67.67 ? 506 LYS A N   1 
ATOM   543  C CA  . LYS A 1 68  ? 11.972  -9.098  7.875   1.00 75.78 ? 506 LYS A CA  1 
ATOM   544  C C   . LYS A 1 68  ? 13.051  -10.065 7.427   1.00 82.36 ? 506 LYS A C   1 
ATOM   545  O O   . LYS A 1 68  ? 12.840  -10.861 6.516   1.00 79.56 ? 506 LYS A O   1 
ATOM   546  C CB  . LYS A 1 68  ? 10.715  -9.876  8.267   1.00 74.13 ? 506 LYS A CB  1 
ATOM   547  C CG  . LYS A 1 68  ? 10.988  -10.988 9.274   1.00 75.97 ? 506 LYS A CG  1 
ATOM   548  C CD  . LYS A 1 68  ? 9.702   -11.554 9.848   1.00 70.77 ? 506 LYS A CD  1 
ATOM   549  C CE  . LYS A 1 68  ? 9.990   -12.653 10.854  1.00 75.57 ? 506 LYS A CE  1 
ATOM   550  N NZ  . LYS A 1 68  ? 10.669  -13.811 10.217  1.00 70.78 ? 506 LYS A NZ  1 
ATOM   551  N N   . ASP A 1 69  ? 14.201  -9.992  8.089   1.00 84.74 ? 507 ASP A N   1 
ATOM   552  C CA  . ASP A 1 69  ? 15.304  -10.906 7.824   1.00 88.09 ? 507 ASP A CA  1 
ATOM   553  C C   . ASP A 1 69  ? 15.722  -10.897 6.358   1.00 83.88 ? 507 ASP A C   1 
ATOM   554  O O   . ASP A 1 69  ? 15.590  -11.908 5.670   1.00 87.05 ? 507 ASP A O   1 
ATOM   555  C CB  . ASP A 1 69  ? 14.927  -12.332 8.243   1.00 88.47 ? 507 ASP A CB  1 
ATOM   556  C CG  . ASP A 1 69  ? 15.594  -12.760 9.532   1.00 92.35 ? 507 ASP A CG  1 
ATOM   557  O OD1 . ASP A 1 69  ? 16.731  -12.313 9.792   1.00 91.18 ? 507 ASP A OD1 1 
ATOM   558  O OD2 . ASP A 1 69  ? 14.985  -13.553 10.279  1.00 93.08 ? 507 ASP A OD2 1 
ATOM   559  N N   . GLN A 1 70  ? 16.199  -9.749  5.881   1.00 83.74 ? 508 GLN A N   1 
ATOM   560  C CA  . GLN A 1 70  ? 16.794  -9.625  4.543   1.00 79.20 ? 508 GLN A CA  1 
ATOM   561  C C   . GLN A 1 70  ? 15.881  -10.008 3.355   1.00 77.96 ? 508 GLN A C   1 
ATOM   562  O O   . GLN A 1 70  ? 16.297  -9.964  2.190   1.00 70.16 ? 508 GLN A O   1 
ATOM   563  C CB  . GLN A 1 70  ? 18.053  -10.496 4.443   1.00 81.55 ? 508 GLN A CB  1 
ATOM   564  C CG  . GLN A 1 70  ? 18.901  -10.548 5.718   1.00 88.98 ? 508 GLN A CG  1 
ATOM   565  C CD  . GLN A 1 70  ? 19.505  -9.210  6.102   1.00 93.52 ? 508 GLN A CD  1 
ATOM   566  O OE1 . GLN A 1 70  ? 18.799  -8.276  6.498   1.00 90.30 ? 508 GLN A OE1 1 
ATOM   567  N NE2 . GLN A 1 70  ? 20.828  -9.115  5.996   1.00 94.26 ? 508 GLN A NE2 1 
ATOM   568  N N   . LYS A 1 71  ? 14.644  -10.388 3.648   1.00 77.86 ? 509 LYS A N   1 
ATOM   569  C CA  . LYS A 1 71  ? 13.667  -10.655 2.603   1.00 74.60 ? 509 LYS A CA  1 
ATOM   570  C C   . LYS A 1 71  ? 12.485  -9.730  2.878   1.00 69.33 ? 509 LYS A C   1 
ATOM   571  O O   . LYS A 1 71  ? 12.411  -9.093  3.933   1.00 73.94 ? 509 LYS A O   1 
ATOM   572  C CB  . LYS A 1 71  ? 13.205  -12.116 2.548   1.00 76.76 ? 509 LYS A CB  1 
ATOM   573  C CG  . LYS A 1 71  ? 12.577  -12.618 3.849   1.00 82.81 ? 509 LYS A CG  1 
ATOM   574  C CD  . LYS A 1 71  ? 12.044  -14.047 3.733   1.00 83.83 ? 509 LYS A CD  1 
ATOM   575  C CE  . LYS A 1 71  ? 11.510  -14.555 5.076   1.00 82.44 ? 509 LYS A CE  1 
ATOM   576  N NZ  . LYS A 1 71  ? 10.031  -14.493 5.198   1.00 68.52 ? 509 LYS A NZ  1 
ATOM   577  N N   . TYR A 1 72  ? 11.565  -9.649  1.926   1.00 68.85 ? 510 TYR A N   1 
ATOM   578  C CA  . TYR A 1 72  ? 10.356  -8.862  2.115   1.00 64.37 ? 510 TYR A CA  1 
ATOM   579  C C   . TYR A 1 72  ? 9.186   -9.790  2.414   1.00 56.08 ? 510 TYR A C   1 
ATOM   580  O O   . TYR A 1 72  ? 9.090   -10.879 1.848   1.00 59.00 ? 510 TYR A O   1 
ATOM   581  C CB  . TYR A 1 72  ? 10.064  -8.034  0.866   1.00 60.42 ? 510 TYR A CB  1 
ATOM   582  C CG  . TYR A 1 72  ? 10.950  -6.815  0.711   1.00 61.99 ? 510 TYR A CG  1 
ATOM   583  C CD1 . TYR A 1 72  ? 11.451  -6.143  1.821   1.00 67.31 ? 510 TYR A CD1 1 
ATOM   584  C CD2 . TYR A 1 72  ? 11.276  -6.326  -0.548  1.00 64.14 ? 510 TYR A CD2 1 
ATOM   585  C CE1 . TYR A 1 72  ? 12.255  -5.016  1.675   1.00 69.16 ? 510 TYR A CE1 1 
ATOM   586  C CE2 . TYR A 1 72  ? 12.079  -5.203  -0.701  1.00 62.47 ? 510 TYR A CE2 1 
ATOM   587  C CZ  . TYR A 1 72  ? 12.565  -4.556  0.409   1.00 62.64 ? 510 TYR A CZ  1 
ATOM   588  O OH  . TYR A 1 72  ? 13.365  -3.446  0.246   1.00 66.64 ? 510 TYR A OH  1 
ATOM   589  N N   . ILE A 1 73  ? 8.310   -9.379  3.324   1.00 55.39 ? 511 ILE A N   1 
ATOM   590  C CA  . ILE A 1 73  ? 7.107   -10.171 3.583   1.00 47.73 ? 511 ILE A CA  1 
ATOM   591  C C   . ILE A 1 73  ? 5.878   -9.291  3.655   1.00 43.85 ? 511 ILE A C   1 
ATOM   592  O O   . ILE A 1 73  ? 5.967   -8.108  3.983   1.00 44.74 ? 511 ILE A O   1 
ATOM   593  C CB  . ILE A 1 73  ? 7.176   -10.929 4.919   1.00 44.84 ? 511 ILE A CB  1 
ATOM   594  C CG1 . ILE A 1 73  ? 7.229   -9.939  6.082   1.00 48.64 ? 511 ILE A CG1 1 
ATOM   595  C CG2 . ILE A 1 73  ? 8.368   -11.852 4.949   1.00 55.25 ? 511 ILE A CG2 1 
ATOM   596  C CD1 . ILE A 1 73  ? 6.977   -10.559 7.436   1.00 48.03 ? 511 ILE A CD1 1 
ATOM   597  N N   . PHE A 1 74  ? 4.725   -9.869  3.346   1.00 46.23 ? 512 PHE A N   1 
ATOM   598  C CA  . PHE A 1 74  ? 3.473   -9.208  3.659   1.00 44.05 ? 512 PHE A CA  1 
ATOM   599  C C   . PHE A 1 74  ? 3.316   -9.293  5.163   1.00 46.46 ? 512 PHE A C   1 
ATOM   600  O O   . PHE A 1 74  ? 3.388   -10.375 5.734   1.00 51.95 ? 512 PHE A O   1 
ATOM   601  C CB  . PHE A 1 74  ? 2.295   -9.892  2.974   1.00 44.77 ? 512 PHE A CB  1 
ATOM   602  C CG  . PHE A 1 74  ? 2.409   -9.933  1.491   1.00 42.79 ? 512 PHE A CG  1 
ATOM   603  C CD1 . PHE A 1 74  ? 2.184   -8.789  0.740   1.00 40.69 ? 512 PHE A CD1 1 
ATOM   604  C CD2 . PHE A 1 74  ? 2.741   -11.111 0.843   1.00 44.26 ? 512 PHE A CD2 1 
ATOM   605  C CE1 . PHE A 1 74  ? 2.290   -8.819  -0.639  1.00 39.92 ? 512 PHE A CE1 1 
ATOM   606  C CE2 . PHE A 1 74  ? 2.858   -11.150 -0.534  1.00 44.13 ? 512 PHE A CE2 1 
ATOM   607  C CZ  . PHE A 1 74  ? 2.628   -10.002 -1.280  1.00 42.37 ? 512 PHE A CZ  1 
ATOM   608  N N   . PRO A 1 75  ? 3.131   -8.142  5.818   1.00 46.58 ? 513 PRO A N   1 
ATOM   609  C CA  . PRO A 1 75  ? 2.862   -8.121  7.254   1.00 48.83 ? 513 PRO A CA  1 
ATOM   610  C C   . PRO A 1 75  ? 1.462   -8.642  7.525   1.00 47.81 ? 513 PRO A C   1 
ATOM   611  O O   . PRO A 1 75  ? 0.637   -8.727  6.612   1.00 48.04 ? 513 PRO A O   1 
ATOM   612  C CB  . PRO A 1 75  ? 2.944   -6.633  7.598   1.00 49.82 ? 513 PRO A CB  1 
ATOM   613  C CG  . PRO A 1 75  ? 2.570   -5.948  6.346   1.00 43.85 ? 513 PRO A CG  1 
ATOM   614  C CD  . PRO A 1 75  ? 3.147   -6.788  5.244   1.00 42.53 ? 513 PRO A CD  1 
ATOM   615  N N   . THR A 1 76  ? 1.202   -9.003  8.771   1.00 50.72 ? 514 THR A N   1 
ATOM   616  C CA  . THR A 1 76  ? -0.096  -9.520  9.131   1.00 49.77 ? 514 THR A CA  1 
ATOM   617  C C   . THR A 1 76  ? -0.666  -8.664  10.258  1.00 49.65 ? 514 THR A C   1 
ATOM   618  O O   . THR A 1 76  ? -0.399  -8.938  11.428  1.00 52.78 ? 514 THR A O   1 
ATOM   619  C CB  . THR A 1 76  ? -0.003  -11.007 9.561   1.00 54.83 ? 514 THR A CB  1 
ATOM   620  O OG1 . THR A 1 76  ? 0.982   -11.688 8.767   1.00 51.12 ? 514 THR A OG1 1 
ATOM   621  C CG2 . THR A 1 76  ? -1.348  -11.694 9.385   1.00 57.19 ? 514 THR A CG2 1 
ATOM   622  N N   . LEU A 1 77  ? -1.405  -7.609  9.899   1.00 46.45 ? 515 LEU A N   1 
ATOM   623  C CA  . LEU A 1 77  ? -2.215  -6.848  10.857  1.00 43.08 ? 515 LEU A CA  1 
ATOM   624  C C   . LEU A 1 77  ? -3.666  -7.294  10.731  1.00 44.60 ? 515 LEU A C   1 
ATOM   625  O O   . LEU A 1 77  ? -3.969  -8.258  10.010  1.00 42.92 ? 515 LEU A O   1 
ATOM   626  C CB  . LEU A 1 77  ? -2.135  -5.333  10.629  1.00 45.83 ? 515 LEU A CB  1 
ATOM   627  C CG  . LEU A 1 77  ? -0.731  -4.725  10.868  1.00 60.96 ? 515 LEU A CG  1 
ATOM   628  C CD1 . LEU A 1 77  ? -0.672  -3.251  10.487  1.00 63.60 ? 515 LEU A CD1 1 
ATOM   629  C CD2 . LEU A 1 77  ? -0.156  -4.972  12.296  1.00 62.45 ? 515 LEU A CD2 1 
ATOM   630  N N   . ASP A 1 78  ? -4.552  -6.597  11.439  1.00 46.50 ? 516 ASP A N   1 
ATOM   631  C CA  . ASP A 1 78  ? -5.984  -6.844  11.389  1.00 48.89 ? 516 ASP A CA  1 
ATOM   632  C C   . ASP A 1 78  ? -6.602  -6.122  10.196  1.00 42.45 ? 516 ASP A C   1 
ATOM   633  O O   . ASP A 1 78  ? -7.809  -6.215  9.965   1.00 48.47 ? 516 ASP A O   1 
ATOM   634  C CB  . ASP A 1 78  ? -6.645  -6.384  12.690  1.00 52.86 ? 516 ASP A CB  1 
ATOM   635  C CG  . ASP A 1 78  ? -8.147  -6.637  12.712  1.00 73.24 ? 516 ASP A CG  1 
ATOM   636  O OD1 . ASP A 1 78  ? -8.538  -7.822  12.693  1.00 70.78 ? 516 ASP A OD1 1 
ATOM   637  O OD2 . ASP A 1 78  ? -8.934  -5.662  12.766  1.00 82.81 ? 516 ASP A OD2 1 
ATOM   638  N N   . LYS A 1 79  ? -5.781  -5.395  9.442   1.00 41.98 ? 517 LYS A N   1 
ATOM   639  C CA  . LYS A 1 79  ? -6.225  -4.841  8.164   1.00 35.61 ? 517 LYS A CA  1 
ATOM   640  C C   . LYS A 1 79  ? -5.474  -5.547  7.043   1.00 32.33 ? 517 LYS A C   1 
ATOM   641  O O   . LYS A 1 79  ? -4.338  -5.977  7.228   1.00 35.66 ? 517 LYS A O   1 
ATOM   642  C CB  . LYS A 1 79  ? -5.984  -3.325  8.099   1.00 33.84 ? 517 LYS A CB  1 
ATOM   643  C CG  . LYS A 1 79  ? -6.769  -2.499  9.123   1.00 26.73 ? 517 LYS A CG  1 
ATOM   644  C CD  . LYS A 1 79  ? -6.207  -1.085  9.224   1.00 28.30 ? 517 LYS A CD  1 
ATOM   645  C CE  . LYS A 1 79  ? -6.608  -0.408  10.518  1.00 31.07 ? 517 LYS A CE  1 
ATOM   646  N NZ  . LYS A 1 79  ? -8.078  -0.461  10.789  1.00 35.09 ? 517 LYS A NZ  1 
ATOM   647  N N   . PRO A 1 80  ? -6.119  -5.705  5.883   1.00 33.16 ? 518 PRO A N   1 
ATOM   648  C CA  . PRO A 1 80  ? -5.428  -6.286  4.723   1.00 31.78 ? 518 PRO A CA  1 
ATOM   649  C C   . PRO A 1 80  ? -4.133  -5.535  4.390   1.00 32.49 ? 518 PRO A C   1 
ATOM   650  O O   . PRO A 1 80  ? -4.068  -4.326  4.601   1.00 35.87 ? 518 PRO A O   1 
ATOM   651  C CB  . PRO A 1 80  ? -6.456  -6.116  3.602   1.00 31.47 ? 518 PRO A CB  1 
ATOM   652  C CG  . PRO A 1 80  ? -7.777  -6.211  4.322   1.00 31.42 ? 518 PRO A CG  1 
ATOM   653  C CD  . PRO A 1 80  ? -7.562  -5.508  5.636   1.00 26.76 ? 518 PRO A CD  1 
ATOM   654  N N   . SER A 1 81  ? -3.115  -6.240  3.904   1.00 29.98 ? 519 SER A N   1 
ATOM   655  C CA  . SER A 1 81  ? -1.848  -5.605  3.561   1.00 29.92 ? 519 SER A CA  1 
ATOM   656  C C   . SER A 1 81  ? -1.865  -5.148  2.105   1.00 32.20 ? 519 SER A C   1 
ATOM   657  O O   . SER A 1 81  ? -0.952  -4.455  1.632   1.00 26.95 ? 519 SER A O   1 
ATOM   658  C CB  . SER A 1 81  ? -0.688  -6.573  3.772   1.00 36.91 ? 519 SER A CB  1 
ATOM   659  O OG  . SER A 1 81  ? -0.616  -7.011  5.113   1.00 36.11 ? 519 SER A OG  1 
ATOM   660  N N   . VAL A 1 82  ? -2.900  -5.553  1.387   1.00 24.23 ? 520 VAL A N   1 
ATOM   661  C CA  . VAL A 1 82  ? -3.095  -5.026  0.059   1.00 24.66 ? 520 VAL A CA  1 
ATOM   662  C C   . VAL A 1 82  ? -4.459  -4.349  -0.014  1.00 26.03 ? 520 VAL A C   1 
ATOM   663  O O   . VAL A 1 82  ? -5.453  -4.865  0.503   1.00 27.13 ? 520 VAL A O   1 
ATOM   664  C CB  . VAL A 1 82  ? -2.915  -6.112  -1.005  1.00 27.12 ? 520 VAL A CB  1 
ATOM   665  C CG1 . VAL A 1 82  ? -3.293  -5.579  -2.371  1.00 23.24 ? 520 VAL A CG1 1 
ATOM   666  C CG2 . VAL A 1 82  ? -1.459  -6.589  -1.009  1.00 26.19 ? 520 VAL A CG2 1 
ATOM   667  N N   . VAL A 1 83  ? -4.497  -3.166  -0.620  1.00 24.92 ? 521 VAL A N   1 
ATOM   668  C CA  . VAL A 1 83  ? -5.718  -2.361  -0.621  1.00 22.89 ? 521 VAL A CA  1 
ATOM   669  C C   . VAL A 1 83  ? -6.045  -1.869  -2.007  1.00 19.42 ? 521 VAL A C   1 
ATOM   670  O O   . VAL A 1 83  ? -5.174  -1.415  -2.749  1.00 28.16 ? 521 VAL A O   1 
ATOM   671  C CB  . VAL A 1 83  ? -5.566  -1.096  0.267   1.00 26.60 ? 521 VAL A CB  1 
ATOM   672  C CG1 . VAL A 1 83  ? -6.925  -0.496  0.574   1.00 25.18 ? 521 VAL A CG1 1 
ATOM   673  C CG2 . VAL A 1 83  ? -4.851  -1.426  1.543   1.00 25.03 ? 521 VAL A CG2 1 
ATOM   674  N N   . SER A 1 84  ? -7.313  -1.918  -2.355  1.00 23.51 ? 522 SER A N   1 
ATOM   675  C CA  . SER A 1 84  ? -7.701  -1.449  -3.666  1.00 29.89 ? 522 SER A CA  1 
ATOM   676  C C   . SER A 1 84  ? -7.685  0.069   -3.690  1.00 25.09 ? 522 SER A C   1 
ATOM   677  O O   . SER A 1 84  ? -8.153  0.711   -2.759  1.00 20.69 ? 522 SER A O   1 
ATOM   678  C CB  . SER A 1 84  ? -9.081  -1.975  -4.045  1.00 24.58 ? 522 SER A CB  1 
ATOM   679  O OG  . SER A 1 84  ? -9.630  -1.173  -5.068  1.00 31.38 ? 522 SER A OG  1 
ATOM   680  N N   . LEU A 1 85  ? -7.142  0.624   -4.768  1.00 25.71 ? 523 LEU A N   1 
ATOM   681  C CA  . LEU A 1 85  ? -7.104  2.061   -4.985  1.00 23.84 ? 523 LEU A CA  1 
ATOM   682  C C   . LEU A 1 85  ? -8.448  2.681   -5.379  1.00 26.64 ? 523 LEU A C   1 
ATOM   683  O O   . LEU A 1 85  ? -8.608  3.900   -5.345  1.00 29.77 ? 523 LEU A O   1 
ATOM   684  C CB  . LEU A 1 85  ? -6.089  2.357   -6.076  1.00 26.27 ? 523 LEU A CB  1 
ATOM   685  C CG  . LEU A 1 85  ? -4.670  2.435   -5.539  1.00 27.41 ? 523 LEU A CG  1 
ATOM   686  C CD1 . LEU A 1 85  ? -3.706  2.762   -6.655  1.00 26.73 ? 523 LEU A CD1 1 
ATOM   687  C CD2 . LEU A 1 85  ? -4.616  3.507   -4.468  1.00 27.22 ? 523 LEU A CD2 1 
ATOM   688  N N   . GLN A 1 86  ? -9.414  1.846   -5.745  1.00 24.82 ? 524 GLN A N   1 
ATOM   689  C CA  . GLN A 1 86  ? -10.642 2.345   -6.371  1.00 35.83 ? 524 GLN A CA  1 
ATOM   690  C C   . GLN A 1 86  ? -11.476 3.144   -5.377  1.00 28.32 ? 524 GLN A C   1 
ATOM   691  O O   . GLN A 1 86  ? -11.863 2.620   -4.338  1.00 32.52 ? 524 GLN A O   1 
ATOM   692  C CB  . GLN A 1 86  ? -11.449 1.190   -6.999  1.00 36.53 ? 524 GLN A CB  1 
ATOM   693  C CG  . GLN A 1 86  ? -12.864 1.542   -7.480  1.00 35.82 ? 524 GLN A CG  1 
ATOM   694  C CD  . GLN A 1 86  ? -13.636 0.323   -8.016  1.00 44.98 ? 524 GLN A CD  1 
ATOM   695  O OE1 . GLN A 1 86  ? -14.161 -0.497  -7.252  1.00 39.04 ? 524 GLN A OE1 1 
ATOM   696  N NE2 . GLN A 1 86  ? -13.705 0.210   -9.335  1.00 42.85 ? 524 GLN A NE2 1 
ATOM   697  N N   . ASN A 1 87  ? -11.717 4.416   -5.694  1.00 29.62 ? 525 ASN A N   1 
ATOM   698  C CA  . ASN A 1 87  ? -12.508 5.327   -4.851  1.00 25.66 ? 525 ASN A CA  1 
ATOM   699  C C   . ASN A 1 87  ? -11.880 5.604   -3.489  1.00 28.11 ? 525 ASN A C   1 
ATOM   700  O O   . ASN A 1 87  ? -12.545 6.073   -2.556  1.00 30.69 ? 525 ASN A O   1 
ATOM   701  C CB  . ASN A 1 87  ? -13.945 4.814   -4.656  1.00 28.84 ? 525 ASN A CB  1 
ATOM   702  C CG  . ASN A 1 87  ? -14.707 4.687   -5.959  1.00 37.03 ? 525 ASN A CG  1 
ATOM   703  O OD1 . ASN A 1 87  ? -14.634 5.561   -6.832  1.00 30.08 ? 525 ASN A OD1 1 
ATOM   704  N ND2 . ASN A 1 87  ? -15.455 3.593   -6.097  1.00 38.45 ? 525 ASN A ND2 1 
ATOM   705  N N   . LEU A 1 88  ? -10.597 5.309   -3.365  1.00 26.94 ? 526 LEU A N   1 
ATOM   706  C CA  . LEU A 1 88  ? -9.895  5.645   -2.148  1.00 27.12 ? 526 LEU A CA  1 
ATOM   707  C C   . LEU A 1 88  ? -9.751  7.170   -2.011  1.00 28.27 ? 526 LEU A C   1 
ATOM   708  O O   . LEU A 1 88  ? -9.550  7.874   -3.001  1.00 26.75 ? 526 LEU A O   1 
ATOM   709  C CB  . LEU A 1 88  ? -8.533  4.962   -2.146  1.00 29.51 ? 526 LEU A CB  1 
ATOM   710  C CG  . LEU A 1 88  ? -7.550  5.314   -1.029  1.00 23.91 ? 526 LEU A CG  1 
ATOM   711  C CD1 . LEU A 1 88  ? -6.703  4.111   -0.736  1.00 18.50 ? 526 LEU A CD1 1 
ATOM   712  C CD2 . LEU A 1 88  ? -6.686  6.478   -1.441  1.00 19.59 ? 526 LEU A CD2 1 
ATOM   713  N N   . ILE A 1 89  ? -9.850  7.665   -0.780  1.00 24.50 ? 527 ILE A N   1 
ATOM   714  C CA  . ILE A 1 89  ? -9.694  9.091   -0.501  1.00 24.53 ? 527 ILE A CA  1 
ATOM   715  C C   . ILE A 1 89  ? -8.638  9.323   0.558   1.00 27.04 ? 527 ILE A C   1 
ATOM   716  O O   . ILE A 1 89  ? -8.419  8.476   1.439   1.00 25.66 ? 527 ILE A O   1 
ATOM   717  C CB  . ILE A 1 89  ? -10.991 9.718   0.031   1.00 31.17 ? 527 ILE A CB  1 
ATOM   718  C CG1 . ILE A 1 89  ? -11.478 8.955   1.281   1.00 23.52 ? 527 ILE A CG1 1 
ATOM   719  C CG2 . ILE A 1 89  ? -12.033 9.797   -1.074  1.00 16.85 ? 527 ILE A CG2 1 
ATOM   720  C CD1 . ILE A 1 89  ? -12.681 9.565   1.938   1.00 23.26 ? 527 ILE A CD1 1 
ATOM   721  N N   . VAL A 1 90  ? -7.993  10.485  0.490   1.00 28.08 ? 528 VAL A N   1 
ATOM   722  C CA  . VAL A 1 90  ? -6.991  10.834  1.491   1.00 20.97 ? 528 VAL A CA  1 
ATOM   723  C C   . VAL A 1 90  ? -7.508  11.924  2.406   1.00 22.25 ? 528 VAL A C   1 
ATOM   724  O O   . VAL A 1 90  ? -8.019  12.941  1.940   1.00 26.67 ? 528 VAL A O   1 
ATOM   725  C CB  . VAL A 1 90  ? -5.676  11.273  0.838   1.00 23.56 ? 528 VAL A CB  1 
ATOM   726  C CG1 . VAL A 1 90  ? -4.620  11.528  1.900   1.00 26.43 ? 528 VAL A CG1 1 
ATOM   727  C CG2 . VAL A 1 90  ? -5.210  10.201  -0.117  1.00 25.18 ? 528 VAL A CG2 1 
ATOM   728  N N   . ARG A 1 91  ? -7.400  11.701  3.710   1.00 24.48 ? 529 ARG A N   1 
ATOM   729  C CA  . ARG A 1 91  ? -7.709  12.749  4.685   1.00 24.90 ? 529 ARG A CA  1 
ATOM   730  C C   . ARG A 1 91  ? -6.466  13.139  5.472   1.00 27.46 ? 529 ARG A C   1 
ATOM   731  O O   . ARG A 1 91  ? -5.584  12.311  5.713   1.00 24.37 ? 529 ARG A O   1 
ATOM   732  C CB  . ARG A 1 91  ? -8.804  12.302  5.660   1.00 22.45 ? 529 ARG A CB  1 
ATOM   733  C CG  . ARG A 1 91  ? -10.193 12.197  5.029   1.00 26.63 ? 529 ARG A CG  1 
ATOM   734  C CD  . ARG A 1 91  ? -10.542 13.505  4.369   1.00 22.67 ? 529 ARG A CD  1 
ATOM   735  N NE  . ARG A 1 91  ? -11.862 13.486  3.752   1.00 27.21 ? 529 ARG A NE  1 
ATOM   736  C CZ  . ARG A 1 91  ? -12.067 13.325  2.451   1.00 27.11 ? 529 ARG A CZ  1 
ATOM   737  N NH1 . ARG A 1 91  ? -11.035 13.158  1.630   1.00 21.26 ? 529 ARG A NH1 1 
ATOM   738  N NH2 . ARG A 1 91  ? -13.301 13.338  1.973   1.00 27.91 ? 529 ARG A NH2 1 
ATOM   739  N N   . ASP A 1 92  ? -6.408  14.406  5.866   1.00 32.88 ? 530 ASP A N   1 
ATOM   740  C CA  . ASP A 1 92  ? -5.367  14.901  6.748   1.00 30.22 ? 530 ASP A CA  1 
ATOM   741  C C   . ASP A 1 92  ? -5.705  14.544  8.176   1.00 27.26 ? 530 ASP A C   1 
ATOM   742  O O   . ASP A 1 92  ? -6.874  14.477  8.536   1.00 28.36 ? 530 ASP A O   1 
ATOM   743  C CB  . ASP A 1 92  ? -5.311  16.424  6.699   1.00 31.94 ? 530 ASP A CB  1 
ATOM   744  C CG  . ASP A 1 92  ? -4.808  16.952  5.390   1.00 33.02 ? 530 ASP A CG  1 
ATOM   745  O OD1 . ASP A 1 92  ? -4.065  16.231  4.679   1.00 31.42 ? 530 ASP A OD1 1 
ATOM   746  O OD2 . ASP A 1 92  ? -5.157  18.111  5.092   1.00 34.47 ? 530 ASP A OD2 1 
ATOM   747  N N   . ILE A 1 93  ? -4.681  14.359  9.003   1.00 28.47 ? 531 ILE A N   1 
ATOM   748  C CA  . ILE A 1 93  ? -4.893  14.223  10.436  1.00 29.03 ? 531 ILE A CA  1 
ATOM   749  C C   . ILE A 1 93  ? -4.791  15.591  11.116  1.00 38.41 ? 531 ILE A C   1 
ATOM   750  O O   . ILE A 1 93  ? -3.755  16.266  11.040  1.00 41.67 ? 531 ILE A O   1 
ATOM   751  C CB  . ILE A 1 93  ? -3.878  13.259  11.057  1.00 28.09 ? 531 ILE A CB  1 
ATOM   752  C CG1 . ILE A 1 93  ? -3.884  11.921  10.304  1.00 24.54 ? 531 ILE A CG1 1 
ATOM   753  C CG2 . ILE A 1 93  ? -4.147  13.089  12.540  1.00 28.03 ? 531 ILE A CG2 1 
ATOM   754  C CD1 . ILE A 1 93  ? -2.939  10.886  10.907  1.00 24.46 ? 531 ILE A CD1 1 
ATOM   755  N N   . ALA A 1 94  ? -5.879  15.991  11.768  1.00 39.62 ? 532 ALA A N   1 
ATOM   756  C CA  . ALA A 1 94  ? -5.922  17.215  12.572  1.00 42.24 ? 532 ALA A CA  1 
ATOM   757  C C   . ALA A 1 94  ? -4.680  17.404  13.416  1.00 35.76 ? 532 ALA A C   1 
ATOM   758  O O   . ALA A 1 94  ? -4.420  16.600  14.321  1.00 42.21 ? 532 ALA A O   1 
ATOM   759  C CB  . ALA A 1 94  ? -7.147  17.203  13.480  1.00 36.67 ? 532 ALA A CB  1 
ATOM   760  N N   . ASN A 1 95  ? -3.933  18.468  13.107  1.00 39.98 ? 533 ASN A N   1 
ATOM   761  C CA  . ASN A 1 95  ? -2.766  18.927  13.890  1.00 41.66 ? 533 ASN A CA  1 
ATOM   762  C C   . ASN A 1 95  ? -1.490  18.109  13.699  1.00 38.01 ? 533 ASN A C   1 
ATOM   763  O O   . ASN A 1 95  ? -0.472  18.393  14.317  1.00 37.40 ? 533 ASN A O   1 
ATOM   764  C CB  . ASN A 1 95  ? -3.112  19.062  15.381  1.00 38.64 ? 533 ASN A CB  1 
ATOM   765  C CG  . ASN A 1 95  ? -4.375  19.878  15.606  1.00 49.13 ? 533 ASN A CG  1 
ATOM   766  O OD1 . ASN A 1 95  ? -4.630  20.856  14.887  1.00 46.51 ? 533 ASN A OD1 1 
ATOM   767  N ND2 . ASN A 1 95  ? -5.185  19.471  16.584  1.00 38.56 ? 533 ASN A ND2 1 
ATOM   768  N N   . GLN A 1 96  ? -1.554  17.099  12.836  1.00 37.75 ? 534 GLN A N   1 
ATOM   769  C CA  . GLN A 1 96  ? -0.408  16.236  12.587  1.00 34.98 ? 534 GLN A CA  1 
ATOM   770  C C   . GLN A 1 96  ? 0.026   16.313  11.128  1.00 35.47 ? 534 GLN A C   1 
ATOM   771  O O   . GLN A 1 96  ? -0.250  15.411  10.341  1.00 41.83 ? 534 GLN A O   1 
ATOM   772  C CB  . GLN A 1 96  ? -0.722  14.795  13.001  1.00 31.30 ? 534 GLN A CB  1 
ATOM   773  C CG  . GLN A 1 96  ? -1.278  14.702  14.418  1.00 29.33 ? 534 GLN A CG  1 
ATOM   774  C CD  . GLN A 1 96  ? -1.394  13.275  14.927  1.00 36.80 ? 534 GLN A CD  1 
ATOM   775  O OE1 . GLN A 1 96  ? -0.650  12.382  14.506  1.00 34.30 ? 534 GLN A OE1 1 
ATOM   776  N NE2 . GLN A 1 96  ? -2.334  13.055  15.843  1.00 33.35 ? 534 GLN A NE2 1 
ATOM   777  N N   . GLU A 1 97  ? 0.722   17.399  10.796  1.00 32.70 ? 535 GLU A N   1 
ATOM   778  C CA  . GLU A 1 97  ? 1.225   17.703  9.455   1.00 33.76 ? 535 GLU A CA  1 
ATOM   779  C C   . GLU A 1 97  ? 1.894   16.555  8.681   1.00 33.76 ? 535 GLU A C   1 
ATOM   780  O O   . GLU A 1 97  ? 2.022   16.637  7.471   1.00 28.08 ? 535 GLU A O   1 
ATOM   781  C CB  . GLU A 1 97  ? 2.199   18.891  9.532   1.00 34.34 ? 535 GLU A CB  1 
ATOM   782  C CG  . GLU A 1 97  ? 1.523   20.255  9.680   1.00 43.98 ? 535 GLU A CG  1 
ATOM   783  C CD  . GLU A 1 97  ? 1.556   20.835  11.105  1.00 51.26 ? 535 GLU A CD  1 
ATOM   784  O OE1 . GLU A 1 97  ? 1.279   20.096  12.082  1.00 47.11 ? 535 GLU A OE1 1 
ATOM   785  O OE2 . GLU A 1 97  ? 1.855   22.046  11.238  1.00 52.74 ? 535 GLU A OE2 1 
ATOM   786  N N   . LYS A 1 98  ? 2.338   15.508  9.370   1.00 31.46 ? 536 LYS A N   1 
ATOM   787  C CA  . LYS A 1 98  ? 3.062   14.420  8.723   1.00 33.42 ? 536 LYS A CA  1 
ATOM   788  C C   . LYS A 1 98  ? 2.205   13.169  8.619   1.00 33.95 ? 536 LYS A C   1 
ATOM   789  O O   . LYS A 1 98  ? 2.650   12.134  8.119   1.00 37.86 ? 536 LYS A O   1 
ATOM   790  C CB  . LYS A 1 98  ? 4.350   14.106  9.486   1.00 32.84 ? 536 LYS A CB  1 
ATOM   791  C CG  . LYS A 1 98  ? 5.329   15.271  9.534   1.00 39.42 ? 536 LYS A CG  1 
ATOM   792  C CD  . LYS A 1 98  ? 6.607   14.894  10.246  1.00 35.79 ? 536 LYS A CD  1 
ATOM   793  C CE  . LYS A 1 98  ? 6.381   14.708  11.734  1.00 43.44 ? 536 LYS A CE  1 
ATOM   794  N NZ  . LYS A 1 98  ? 7.629   14.261  12.428  1.00 49.66 ? 536 LYS A NZ  1 
ATOM   795  N N   . GLY A 1 99  ? 0.969   13.259  9.093   1.00 29.56 ? 537 GLY A N   1 
ATOM   796  C CA  . GLY A 1 99  ? 0.084   12.106  9.067   1.00 30.22 ? 537 GLY A CA  1 
ATOM   797  C C   . GLY A 1 99  ? -1.040  12.210  8.064   1.00 26.15 ? 537 GLY A C   1 
ATOM   798  O O   . GLY A 1 99  ? -1.437  13.299  7.636   1.00 27.84 ? 537 GLY A O   1 
ATOM   799  N N   . MET A 1 100 ? -1.557  11.055  7.678   1.00 28.25 ? 538 MET A N   1 
ATOM   800  C CA  . MET A 1 100 ? -2.702  11.002  6.785   1.00 25.00 ? 538 MET A CA  1 
ATOM   801  C C   . MET A 1 100 ? -3.503  9.731   7.006   1.00 23.09 ? 538 MET A C   1 
ATOM   802  O O   . MET A 1 100 ? -2.962  8.667   7.367   1.00 23.13 ? 538 MET A O   1 
ATOM   803  C CB  . MET A 1 100 ? -2.264  11.119  5.331   1.00 26.30 ? 538 MET A CB  1 
ATOM   804  C CG  . MET A 1 100 ? -1.282  10.061  4.913   1.00 24.73 ? 538 MET A CG  1 
ATOM   805  S SD  . MET A 1 100 ? -0.652  10.379  3.254   1.00 36.70 ? 538 MET A SD  1 
ATOM   806  C CE  . MET A 1 100 ? 0.659   9.159   3.210   1.00 35.12 ? 538 MET A CE  1 
ATOM   807  N N   . PHE A 1 101 ? -4.808  9.881   6.825   1.00 22.38 ? 539 PHE A N   1 
ATOM   808  C CA  . PHE A 1 101 ? -5.737  8.780   6.850   1.00 23.46 ? 539 PHE A CA  1 
ATOM   809  C C   . PHE A 1 101 ? -5.991  8.403   5.397   1.00 24.92 ? 539 PHE A C   1 
ATOM   810  O O   . PHE A 1 101 ? -6.198  9.268   4.540   1.00 21.90 ? 539 PHE A O   1 
ATOM   811  C CB  . PHE A 1 101 ? -7.064  9.207   7.485   1.00 24.87 ? 539 PHE A CB  1 
ATOM   812  C CG  . PHE A 1 101 ? -7.008  9.432   8.980   1.00 27.48 ? 539 PHE A CG  1 
ATOM   813  C CD1 . PHE A 1 101 ? -6.630  8.409   9.845   1.00 27.97 ? 539 PHE A CD1 1 
ATOM   814  C CD2 . PHE A 1 101 ? -7.383  10.662  9.524   1.00 24.80 ? 539 PHE A CD2 1 
ATOM   815  C CE1 . PHE A 1 101 ? -6.611  8.617   11.216  1.00 29.64 ? 539 PHE A CE1 1 
ATOM   816  C CE2 . PHE A 1 101 ? -7.380  10.864  10.879  1.00 27.89 ? 539 PHE A CE2 1 
ATOM   817  C CZ  . PHE A 1 101 ? -6.983  9.842   11.732  1.00 26.63 ? 539 PHE A CZ  1 
ATOM   818  N N   . LEU A 1 102 ? -5.967  7.110   5.128   1.00 25.35 ? 540 LEU A N   1 
ATOM   819  C CA  . LEU A 1 102 ? -6.268  6.575   3.809   1.00 24.92 ? 540 LEU A CA  1 
ATOM   820  C C   . LEU A 1 102 ? -7.516  5.744   3.969   1.00 21.13 ? 540 LEU A C   1 
ATOM   821  O O   . LEU A 1 102 ? -7.492  4.729   4.642   1.00 21.05 ? 540 LEU A O   1 
ATOM   822  C CB  . LEU A 1 102 ? -5.126  5.684   3.346   1.00 20.35 ? 540 LEU A CB  1 
ATOM   823  C CG  . LEU A 1 102 ? -3.770  6.347   3.103   1.00 25.32 ? 540 LEU A CG  1 
ATOM   824  C CD1 . LEU A 1 102 ? -2.691  5.335   2.789   1.00 24.72 ? 540 LEU A CD1 1 
ATOM   825  C CD2 . LEU A 1 102 ? -3.935  7.335   1.978   1.00 25.29 ? 540 LEU A CD2 1 
ATOM   826  N N   . ILE A 1 103 ? -8.616  6.186   3.381   1.00 21.26 ? 541 ILE A N   1 
ATOM   827  C CA  . ILE A 1 103 ? -9.879  5.494   3.555   1.00 24.15 ? 541 ILE A CA  1 
ATOM   828  C C   . ILE A 1 103 ? -10.278 4.801   2.260   1.00 28.31 ? 541 ILE A C   1 
ATOM   829  O O   . ILE A 1 103 ? -10.404 5.432   1.217   1.00 25.83 ? 541 ILE A O   1 
ATOM   830  C CB  . ILE A 1 103 ? -10.959 6.478   3.957   1.00 27.05 ? 541 ILE A CB  1 
ATOM   831  C CG1 . ILE A 1 103 ? -10.538 7.173   5.253   1.00 29.09 ? 541 ILE A CG1 1 
ATOM   832  C CG2 . ILE A 1 103 ? -12.297 5.773   4.094   1.00 25.25 ? 541 ILE A CG2 1 
ATOM   833  C CD1 . ILE A 1 103 ? -11.138 8.534   5.424   1.00 26.36 ? 541 ILE A CD1 1 
ATOM   834  N N   . SER A 1 104 ? -10.438 3.505   2.314   1.00 28.61 ? 542 SER A N   1 
ATOM   835  C CA  . SER A 1 104 ? -10.715 2.720   1.134   1.00 30.76 ? 542 SER A CA  1 
ATOM   836  C C   . SER A 1 104 ? -12.159 2.338   1.009   1.00 31.02 ? 542 SER A C   1 
ATOM   837  O O   . SER A 1 104 ? -12.878 2.431   1.935   1.00 32.00 ? 542 SER A O   1 
ATOM   838  C CB  . SER A 1 104 ? -9.862  1.481   1.127   1.00 26.66 ? 542 SER A CB  1 
ATOM   839  O OG  . SER A 1 104 ? -10.290 0.599   2.089   1.00 33.98 ? 542 SER A OG  1 
ATOM   840  N N   . ALA A 1 105 ? -12.573 1.946   -0.179  1.00 32.51 ? 543 ALA A N   1 
ATOM   841  C CA  . ALA A 1 105 ? -13.967 1.634   -0.466  1.00 31.56 ? 543 ALA A CA  1 
ATOM   842  C C   . ALA A 1 105 ? -14.189 0.165   -0.792  1.00 34.96 ? 543 ALA A C   1 
ATOM   843  O O   . ALA A 1 105 ? -15.281 -0.332  -0.716  1.00 34.30 ? 543 ALA A O   1 
ATOM   844  C CB  . ALA A 1 105 ? -14.488 2.522   -1.549  1.00 28.88 ? 543 ALA A CB  1 
ATOM   845  N N   . ALA A 1 106 ? -13.112 -0.530  -1.061  1.00 30.00 ? 544 ALA A N   1 
ATOM   846  C CA  . ALA A 1 106 ? -13.168 -1.930  -1.309  1.00 30.00 ? 544 ALA A CA  1 
ATOM   847  C C   . ALA A 1 106 ? -12.538 -2.828  -0.297  1.00 30.00 ? 544 ALA A C   1 
ATOM   848  O O   . ALA A 1 106 ? -11.437 -3.233  -0.484  1.00 30.00 ? 544 ALA A O   1 
ATOM   849  C CB  . ALA A 1 106 ? -12.493 -2.177  -2.611  1.00 30.00 ? 544 ALA A CB  1 
ATOM   850  N N   . PRO A 1 107 ? -13.220 -3.215  0.750   1.00 33.76 ? 545 PRO A N   1 
ATOM   851  C CA  . PRO A 1 107 ? -14.433 -2.617  1.241   1.00 32.06 ? 545 PRO A CA  1 
ATOM   852  C C   . PRO A 1 107 ? -14.009 -1.456  2.067   1.00 33.73 ? 545 PRO A C   1 
ATOM   853  O O   . PRO A 1 107 ? -12.847 -1.167  2.046   1.00 30.54 ? 545 PRO A O   1 
ATOM   854  C CB  . PRO A 1 107 ? -15.003 -3.679  2.132   1.00 27.31 ? 545 PRO A CB  1 
ATOM   855  C CG  . PRO A 1 107 ? -13.931 -4.618  2.401   1.00 31.13 ? 545 PRO A CG  1 
ATOM   856  C CD  . PRO A 1 107 ? -12.894 -4.478  1.390   1.00 33.54 ? 545 PRO A CD  1 
ATOM   857  N N   . PRO A 1 108 ? -14.920 -0.812  2.764   1.00 33.84 ? 546 PRO A N   1 
ATOM   858  C CA  . PRO A 1 108 ? -14.566 0.293   3.637   1.00 31.10 ? 546 PRO A CA  1 
ATOM   859  C C   . PRO A 1 108 ? -13.547 -0.087  4.675   1.00 30.63 ? 546 PRO A C   1 
ATOM   860  O O   . PRO A 1 108 ? -13.632 -1.056  5.366   1.00 27.55 ? 546 PRO A O   1 
ATOM   861  C CB  . PRO A 1 108 ? -15.880 0.653   4.270   1.00 29.59 ? 546 PRO A CB  1 
ATOM   862  C CG  . PRO A 1 108 ? -16.824 0.392   3.182   1.00 36.65 ? 546 PRO A CG  1 
ATOM   863  C CD  . PRO A 1 108 ? -16.360 -0.874  2.564   1.00 33.40 ? 546 PRO A CD  1 
ATOM   864  N N   . GLU A 1 109 ? -12.511 0.711   4.702   1.00 29.52 ? 547 GLU A N   1 
ATOM   865  C CA  . GLU A 1 109 ? -11.480 0.488   5.703   1.00 26.52 ? 547 GLU A CA  1 
ATOM   866  C C   . GLU A 1 109 ? -10.701 1.781   5.898   1.00 27.83 ? 547 GLU A C   1 
ATOM   867  O O   . GLU A 1 109 ? -10.775 2.685   5.063   1.00 30.35 ? 547 GLU A O   1 
ATOM   868  C CB  . GLU A 1 109 ? -10.544 -0.652  5.272   1.00 25.75 ? 547 GLU A CB  1 
ATOM   869  C CG  . GLU A 1 109 ? -9.556  -1.161  6.365   1.00 26.27 ? 547 GLU A CG  1 
ATOM   870  C CD  . GLU A 1 109 ? -10.233 -1.395  7.720   1.00 29.22 ? 547 GLU A CD  1 
ATOM   871  O OE1 . GLU A 1 109 ? -10.482 -0.416  8.444   1.00 30.42 ? 547 GLU A OE1 1 
ATOM   872  O OE2 . GLU A 1 109 ? -10.523 -2.555  8.071   1.00 31.00 ? 547 GLU A OE2 1 
ATOM   873  N N   . MET A 1 110 ? -9.970  1.885   6.999   1.00 24.70 ? 548 MET A N   1 
ATOM   874  C CA  . MET A 1 110 ? -9.169  3.071   7.243   1.00 26.32 ? 548 MET A CA  1 
ATOM   875  C C   . MET A 1 110 ? -7.783  2.658   7.652   1.00 26.60 ? 548 MET A C   1 
ATOM   876  O O   . MET A 1 110 ? -7.608  1.785   8.494   1.00 32.17 ? 548 MET A O   1 
ATOM   877  C CB  . MET A 1 110 ? -9.775  3.918   8.347   1.00 31.36 ? 548 MET A CB  1 
ATOM   878  C CG  . MET A 1 110 ? -9.208  5.328   8.441   1.00 34.08 ? 548 MET A CG  1 
ATOM   879  S SD  . MET A 1 110 ? -9.393  5.908   10.129  1.00 62.02 ? 548 MET A SD  1 
ATOM   880  C CE  . MET A 1 110 ? -8.255  4.779   10.938  1.00 43.98 ? 548 MET A CE  1 
ATOM   881  N N   . TYR A 1 111 ? -6.797  3.285   7.040   1.00 22.50 ? 549 TYR A N   1 
ATOM   882  C CA  . TYR A 1 111 ? -5.411  3.036   7.379   1.00 25.13 ? 549 TYR A CA  1 
ATOM   883  C C   . TYR A 1 111 ? -4.831  4.362   7.836   1.00 23.87 ? 549 TYR A C   1 
ATOM   884  O O   . TYR A 1 111 ? -5.127  5.407   7.267   1.00 26.05 ? 549 TYR A O   1 
ATOM   885  C CB  . TYR A 1 111 ? -4.677  2.531   6.145   1.00 20.56 ? 549 TYR A CB  1 
ATOM   886  C CG  . TYR A 1 111 ? -5.147  1.168   5.660   1.00 26.72 ? 549 TYR A CG  1 
ATOM   887  C CD1 . TYR A 1 111 ? -6.371  1.012   5.040   1.00 24.53 ? 549 TYR A CD1 1 
ATOM   888  C CD2 . TYR A 1 111 ? -4.345  0.046   5.802   1.00 28.44 ? 549 TYR A CD2 1 
ATOM   889  C CE1 . TYR A 1 111 ? -6.791  -0.223  4.589   1.00 33.31 ? 549 TYR A CE1 1 
ATOM   890  C CE2 . TYR A 1 111 ? -4.755  -1.190  5.354   1.00 26.55 ? 549 TYR A CE2 1 
ATOM   891  C CZ  . TYR A 1 111 ? -5.979  -1.326  4.754   1.00 34.74 ? 549 TYR A CZ  1 
ATOM   892  O OH  . TYR A 1 111 ? -6.392  -2.570  4.301   1.00 36.54 ? 549 TYR A OH  1 
ATOM   893  N N   . GLU A 1 112 ? -4.032  4.340   8.887   1.00 24.40 ? 550 GLU A N   1 
ATOM   894  C CA  . GLU A 1 112 ? -3.393  5.566   9.320   1.00 24.66 ? 550 GLU A CA  1 
ATOM   895  C C   . GLU A 1 112 ? -1.885  5.447   9.112   1.00 22.27 ? 550 GLU A C   1 
ATOM   896  O O   . GLU A 1 112 ? -1.259  4.499   9.578   1.00 24.30 ? 550 GLU A O   1 
ATOM   897  C CB  . GLU A 1 112 ? -3.740  5.873   10.769  1.00 29.56 ? 550 GLU A CB  1 
ATOM   898  C CG  . GLU A 1 112 ? -2.973  7.046   11.364  1.00 24.56 ? 550 GLU A CG  1 
ATOM   899  C CD  . GLU A 1 112 ? -3.454  7.382   12.755  1.00 32.49 ? 550 GLU A CD  1 
ATOM   900  O OE1 . GLU A 1 112 ? -4.580  6.947   13.105  1.00 31.63 ? 550 GLU A OE1 1 
ATOM   901  O OE2 . GLU A 1 112 ? -2.712  8.076   13.492  1.00 32.88 ? 550 GLU A OE2 1 
ATOM   902  N N   . VAL A 1 113 ? -1.306  6.393   8.382   1.00 19.72 ? 551 VAL A N   1 
ATOM   903  C CA  . VAL A 1 113 ? 0.126   6.340   8.090   1.00 22.74 ? 551 VAL A CA  1 
ATOM   904  C C   . VAL A 1 113 ? 0.777   7.713   8.283   1.00 23.26 ? 551 VAL A C   1 
ATOM   905  O O   . VAL A 1 113 ? 0.135   8.746   8.069   1.00 24.87 ? 551 VAL A O   1 
ATOM   906  C CB  . VAL A 1 113 ? 0.388   5.836   6.645   1.00 24.79 ? 551 VAL A CB  1 
ATOM   907  C CG1 . VAL A 1 113 ? 0.094   4.349   6.544   1.00 21.37 ? 551 VAL A CG1 1 
ATOM   908  C CG2 . VAL A 1 113 ? -0.460  6.629   5.658   1.00 21.60 ? 551 VAL A CG2 1 
ATOM   909  N N   . HIS A 1 114 ? 2.044   7.719   8.695   1.00 24.98 ? 552 HIS A N   1 
ATOM   910  C CA  . HIS A 1 114 ? 2.783   8.967   8.893   1.00 29.04 ? 552 HIS A CA  1 
ATOM   911  C C   . HIS A 1 114 ? 4.083   8.971   8.107   1.00 30.41 ? 552 HIS A C   1 
ATOM   912  O O   . HIS A 1 114 ? 4.772   7.949   8.005   1.00 27.94 ? 552 HIS A O   1 
ATOM   913  C CB  . HIS A 1 114 ? 3.077   9.221   10.376  1.00 24.87 ? 552 HIS A CB  1 
ATOM   914  C CG  . HIS A 1 114 ? 1.857   9.459   11.205  1.00 24.29 ? 552 HIS A CG  1 
ATOM   915  N ND1 . HIS A 1 114 ? 0.915   8.475   11.443  1.00 26.91 ? 552 HIS A ND1 1 
ATOM   916  C CD2 . HIS A 1 114 ? 1.427   10.558  11.858  1.00 24.41 ? 552 HIS A CD2 1 
ATOM   917  C CE1 . HIS A 1 114 ? -0.043  8.966   12.211  1.00 19.98 ? 552 HIS A CE1 1 
ATOM   918  N NE2 . HIS A 1 114 ? 0.238   10.229  12.472  1.00 23.50 ? 552 HIS A NE2 1 
ATOM   919  N N   . THR A 1 115 ? 4.403   10.135  7.554   1.00 36.23 ? 553 THR A N   1 
ATOM   920  C CA  . THR A 1 115 ? 5.590   10.312  6.743   1.00 33.92 ? 553 THR A CA  1 
ATOM   921  C C   . THR A 1 115 ? 6.647   10.928  7.608   1.00 36.35 ? 553 THR A C   1 
ATOM   922  O O   . THR A 1 115 ? 6.479   11.052  8.816   1.00 42.60 ? 553 THR A O   1 
ATOM   923  C CB  . THR A 1 115 ? 5.339   11.285  5.590   1.00 37.18 ? 553 THR A CB  1 
ATOM   924  O OG1 . THR A 1 115 ? 4.904   12.547  6.118   1.00 45.65 ? 553 THR A OG1 1 
ATOM   925  C CG2 . THR A 1 115 ? 4.277   10.748  4.668   1.00 31.51 ? 553 THR A CG2 1 
ATOM   926  N N   . ALA A 1 116 ? 7.725   11.357  6.971   1.00 43.89 ? 554 ALA A N   1 
ATOM   927  C CA  . ALA A 1 116 ? 8.846   11.945  7.685   1.00 38.67 ? 554 ALA A CA  1 
ATOM   928  C C   . ALA A 1 116 ? 8.821   13.465  7.649   1.00 37.27 ? 554 ALA A C   1 
ATOM   929  O O   . ALA A 1 116 ? 9.435   14.110  8.482   1.00 38.59 ? 554 ALA A O   1 
ATOM   930  C CB  . ALA A 1 116 ? 10.153  11.430  7.107   1.00 36.04 ? 554 ALA A CB  1 
ATOM   931  N N   . SER A 1 117 ? 8.133   14.044  6.675   1.00 40.08 ? 555 SER A N   1 
ATOM   932  C CA  . SER A 1 117 ? 8.120   15.498  6.540   1.00 40.71 ? 555 SER A CA  1 
ATOM   933  C C   . SER A 1 117 ? 6.829   15.942  5.898   1.00 39.73 ? 555 SER A C   1 
ATOM   934  O O   . SER A 1 117 ? 6.180   15.150  5.227   1.00 41.01 ? 555 SER A O   1 
ATOM   935  C CB  . SER A 1 117 ? 9.275   15.960  5.656   1.00 37.89 ? 555 SER A CB  1 
ATOM   936  O OG  . SER A 1 117 ? 9.086   15.532  4.315   1.00 39.63 ? 555 SER A OG  1 
ATOM   937  N N   . ARG A 1 118 ? 6.465   17.205  6.101   1.00 36.20 ? 556 ARG A N   1 
ATOM   938  C CA  . ARG A 1 118 ? 5.340   17.805  5.400   1.00 41.26 ? 556 ARG A CA  1 
ATOM   939  C C   . ARG A 1 118 ? 5.513   17.588  3.875   1.00 39.61 ? 556 ARG A C   1 
ATOM   940  O O   . ARG A 1 118 ? 4.541   17.296  3.166   1.00 39.45 ? 556 ARG A O   1 
ATOM   941  C CB  . ARG A 1 118 ? 5.205   19.297  5.777   1.00 34.61 ? 556 ARG A CB  1 
ATOM   942  C CG  . ARG A 1 118 ? 3.984   20.027  5.175   1.00 51.40 ? 556 ARG A CG  1 
ATOM   943  C CD  . ARG A 1 118 ? 2.665   19.388  5.621   1.00 47.71 ? 556 ARG A CD  1 
ATOM   944  N NE  . ARG A 1 118 ? 1.524   19.664  4.734   1.00 57.00 ? 556 ARG A NE  1 
ATOM   945  C CZ  . ARG A 1 118 ? 1.167   18.900  3.697   1.00 56.05 ? 556 ARG A CZ  1 
ATOM   946  N NH1 . ARG A 1 118 ? 1.871   17.819  3.388   1.00 45.70 ? 556 ARG A NH1 1 
ATOM   947  N NH2 . ARG A 1 118 ? 0.110   19.218  2.955   1.00 54.72 ? 556 ARG A NH2 1 
ATOM   948  N N   . ASP A 1 119 ? 6.754   17.674  3.385   1.00 43.69 ? 557 ASP A N   1 
ATOM   949  C CA  . ASP A 1 119 ? 7.041   17.514  1.950   1.00 47.56 ? 557 ASP A CA  1 
ATOM   950  C C   . ASP A 1 119 ? 6.724   16.106  1.432   1.00 43.88 ? 557 ASP A C   1 
ATOM   951  O O   . ASP A 1 119 ? 6.024   15.941  0.422   1.00 39.51 ? 557 ASP A O   1 
ATOM   952  C CB  . ASP A 1 119 ? 8.508   17.834  1.652   1.00 45.32 ? 557 ASP A CB  1 
ATOM   953  C CG  . ASP A 1 119 ? 8.834   19.306  1.800   1.00 52.41 ? 557 ASP A CG  1 
ATOM   954  O OD1 . ASP A 1 119 ? 8.064   20.148  1.294   1.00 60.88 ? 557 ASP A OD1 1 
ATOM   955  O OD2 . ASP A 1 119 ? 9.871   19.620  2.426   1.00 61.64 ? 557 ASP A OD2 1 
ATOM   956  N N   . ASP A 1 120 ? 7.281   15.109  2.121   1.00 41.61 ? 558 ASP A N   1 
ATOM   957  C CA  . ASP A 1 120 ? 7.028   13.690  1.881   1.00 41.50 ? 558 ASP A CA  1 
ATOM   958  C C   . ASP A 1 120 ? 5.534   13.402  1.818   1.00 37.30 ? 558 ASP A C   1 
ATOM   959  O O   . ASP A 1 120 ? 5.039   12.695  0.930   1.00 38.92 ? 558 ASP A O   1 
ATOM   960  C CB  . ASP A 1 120 ? 7.605   12.915  3.060   1.00 40.52 ? 558 ASP A CB  1 
ATOM   961  C CG  . ASP A 1 120 ? 7.496   11.427  2.895   1.00 48.20 ? 558 ASP A CG  1 
ATOM   962  O OD1 . ASP A 1 120 ? 6.979   10.988  1.834   1.00 56.64 ? 558 ASP A OD1 1 
ATOM   963  O OD2 . ASP A 1 120 ? 7.962   10.709  3.812   1.00 48.11 ? 558 ASP A OD2 1 
ATOM   964  N N   . ARG A 1 121 ? 4.818   13.959  2.785   1.00 36.91 ? 559 ARG A N   1 
ATOM   965  C CA  . ARG A 1 121 ? 3.397   13.755  2.873   1.00 38.59 ? 559 ARG A CA  1 
ATOM   966  C C   . ARG A 1 121 ? 2.710   14.356  1.658   1.00 36.31 ? 559 ARG A C   1 
ATOM   967  O O   . ARG A 1 121 ? 1.789   13.749  1.105   1.00 33.72 ? 559 ARG A O   1 
ATOM   968  C CB  . ARG A 1 121 ? 2.865   14.347  4.164   1.00 36.81 ? 559 ARG A CB  1 
ATOM   969  C CG  . ARG A 1 121 ? 1.387   14.154  4.342   1.00 27.59 ? 559 ARG A CG  1 
ATOM   970  C CD  . ARG A 1 121 ? 0.971   14.748  5.647   1.00 40.35 ? 559 ARG A CD  1 
ATOM   971  N NE  . ARG A 1 121 ? -0.446  14.587  5.865   1.00 42.97 ? 559 ARG A NE  1 
ATOM   972  C CZ  . ARG A 1 121 ? -1.357  15.430  5.412   1.00 48.70 ? 559 ARG A CZ  1 
ATOM   973  N NH1 . ARG A 1 121 ? -2.642  15.217  5.673   1.00 55.53 ? 559 ARG A NH1 1 
ATOM   974  N NH2 . ARG A 1 121 ? -0.982  16.486  4.705   1.00 41.37 ? 559 ARG A NH2 1 
ATOM   975  N N   . SER A 1 122 ? 3.187   15.521  1.222   1.00 36.69 ? 560 SER A N   1 
ATOM   976  C CA  . SER A 1 122 ? 2.599   16.197  0.058   1.00 34.65 ? 560 SER A CA  1 
ATOM   977  C C   . SER A 1 122 ? 2.792   15.385  -1.229  1.00 35.48 ? 560 SER A C   1 
ATOM   978  O O   . SER A 1 122 ? 1.863   15.215  -2.030  1.00 37.77 ? 560 SER A O   1 
ATOM   979  C CB  . SER A 1 122 ? 3.190   17.597  -0.090  1.00 32.85 ? 560 SER A CB  1 
ATOM   980  O OG  . SER A 1 122 ? 2.671   18.252  -1.235  1.00 56.01 ? 560 SER A OG  1 
ATOM   981  N N   . THR A 1 123 ? 4.009   14.886  -1.405  1.00 32.27 ? 561 THR A N   1 
ATOM   982  C CA  . THR A 1 123 ? 4.349   14.002  -2.503  1.00 34.90 ? 561 THR A CA  1 
ATOM   983  C C   . THR A 1 123 ? 3.443   12.749  -2.508  1.00 35.35 ? 561 THR A C   1 
ATOM   984  O O   . THR A 1 123 ? 2.799   12.444  -3.528  1.00 36.99 ? 561 THR A O   1 
ATOM   985  C CB  . THR A 1 123 ? 5.862   13.631  -2.441  1.00 35.42 ? 561 THR A CB  1 
ATOM   986  O OG1 . THR A 1 123 ? 6.655   14.813  -2.623  1.00 38.64 ? 561 THR A OG1 1 
ATOM   987  C CG2 . THR A 1 123 ? 6.241   12.622  -3.513  1.00 27.35 ? 561 THR A CG2 1 
ATOM   988  N N   . TRP A 1 124 ? 3.374   12.044  -1.372  1.00 31.95 ? 562 TRP A N   1 
ATOM   989  C CA  . TRP A 1 124 ? 2.512   10.858  -1.265  1.00 29.87 ? 562 TRP A CA  1 
ATOM   990  C C   . TRP A 1 124 ? 1.055   11.174  -1.588  1.00 28.49 ? 562 TRP A C   1 
ATOM   991  O O   . TRP A 1 124 ? 0.428   10.476  -2.359  1.00 29.15 ? 562 TRP A O   1 
ATOM   992  C CB  . TRP A 1 124 ? 2.582   10.213  0.127   1.00 25.68 ? 562 TRP A CB  1 
ATOM   993  C CG  . TRP A 1 124 ? 3.700   9.253   0.324   1.00 24.85 ? 562 TRP A CG  1 
ATOM   994  C CD1 . TRP A 1 124 ? 4.834   9.473   1.027   1.00 27.84 ? 562 TRP A CD1 1 
ATOM   995  C CD2 . TRP A 1 124 ? 3.792   7.901   -0.178  1.00 28.12 ? 562 TRP A CD2 1 
ATOM   996  N NE1 . TRP A 1 124 ? 5.635   8.352   0.998   1.00 28.43 ? 562 TRP A NE1 1 
ATOM   997  C CE2 . TRP A 1 124 ? 5.020   7.375   0.265   1.00 27.32 ? 562 TRP A CE2 1 
ATOM   998  C CE3 . TRP A 1 124 ? 2.954   7.092   -0.967  1.00 26.29 ? 562 TRP A CE3 1 
ATOM   999  C CZ2 . TRP A 1 124 ? 5.442   6.072   -0.052  1.00 30.21 ? 562 TRP A CZ2 1 
ATOM   1000 C CZ3 . TRP A 1 124 ? 3.368   5.790   -1.271  1.00 30.39 ? 562 TRP A CZ3 1 
ATOM   1001 C CH2 . TRP A 1 124 ? 4.601   5.298   -0.820  1.00 30.31 ? 562 TRP A CH2 1 
ATOM   1002 N N   . ILE A 1 125 ? 0.524   12.237  -1.005  1.00 27.72 ? 563 ILE A N   1 
ATOM   1003 C CA  . ILE A 1 125 ? -0.873  12.572  -1.219  1.00 29.69 ? 563 ILE A CA  1 
ATOM   1004 C C   . ILE A 1 125 ? -1.121  12.836  -2.699  1.00 30.53 ? 563 ILE A C   1 
ATOM   1005 O O   . ILE A 1 125 ? -2.087  12.323  -3.262  1.00 33.19 ? 563 ILE A O   1 
ATOM   1006 C CB  . ILE A 1 125 ? -1.291  13.763  -0.335  1.00 31.64 ? 563 ILE A CB  1 
ATOM   1007 C CG1 . ILE A 1 125 ? -1.241  13.339  1.134   1.00 33.39 ? 563 ILE A CG1 1 
ATOM   1008 C CG2 . ILE A 1 125 ? -2.681  14.259  -0.698  1.00 18.89 ? 563 ILE A CG2 1 
ATOM   1009 C CD1 . ILE A 1 125 ? -1.643  14.418  2.088   1.00 27.08 ? 563 ILE A CD1 1 
ATOM   1010 N N   . ARG A 1 126 ? -0.225  13.594  -3.332  1.00 30.88 ? 564 ARG A N   1 
ATOM   1011 C CA  . ARG A 1 126 ? -0.376  13.966  -4.744  1.00 36.28 ? 564 ARG A CA  1 
ATOM   1012 C C   . ARG A 1 126 ? -0.413  12.735  -5.632  1.00 36.42 ? 564 ARG A C   1 
ATOM   1013 O O   . ARG A 1 126 ? -1.347  12.518  -6.423  1.00 38.73 ? 564 ARG A O   1 
ATOM   1014 C CB  . ARG A 1 126 ? 0.789   14.863  -5.189  1.00 32.30 ? 564 ARG A CB  1 
ATOM   1015 C CG  . ARG A 1 126 ? 0.782   15.143  -6.683  1.00 41.38 ? 564 ARG A CG  1 
ATOM   1016 C CD  . ARG A 1 126 ? 2.042   15.834  -7.188  1.00 49.22 ? 564 ARG A CD  1 
ATOM   1017 N NE  . ARG A 1 126 ? 3.204   14.951  -7.193  1.00 52.02 ? 564 ARG A NE  1 
ATOM   1018 C CZ  . ARG A 1 126 ? 4.289   15.150  -6.447  1.00 51.23 ? 564 ARG A CZ  1 
ATOM   1019 N NH1 . ARG A 1 126 ? 4.365   16.203  -5.641  1.00 46.28 ? 564 ARG A NH1 1 
ATOM   1020 N NH2 . ARG A 1 126 ? 5.305   14.302  -6.509  1.00 48.33 ? 564 ARG A NH2 1 
ATOM   1021 N N   . VAL A 1 127 ? 0.622   11.928  -5.472  1.00 33.81 ? 565 VAL A N   1 
ATOM   1022 C CA  . VAL A 1 127 ? 0.806   10.720  -6.254  1.00 35.17 ? 565 VAL A CA  1 
ATOM   1023 C C   . VAL A 1 127 ? -0.301  9.641   -6.002  1.00 33.91 ? 565 VAL A C   1 
ATOM   1024 O O   . VAL A 1 127 ? -0.662  8.867   -6.908  1.00 37.45 ? 565 VAL A O   1 
ATOM   1025 C CB  . VAL A 1 127 ? 2.284   10.250  -6.063  1.00 34.25 ? 565 VAL A CB  1 
ATOM   1026 C CG1 . VAL A 1 127 ? 2.557   8.930   -6.737  1.00 44.71 ? 565 VAL A CG1 1 
ATOM   1027 C CG2 . VAL A 1 127 ? 3.249   11.304  -6.513  1.00 40.05 ? 565 VAL A CG2 1 
ATOM   1028 N N   . ILE A 1 128 ? -0.871  9.633   -4.794  1.00 34.36 ? 566 ILE A N   1 
ATOM   1029 C CA  . ILE A 1 128 ? -1.997  8.748   -4.476  1.00 32.84 ? 566 ILE A CA  1 
ATOM   1030 C C   . ILE A 1 128 ? -3.288  9.214   -5.155  1.00 31.42 ? 566 ILE A C   1 
ATOM   1031 O O   . ILE A 1 128 ? -3.974  8.427   -5.806  1.00 31.11 ? 566 ILE A O   1 
ATOM   1032 C CB  . ILE A 1 128 ? -2.252  8.614   -2.946  1.00 25.61 ? 566 ILE A CB  1 
ATOM   1033 C CG1 . ILE A 1 128 ? -1.213  7.717   -2.277  1.00 21.99 ? 566 ILE A CG1 1 
ATOM   1034 C CG2 . ILE A 1 128 ? -3.611  7.986   -2.668  1.00 19.83 ? 566 ILE A CG2 1 
ATOM   1035 C CD1 . ILE A 1 128 ? -1.276  7.779   -0.741  1.00 23.72 ? 566 ILE A CD1 1 
ATOM   1036 N N   . GLN A 1 129 ? -3.631  10.485  -4.994  1.00 29.94 ? 567 GLN A N   1 
ATOM   1037 C CA  . GLN A 1 129 ? -4.839  10.988  -5.632  1.00 36.15 ? 567 GLN A CA  1 
ATOM   1038 C C   . GLN A 1 129 ? -4.787  10.812  -7.155  1.00 39.71 ? 567 GLN A C   1 
ATOM   1039 O O   . GLN A 1 129 ? -5.794  10.425  -7.802  1.00 35.75 ? 567 GLN A O   1 
ATOM   1040 C CB  . GLN A 1 129 ? -5.045  12.443  -5.233  1.00 30.48 ? 567 GLN A CB  1 
ATOM   1041 C CG  . GLN A 1 129 ? -5.343  12.588  -3.748  1.00 28.67 ? 567 GLN A CG  1 
ATOM   1042 C CD  . GLN A 1 129 ? -5.419  14.024  -3.326  1.00 28.94 ? 567 GLN A CD  1 
ATOM   1043 O OE1 . GLN A 1 129 ? -4.726  14.881  -3.880  1.00 38.06 ? 567 GLN A OE1 1 
ATOM   1044 N NE2 . GLN A 1 129 ? -6.264  14.307  -2.347  1.00 36.56 ? 567 GLN A NE2 1 
ATOM   1045 N N   . GLN A 1 130 ? -3.604  11.062  -7.721  1.00 35.97 ? 568 GLN A N   1 
ATOM   1046 C CA  . GLN A 1 130 ? -3.407  10.847  -9.153  1.00 40.39 ? 568 GLN A CA  1 
ATOM   1047 C C   . GLN A 1 130 ? -3.634  9.368   -9.520  1.00 40.95 ? 568 GLN A C   1 
ATOM   1048 O O   . GLN A 1 130 ? -4.468  9.064   -10.382 1.00 36.34 ? 568 GLN A O   1 
ATOM   1049 C CB  . GLN A 1 130 ? -2.019  11.325  -9.594  1.00 35.45 ? 568 GLN A CB  1 
ATOM   1050 C CG  . GLN A 1 130 ? -1.763  11.199  -11.095 1.00 37.94 ? 568 GLN A CG  1 
ATOM   1051 C CD  . GLN A 1 130 ? -2.661  12.105  -11.920 1.00 46.77 ? 568 GLN A CD  1 
ATOM   1052 O OE1 . GLN A 1 130 ? -3.746  11.704  -12.363 1.00 59.37 ? 568 GLN A OE1 1 
ATOM   1053 N NE2 . GLN A 1 130 ? -2.214  13.338  -12.132 1.00 48.38 ? 568 GLN A NE2 1 
ATOM   1054 N N   . SER A 1 131 ? -2.933  8.450   -8.850  1.00 34.44 ? 569 SER A N   1 
ATOM   1055 C CA  . SER A 1 131 ? -3.147  7.035   -9.146  1.00 28.43 ? 569 SER A CA  1 
ATOM   1056 C C   . SER A 1 131 ? -4.582  6.556   -8.922  1.00 37.87 ? 569 SER A C   1 
ATOM   1057 O O   . SER A 1 131 ? -5.017  5.595   -9.569  1.00 42.77 ? 569 SER A O   1 
ATOM   1058 C CB  . SER A 1 131 ? -2.149  6.143   -8.407  1.00 29.53 ? 569 SER A CB  1 
ATOM   1059 O OG  . SER A 1 131 ? -0.844  6.303   -8.935  1.00 28.28 ? 569 SER A OG  1 
ATOM   1060 N N   . VAL A 1 132 ? -5.316  7.227   -8.033  1.00 40.05 ? 570 VAL A N   1 
ATOM   1061 C CA  . VAL A 1 132 ? -6.697  6.840   -7.728  1.00 35.61 ? 570 VAL A CA  1 
ATOM   1062 C C   . VAL A 1 132 ? -7.644  7.247   -8.841  1.00 36.90 ? 570 VAL A C   1 
ATOM   1063 O O   . VAL A 1 132 ? -8.476  6.443   -9.270  1.00 40.56 ? 570 VAL A O   1 
ATOM   1064 C CB  . VAL A 1 132 ? -7.202  7.405   -6.378  1.00 31.97 ? 570 VAL A CB  1 
ATOM   1065 C CG1 . VAL A 1 132 ? -8.717  7.355   -6.313  1.00 25.83 ? 570 VAL A CG1 1 
ATOM   1066 C CG2 . VAL A 1 132 ? -6.618  6.623   -5.221  1.00 24.99 ? 570 VAL A CG2 1 
ATOM   1067 N N   . ARG A 1 133 ? -7.523  8.480   -9.326  1.00 38.98 ? 571 ARG A N   1 
ATOM   1068 C CA  . ARG A 1 133 ? -8.410  8.888   -10.425 1.00 38.69 ? 571 ARG A CA  1 
ATOM   1069 C C   . ARG A 1 133 ? -8.083  8.244   -11.797 1.00 38.89 ? 571 ARG A C   1 
ATOM   1070 O O   . ARG A 1 133 ? -8.908  8.300   -12.713 1.00 47.44 ? 571 ARG A O   1 
ATOM   1071 C CB  . ARG A 1 133 ? -8.556  10.420  -10.513 1.00 34.20 ? 571 ARG A CB  1 
ATOM   1072 C CG  . ARG A 1 133 ? -7.264  11.192  -10.738 1.00 40.37 ? 571 ARG A CG  1 
ATOM   1073 C CD  . ARG A 1 133 ? -7.470  12.719  -10.616 1.00 40.25 ? 571 ARG A CD  1 
ATOM   1074 N NE  . ARG A 1 133 ? -6.202  13.411  -10.399 1.00 35.74 ? 571 ARG A NE  1 
ATOM   1075 C CZ  . ARG A 1 133 ? -5.765  13.799  -9.202  1.00 35.05 ? 571 ARG A CZ  1 
ATOM   1076 N NH1 . ARG A 1 133 ? -4.598  14.416  -9.081  1.00 37.35 ? 571 ARG A NH1 1 
ATOM   1077 N NH2 . ARG A 1 133 ? -6.508  13.593  -8.121  1.00 35.35 ? 571 ARG A NH2 1 
ATOM   1078 N N   . THR A 1 134 ? -6.913  7.611   -11.936 1.00 39.31 ? 572 THR A N   1 
ATOM   1079 C CA  . THR A 1 134 ? -6.613  6.843   -13.158 1.00 38.60 ? 572 THR A CA  1 
ATOM   1080 C C   . THR A 1 134 ? -6.555  5.327   -12.954 1.00 42.35 ? 572 THR A C   1 
ATOM   1081 O O   . THR A 1 134 ? -6.131  4.593   -13.856 1.00 40.85 ? 572 THR A O   1 
ATOM   1082 C CB  . THR A 1 134 ? -5.303  7.272   -13.846 1.00 38.79 ? 572 THR A CB  1 
ATOM   1083 O OG1 . THR A 1 134 ? -4.209  7.111   -12.937 1.00 45.95 ? 572 THR A OG1 1 
ATOM   1084 C CG2 . THR A 1 134 ? -5.384  8.719   -14.338 1.00 39.89 ? 572 THR A CG2 1 
ATOM   1085 N N   . CYS A 1 135 ? -6.960  4.870   -11.770 1.00 39.16 ? 573 CYS A N   1 
ATOM   1086 C CA  . CYS A 1 135 ? -7.120  3.449   -11.490 1.00 38.39 ? 573 CYS A CA  1 
ATOM   1087 C C   . CYS A 1 135 ? -7.956  2.773   -12.592 1.00 39.12 ? 573 CYS A C   1 
ATOM   1088 O O   . CYS A 1 135 ? -9.001  3.288   -12.990 1.00 32.29 ? 573 CYS A O   1 
ATOM   1089 C CB  . CYS A 1 135 ? -7.806  3.289   -10.129 1.00 39.65 ? 573 CYS A CB  1 
ATOM   1090 S SG  . CYS A 1 135 ? -7.978  1.587   -9.492  1.00 38.83 ? 573 CYS A SG  1 
ATOM   1091 N N   . PRO A 1 136 ? -7.482  1.628   -13.111 1.00 42.51 ? 574 PRO A N   1 
ATOM   1092 C CA  . PRO A 1 136 ? -8.245  0.939   -14.168 1.00 45.55 ? 574 PRO A CA  1 
ATOM   1093 C C   . PRO A 1 136 ? -9.483  0.254   -13.604 1.00 43.39 ? 574 PRO A C   1 
ATOM   1094 O O   . PRO A 1 136 ? -9.528  -0.025  -12.403 1.00 44.18 ? 574 PRO A O   1 
ATOM   1095 C CB  . PRO A 1 136 ? -7.251  -0.104  -14.708 1.00 35.33 ? 574 PRO A CB  1 
ATOM   1096 C CG  . PRO A 1 136 ? -6.316  -0.364  -13.572 1.00 41.92 ? 574 PRO A CG  1 
ATOM   1097 C CD  . PRO A 1 136 ? -6.200  0.960   -12.816 1.00 37.97 ? 574 PRO A CD  1 
ATOM   1098 N N   . SER A 1 137 ? -10.480 0.006   -14.445 1.00 42.40 ? 575 SER A N   1 
ATOM   1099 C CA  . SER A 1 137 ? -11.684 -0.671  -13.989 1.00 46.07 ? 575 SER A CA  1 
ATOM   1100 C C   . SER A 1 137 ? -11.341 -2.105  -13.616 1.00 48.46 ? 575 SER A C   1 
ATOM   1101 O O   . SER A 1 137 ? -10.399 -2.686  -14.169 1.00 43.43 ? 575 SER A O   1 
ATOM   1102 C CB  . SER A 1 137 ? -12.753 -0.671  -15.086 1.00 50.69 ? 575 SER A CB  1 
ATOM   1103 O OG  . SER A 1 137 ? -12.333 -1.419  -16.214 1.00 51.71 ? 575 SER A OG  1 
ATOM   1104 N N   . ARG A 1 138 ? -12.095 -2.681  -12.685 1.00 43.64 ? 576 ARG A N   1 
ATOM   1105 C CA  . ARG A 1 138 ? -11.887 -4.085  -12.355 1.00 48.90 ? 576 ARG A CA  1 
ATOM   1106 C C   . ARG A 1 138 ? -12.296 -4.997  -13.523 1.00 55.83 ? 576 ARG A C   1 
ATOM   1107 O O   . ARG A 1 138 ? -11.857 -6.145  -13.602 1.00 53.01 ? 576 ARG A O   1 
ATOM   1108 C CB  . ARG A 1 138 ? -12.612 -4.454  -11.062 1.00 44.47 ? 576 ARG A CB  1 
ATOM   1109 C CG  . ARG A 1 138 ? -12.062 -3.731  -9.832  1.00 44.93 ? 576 ARG A CG  1 
ATOM   1110 C CD  . ARG A 1 138 ? -10.653 -4.210  -9.541  1.00 43.20 ? 576 ARG A CD  1 
ATOM   1111 N NE  . ARG A 1 138 ? -9.991  -3.433  -8.497  1.00 43.03 ? 576 ARG A NE  1 
ATOM   1112 C CZ  . ARG A 1 138 ? -8.670  -3.294  -8.406  1.00 43.80 ? 576 ARG A CZ  1 
ATOM   1113 N NH1 . ARG A 1 138 ? -7.881  -3.881  -9.304  1.00 34.72 ? 576 ARG A NH1 1 
ATOM   1114 N NH2 . ARG A 1 138 ? -8.139  -2.566  -7.426  1.00 35.85 ? 576 ARG A NH2 1 
ATOM   1115 N N   . GLU A 1 139 ? -13.122 -4.484  -14.435 1.00 51.70 ? 577 GLU A N   1 
ATOM   1116 C CA  . GLU A 1 139 ? -13.492 -5.248  -15.624 1.00 60.33 ? 577 GLU A CA  1 
ATOM   1117 C C   . GLU A 1 139 ? -12.260 -5.453  -16.524 1.00 58.24 ? 577 GLU A C   1 
ATOM   1118 O O   . GLU A 1 139 ? -12.003 -6.559  -17.004 1.00 62.64 ? 577 GLU A O   1 
ATOM   1119 C CB  . GLU A 1 139 ? -14.632 -4.556  -16.396 1.00 65.12 ? 577 GLU A CB  1 
ATOM   1120 C CG  . GLU A 1 139 ? -15.387 -5.474  -17.395 1.00 75.07 ? 577 GLU A CG  1 
ATOM   1121 C CD  . GLU A 1 139 ? -15.894 -4.741  -18.645 1.00 81.26 ? 577 GLU A CD  1 
ATOM   1122 O OE1 . GLU A 1 139 ? -16.695 -5.327  -19.415 1.00 81.84 ? 577 GLU A OE1 1 
ATOM   1123 O OE2 . GLU A 1 139 ? -15.483 -3.582  -18.863 1.00 78.81 ? 577 GLU A OE2 1 
ATOM   1124 N N   . ASP A 1 140 ? -11.495 -4.385  -16.734 1.00 53.95 ? 578 ASP A N   1 
ATOM   1125 C CA  . ASP A 1 140 ? -10.289 -4.447  -17.562 1.00 53.13 ? 578 ASP A CA  1 
ATOM   1126 C C   . ASP A 1 140 ? -9.063  -4.975  -16.798 1.00 55.87 ? 578 ASP A C   1 
ATOM   1127 O O   . ASP A 1 140 ? -8.137  -5.521  -17.413 1.00 56.46 ? 578 ASP A O   1 
ATOM   1128 C CB  . ASP A 1 140 ? -9.958  -3.066  -18.154 1.00 56.42 ? 578 ASP A CB  1 
ATOM   1129 C CG  . ASP A 1 140 ? -11.117 -2.450  -18.920 1.00 62.41 ? 578 ASP A CG  1 
ATOM   1130 O OD1 . ASP A 1 140 ? -11.899 -3.198  -19.546 1.00 72.39 ? 578 ASP A OD1 1 
ATOM   1131 O OD2 . ASP A 1 140 ? -11.232 -1.205  -18.904 1.00 60.48 ? 578 ASP A OD2 1 
ATOM   1132 N N   . PHE A 1 141 ? -9.050  -4.801  -15.471 1.00 45.57 ? 579 PHE A N   1 
ATOM   1133 C CA  . PHE A 1 141 ? -7.902  -5.201  -14.653 1.00 44.58 ? 579 PHE A CA  1 
ATOM   1134 C C   . PHE A 1 141 ? -8.323  -5.793  -13.296 1.00 43.92 ? 579 PHE A C   1 
ATOM   1135 O O   . PHE A 1 141 ? -8.401  -5.077  -12.296 1.00 47.34 ? 579 PHE A O   1 
ATOM   1136 C CB  . PHE A 1 141 ? -6.978  -3.994  -14.453 1.00 44.76 ? 579 PHE A CB  1 
ATOM   1137 C CG  . PHE A 1 141 ? -5.598  -4.343  -13.988 1.00 42.34 ? 579 PHE A CG  1 
ATOM   1138 C CD1 . PHE A 1 141 ? -4.613  -4.693  -14.904 1.00 42.35 ? 579 PHE A CD1 1 
ATOM   1139 C CD2 . PHE A 1 141 ? -5.275  -4.303  -12.637 1.00 38.26 ? 579 PHE A CD2 1 
ATOM   1140 C CE1 . PHE A 1 141 ? -3.328  -5.006  -14.482 1.00 43.40 ? 579 PHE A CE1 1 
ATOM   1141 C CE2 . PHE A 1 141 ? -3.994  -4.613  -12.206 1.00 31.93 ? 579 PHE A CE2 1 
ATOM   1142 C CZ  . PHE A 1 141 ? -3.018  -4.962  -13.131 1.00 38.76 ? 579 PHE A CZ  1 
ATOM   1143 N N   . PRO A 1 142 ? -8.601  -7.107  -13.261 1.00 47.04 ? 580 PRO A N   1 
ATOM   1144 C CA  . PRO A 1 142 ? -8.997  -7.740  -11.996 1.00 44.06 ? 580 PRO A CA  1 
ATOM   1145 C C   . PRO A 1 142 ? -7.870  -7.676  -10.989 1.00 40.79 ? 580 PRO A C   1 
ATOM   1146 O O   . PRO A 1 142 ? -6.699  -7.764  -11.361 1.00 38.94 ? 580 PRO A O   1 
ATOM   1147 C CB  . PRO A 1 142 ? -9.236  -9.202  -12.394 1.00 40.23 ? 580 PRO A CB  1 
ATOM   1148 C CG  . PRO A 1 142 ? -9.545  -9.146  -13.853 1.00 46.35 ? 580 PRO A CG  1 
ATOM   1149 C CD  . PRO A 1 142 ? -8.697  -8.040  -14.399 1.00 48.61 ? 580 PRO A CD  1 
ATOM   1150 N N   . LEU A 1 143 ? -8.234  -7.524  -9.723  1.00 38.62 ? 581 LEU A N   1 
ATOM   1151 C CA  . LEU A 1 143 ? -7.263  -7.447  -8.652  1.00 36.69 ? 581 LEU A CA  1 
ATOM   1152 C C   . LEU A 1 143 ? -6.724  -8.851  -8.393  1.00 40.53 ? 581 LEU A C   1 
ATOM   1153 O O   . LEU A 1 143 ? -5.520  -9.034  -8.196  1.00 40.02 ? 581 LEU A O   1 
ATOM   1154 C CB  . LEU A 1 143 ? -7.943  -6.895  -7.406  1.00 36.79 ? 581 LEU A CB  1 
ATOM   1155 C CG  . LEU A 1 143 ? -7.101  -6.161  -6.371  1.00 34.27 ? 581 LEU A CG  1 
ATOM   1156 C CD1 . LEU A 1 143 ? -8.036  -5.351  -5.510  1.00 33.49 ? 581 LEU A CD1 1 
ATOM   1157 C CD2 . LEU A 1 143 ? -6.332  -7.153  -5.538  1.00 26.94 ? 581 LEU A CD2 1 
ATOM   1158 N N   . ILE A 1 144 ? -7.639  -9.822  -8.430  1.00 43.58 ? 582 ILE A N   1 
ATOM   1159 C CA  . ILE A 1 144 ? -7.399  -11.234 -8.104  1.00 44.10 ? 582 ILE A CA  1 
ATOM   1160 C C   . ILE A 1 144 ? -6.292  -11.541 -7.079  1.00 43.80 ? 582 ILE A C   1 
ATOM   1161 O O   . ILE A 1 144 ? -6.368  -11.134 -5.911  1.00 40.30 ? 582 ILE A O   1 
ATOM   1162 C CB  . ILE A 1 144 ? -7.240  -12.102 -9.382  1.00 48.81 ? 582 ILE A CB  1 
ATOM   1163 C CG1 . ILE A 1 144 ? -5.989  -11.715 -10.175 1.00 46.69 ? 582 ILE A CG1 1 
ATOM   1164 C CG2 . ILE A 1 144 ? -8.494  -11.996 -10.257 1.00 44.28 ? 582 ILE A CG2 1 
ATOM   1165 C CD1 . ILE A 1 144 ? -5.677  -12.652 -11.354 1.00 49.94 ? 582 ILE A CD1 1 
HETATM 1166 O O   . HOH B 2 .   ? -0.413  18.127  5.559   1.00 46.60 ? 601 HOH A O   1 
HETATM 1167 O O   . HOH B 2 .   ? -4.126  -9.303  3.153   1.00 38.32 ? 602 HOH A O   1 
HETATM 1168 O O   . HOH B 2 .   ? -10.954 1.839   -2.661  1.00 33.70 ? 603 HOH A O   1 
HETATM 1169 O O   . HOH B 2 .   ? 0.256   16.775  -2.467  1.00 38.95 ? 604 HOH A O   1 
HETATM 1170 O O   . HOH B 2 .   ? -2.222  14.396  -7.506  1.00 40.72 ? 605 HOH A O   1 
HETATM 1171 O O   . HOH B 2 .   ? -2.767  -7.880  7.083   1.00 39.49 ? 606 HOH A O   1 
HETATM 1172 O O   . HOH B 2 .   ? -11.327 8.348   -11.946 1.00 46.11 ? 607 HOH A O   1 
HETATM 1173 O O   . HOH B 2 .   ? -4.138  2.216   10.610  1.00 38.11 ? 608 HOH A O   1 
HETATM 1174 O O   . HOH B 2 .   ? 2.554   15.059  12.117  1.00 31.84 ? 609 HOH A O   1 
HETATM 1175 O O   . HOH B 2 .   ? 13.164  -0.049  6.447   1.00 51.19 ? 610 HOH A O   1 
HETATM 1176 O O   . HOH B 2 .   ? -11.458 8.787   -4.858  1.00 40.15 ? 611 HOH A O   1 
HETATM 1177 O O   . HOH B 2 .   ? -5.723  12.472  -14.239 1.00 55.09 ? 612 HOH A O   1 
HETATM 1178 O O   . HOH B 2 .   ? -7.942  10.086  -3.784  1.00 35.28 ? 613 HOH A O   1 
HETATM 1179 O O   . HOH B 2 .   ? -3.952  9.894   15.332  1.00 38.43 ? 614 HOH A O   1 
HETATM 1180 O O   . HOH B 2 .   ? -11.948 -2.822  -6.485  1.00 38.77 ? 615 HOH A O   1 
HETATM 1181 O O   . HOH B 2 .   ? -12.574 -9.403  -16.581 1.00 44.03 ? 616 HOH A O   1 
HETATM 1182 O O   . HOH B 2 .   ? -1.413  -10.958 6.065   1.00 46.39 ? 617 HOH A O   1 
HETATM 1183 O O   . HOH B 2 .   ? 9.230   3.956   7.972   1.00 43.71 ? 618 HOH A O   1 
HETATM 1184 O O   . HOH B 2 .   ? -1.467  -18.810 -4.006  1.00 43.05 ? 619 HOH A O   1 
HETATM 1185 O O   . HOH B 2 .   ? -6.078  4.494   13.830  1.00 45.25 ? 620 HOH A O   1 
HETATM 1186 O O   . HOH B 2 .   ? -7.148  16.285  -0.308  1.00 34.46 ? 621 HOH A O   1 
HETATM 1187 O O   . HOH B 2 .   ? -8.962  12.238  -1.730  1.00 20.47 ? 622 HOH A O   1 
HETATM 1188 O O   . HOH B 2 .   ? -8.248  14.297  12.473  1.00 43.02 ? 623 HOH A O   1 
HETATM 1189 O O   . HOH B 2 .   ? -8.377  -4.717  1.157   1.00 29.73 ? 624 HOH A O   1 
HETATM 1190 O O   . HOH B 2 .   ? -8.452  10.718  -6.373  1.00 31.18 ? 625 HOH A O   1 
HETATM 1191 O O   . HOH B 2 .   ? -2.680  18.188  8.854   1.00 37.44 ? 626 HOH A O   1 
HETATM 1192 O O   . HOH B 2 .   ? 11.095  0.307   5.875   1.00 35.70 ? 627 HOH A O   1 
HETATM 1193 O O   . HOH B 2 .   ? -9.320  -3.288  3.174   1.00 36.61 ? 628 HOH A O   1 
HETATM 1194 O O   . HOH B 2 .   ? -10.544 13.344  -1.750  1.00 36.42 ? 629 HOH A O   1 
HETATM 1195 O O   . HOH B 2 .   ? -6.074  10.504  15.711  0.50 24.43 ? 630 HOH A O   1 
# 
loop_
_pdbx_poly_seq_scheme.asym_id 
_pdbx_poly_seq_scheme.entity_id 
_pdbx_poly_seq_scheme.seq_id 
_pdbx_poly_seq_scheme.mon_id 
_pdbx_poly_seq_scheme.ndb_seq_num 
_pdbx_poly_seq_scheme.pdb_seq_num 
_pdbx_poly_seq_scheme.auth_seq_num 
_pdbx_poly_seq_scheme.pdb_mon_id 
_pdbx_poly_seq_scheme.auth_mon_id 
_pdbx_poly_seq_scheme.pdb_strand_id 
_pdbx_poly_seq_scheme.pdb_ins_code 
_pdbx_poly_seq_scheme.hetero 
A 1 1   GLY 1   439 439 GLY GLY A . n 
A 1 2   ALA 2   440 440 ALA ALA A . n 
A 1 3   ARG 3   441 441 ARG ARG A . n 
A 1 4   LEU 4   442 442 LEU LEU A . n 
A 1 5   GLN 5   443 443 GLN GLN A . n 
A 1 6   GLU 6   444 444 GLU GLU A . n 
A 1 7   ILE 7   445 445 ILE ILE A . n 
A 1 8   TYR 8   446 446 TYR TYR A . n 
A 1 9   ASN 9   447 447 ASN ASN A . n 
A 1 10  ARG 10  448 448 ARG ARG A . n 
A 1 11  MET 11  449 449 MET MET A . n 
A 1 12  ASP 12  450 450 ASP ASP A . n 
A 1 13  PRO 13  451 451 PRO PRO A . n 
A 1 14  ARG 14  452 452 ARG ARG A . n 
A 1 15  ALA 15  453 453 ALA ALA A . n 
A 1 16  GLN 16  454 454 GLN GLN A . n 
A 1 17  THR 17  455 455 THR THR A . n 
A 1 18  PRO 18  456 456 PRO PRO A . n 
A 1 19  VAL 19  457 457 VAL VAL A . n 
A 1 20  PRO 20  458 458 PRO PRO A . n 
A 1 21  GLY 21  459 459 GLY GLY A . n 
A 1 22  LYS 22  460 460 LYS LYS A . n 
A 1 23  GLY 23  461 461 GLY GLY A . n 
A 1 24  PRO 24  462 462 PRO PRO A . n 
A 1 25  PHE 25  463 463 PHE PHE A . n 
A 1 26  GLY 26  464 464 GLY GLY A . n 
A 1 27  ARG 27  465 465 ARG ARG A . n 
A 1 28  GLU 28  466 466 GLU GLU A . n 
A 1 29  GLU 29  467 467 GLU GLU A . n 
A 1 30  LEU 30  468 468 LEU LEU A . n 
A 1 31  LEU 31  469 469 LEU LEU A . n 
A 1 32  ARG 32  470 470 ARG ARG A . n 
A 1 33  ARG 33  471 471 ARG ARG A . n 
A 1 34  LYS 34  472 472 LYS LYS A . n 
A 1 35  LEU 35  473 473 LEU LEU A . n 
A 1 36  ILE 36  474 474 ILE ILE A . n 
A 1 37  HIS 37  475 475 HIS HIS A . n 
A 1 38  ASP 38  476 476 ASP ASP A . n 
A 1 39  GLY 39  477 477 GLY GLY A . n 
A 1 40  CYS 40  478 478 CYS CYS A . n 
A 1 41  LEU 41  479 479 LEU LEU A . n 
A 1 42  LEU 42  480 480 LEU LEU A . n 
A 1 43  TRP 43  481 481 TRP TRP A . n 
A 1 44  LYS 44  482 482 LYS LYS A . n 
A 1 45  THR 45  483 483 THR THR A . n 
A 1 46  ALA 46  484 484 ALA ALA A . n 
A 1 47  THR 47  485 485 THR THR A . n 
A 1 48  GLY 48  486 486 GLY GLY A . n 
A 1 49  ARG 49  487 487 ARG ARG A . n 
A 1 50  PHE 50  488 488 PHE PHE A . n 
A 1 51  LYS 51  489 489 LYS LYS A . n 
A 1 52  ASP 52  490 490 ASP ASP A . n 
A 1 53  VAL 53  491 491 VAL VAL A . n 
A 1 54  LEU 54  492 492 LEU LEU A . n 
A 1 55  VAL 55  493 493 VAL VAL A . n 
A 1 56  LEU 56  494 494 LEU LEU A . n 
A 1 57  LEU 57  495 495 LEU LEU A . n 
A 1 58  MET 58  496 496 MET MET A . n 
A 1 59  THR 59  497 497 THR THR A . n 
A 1 60  ASP 60  498 498 ASP ASP A . n 
A 1 61  VAL 61  499 499 VAL VAL A . n 
A 1 62  LEU 62  500 500 LEU LEU A . n 
A 1 63  VAL 63  501 501 VAL VAL A . n 
A 1 64  PHE 64  502 502 PHE PHE A . n 
A 1 65  LEU 65  503 503 LEU LEU A . n 
A 1 66  GLN 66  504 504 GLN GLN A . n 
A 1 67  GLU 67  505 505 GLU GLU A . n 
A 1 68  LYS 68  506 506 LYS LYS A . n 
A 1 69  ASP 69  507 507 ASP ASP A . n 
A 1 70  GLN 70  508 508 GLN GLN A . n 
A 1 71  LYS 71  509 509 LYS LYS A . n 
A 1 72  TYR 72  510 510 TYR TYR A . n 
A 1 73  ILE 73  511 511 ILE ILE A . n 
A 1 74  PHE 74  512 512 PHE PHE A . n 
A 1 75  PRO 75  513 513 PRO PRO A . n 
A 1 76  THR 76  514 514 THR THR A . n 
A 1 77  LEU 77  515 515 LEU LEU A . n 
A 1 78  ASP 78  516 516 ASP ASP A . n 
A 1 79  LYS 79  517 517 LYS LYS A . n 
A 1 80  PRO 80  518 518 PRO PRO A . n 
A 1 81  SER 81  519 519 SER SER A . n 
A 1 82  VAL 82  520 520 VAL VAL A . n 
A 1 83  VAL 83  521 521 VAL VAL A . n 
A 1 84  SER 84  522 522 SER SER A . n 
A 1 85  LEU 85  523 523 LEU LEU A . n 
A 1 86  GLN 86  524 524 GLN GLN A . n 
A 1 87  ASN 87  525 525 ASN ASN A . n 
A 1 88  LEU 88  526 526 LEU LEU A . n 
A 1 89  ILE 89  527 527 ILE ILE A . n 
A 1 90  VAL 90  528 528 VAL VAL A . n 
A 1 91  ARG 91  529 529 ARG ARG A . n 
A 1 92  ASP 92  530 530 ASP ASP A . n 
A 1 93  ILE 93  531 531 ILE ILE A . n 
A 1 94  ALA 94  532 532 ALA ALA A . n 
A 1 95  ASN 95  533 533 ASN ASN A . n 
A 1 96  GLN 96  534 534 GLN GLN A . n 
A 1 97  GLU 97  535 535 GLU GLU A . n 
A 1 98  LYS 98  536 536 LYS LYS A . n 
A 1 99  GLY 99  537 537 GLY GLY A . n 
A 1 100 MET 100 538 538 MET MET A . n 
A 1 101 PHE 101 539 539 PHE PHE A . n 
A 1 102 LEU 102 540 540 LEU LEU A . n 
A 1 103 ILE 103 541 541 ILE ILE A . n 
A 1 104 SER 104 542 542 SER SER A . n 
A 1 105 ALA 105 543 543 ALA ALA A . n 
A 1 106 ALA 106 544 544 ALA ALA A . n 
A 1 107 PRO 107 545 545 PRO PRO A . n 
A 1 108 PRO 108 546 546 PRO PRO A . n 
A 1 109 GLU 109 547 547 GLU GLU A . n 
A 1 110 MET 110 548 548 MET MET A . n 
A 1 111 TYR 111 549 549 TYR TYR A . n 
A 1 112 GLU 112 550 550 GLU GLU A . n 
A 1 113 VAL 113 551 551 VAL VAL A . n 
A 1 114 HIS 114 552 552 HIS HIS A . n 
A 1 115 THR 115 553 553 THR THR A . n 
A 1 116 ALA 116 554 554 ALA ALA A . n 
A 1 117 SER 117 555 555 SER SER A . n 
A 1 118 ARG 118 556 556 ARG ARG A . n 
A 1 119 ASP 119 557 557 ASP ASP A . n 
A 1 120 ASP 120 558 558 ASP ASP A . n 
A 1 121 ARG 121 559 559 ARG ARG A . n 
A 1 122 SER 122 560 560 SER SER A . n 
A 1 123 THR 123 561 561 THR THR A . n 
A 1 124 TRP 124 562 562 TRP TRP A . n 
A 1 125 ILE 125 563 563 ILE ILE A . n 
A 1 126 ARG 126 564 564 ARG ARG A . n 
A 1 127 VAL 127 565 565 VAL VAL A . n 
A 1 128 ILE 128 566 566 ILE ILE A . n 
A 1 129 GLN 129 567 567 GLN GLN A . n 
A 1 130 GLN 130 568 568 GLN GLN A . n 
A 1 131 SER 131 569 569 SER SER A . n 
A 1 132 VAL 132 570 570 VAL VAL A . n 
A 1 133 ARG 133 571 571 ARG ARG A . n 
A 1 134 THR 134 572 572 THR THR A . n 
A 1 135 CYS 135 573 573 CYS CYS A . n 
A 1 136 PRO 136 574 574 PRO PRO A . n 
A 1 137 SER 137 575 575 SER SER A . n 
A 1 138 ARG 138 576 576 ARG ARG A . n 
A 1 139 GLU 139 577 577 GLU GLU A . n 
A 1 140 ASP 140 578 578 ASP ASP A . n 
A 1 141 PHE 141 579 579 PHE PHE A . n 
A 1 142 PRO 142 580 580 PRO PRO A . n 
A 1 143 LEU 143 581 581 LEU LEU A . n 
A 1 144 ILE 144 582 582 ILE ILE A . n 
# 
loop_
_pdbx_nonpoly_scheme.asym_id 
_pdbx_nonpoly_scheme.entity_id 
_pdbx_nonpoly_scheme.mon_id 
_pdbx_nonpoly_scheme.ndb_seq_num 
_pdbx_nonpoly_scheme.pdb_seq_num 
_pdbx_nonpoly_scheme.auth_seq_num 
_pdbx_nonpoly_scheme.pdb_mon_id 
_pdbx_nonpoly_scheme.auth_mon_id 
_pdbx_nonpoly_scheme.pdb_strand_id 
_pdbx_nonpoly_scheme.pdb_ins_code 
B 2 HOH 1  601 20 HOH HOH A . 
B 2 HOH 2  602 15 HOH HOH A . 
B 2 HOH 3  603 1  HOH HOH A . 
B 2 HOH 4  604 10 HOH HOH A . 
B 2 HOH 5  605 17 HOH HOH A . 
B 2 HOH 6  606 4  HOH HOH A . 
B 2 HOH 7  607 28 HOH HOH A . 
B 2 HOH 8  608 18 HOH HOH A . 
B 2 HOH 9  609 8  HOH HOH A . 
B 2 HOH 10 610 16 HOH HOH A . 
B 2 HOH 11 611 23 HOH HOH A . 
B 2 HOH 12 612 22 HOH HOH A . 
B 2 HOH 13 613 26 HOH HOH A . 
B 2 HOH 14 614 13 HOH HOH A . 
B 2 HOH 15 615 5  HOH HOH A . 
B 2 HOH 16 616 29 HOH HOH A . 
B 2 HOH 17 617 14 HOH HOH A . 
B 2 HOH 18 618 25 HOH HOH A . 
B 2 HOH 19 619 19 HOH HOH A . 
B 2 HOH 20 620 30 HOH HOH A . 
B 2 HOH 21 621 6  HOH HOH A . 
B 2 HOH 22 622 2  HOH HOH A . 
B 2 HOH 23 623 27 HOH HOH A . 
B 2 HOH 24 624 9  HOH HOH A . 
B 2 HOH 25 625 3  HOH HOH A . 
B 2 HOH 26 626 21 HOH HOH A . 
B 2 HOH 27 627 7  HOH HOH A . 
B 2 HOH 28 628 12 HOH HOH A . 
B 2 HOH 29 629 24 HOH HOH A . 
B 2 HOH 30 630 11 HOH HOH A . 
# 
_pdbx_struct_assembly.id                   1 
_pdbx_struct_assembly.details              author_defined_assembly 
_pdbx_struct_assembly.method_details       ? 
_pdbx_struct_assembly.oligomeric_details   monomeric 
_pdbx_struct_assembly.oligomeric_count     1 
# 
_pdbx_struct_assembly_gen.assembly_id       1 
_pdbx_struct_assembly_gen.oper_expression   1 
_pdbx_struct_assembly_gen.asym_id_list      A,B 
# 
loop_
_pdbx_struct_assembly_prop.biol_id 
_pdbx_struct_assembly_prop.type 
_pdbx_struct_assembly_prop.value 
_pdbx_struct_assembly_prop.details 
1 'ABSA (A^2)' 0    ? 
1 MORE         0    ? 
1 'SSA (A^2)'  7760 ? 
# 
_pdbx_struct_oper_list.id                   1 
_pdbx_struct_oper_list.type                 'identity operation' 
_pdbx_struct_oper_list.name                 1_555 
_pdbx_struct_oper_list.symmetry_operation   x,y,z 
_pdbx_struct_oper_list.matrix[1][1]         1.0000000000 
_pdbx_struct_oper_list.matrix[1][2]         0.0000000000 
_pdbx_struct_oper_list.matrix[1][3]         0.0000000000 
_pdbx_struct_oper_list.vector[1]            0.0000000000 
_pdbx_struct_oper_list.matrix[2][1]         0.0000000000 
_pdbx_struct_oper_list.matrix[2][2]         1.0000000000 
_pdbx_struct_oper_list.matrix[2][3]         0.0000000000 
_pdbx_struct_oper_list.vector[2]            0.0000000000 
_pdbx_struct_oper_list.matrix[3][1]         0.0000000000 
_pdbx_struct_oper_list.matrix[3][2]         0.0000000000 
_pdbx_struct_oper_list.matrix[3][3]         1.0000000000 
_pdbx_struct_oper_list.vector[3]            0.0000000000 
# 
_pdbx_struct_special_symmetry.id              1 
_pdbx_struct_special_symmetry.PDB_model_num   1 
_pdbx_struct_special_symmetry.auth_asym_id    A 
_pdbx_struct_special_symmetry.auth_comp_id    HOH 
_pdbx_struct_special_symmetry.auth_seq_id     630 
_pdbx_struct_special_symmetry.PDB_ins_code    ? 
_pdbx_struct_special_symmetry.label_asym_id   B 
_pdbx_struct_special_symmetry.label_comp_id   HOH 
_pdbx_struct_special_symmetry.label_seq_id    . 
# 
loop_
_pdbx_audit_revision_history.ordinal 
_pdbx_audit_revision_history.data_content_type 
_pdbx_audit_revision_history.major_revision 
_pdbx_audit_revision_history.minor_revision 
_pdbx_audit_revision_history.revision_date 
1 'Structure model' 1 0 2016-06-29 
2 'Structure model' 1 1 2023-11-08 
# 
_pdbx_audit_revision_details.ordinal             1 
_pdbx_audit_revision_details.revision_ordinal    1 
_pdbx_audit_revision_details.data_content_type   'Structure model' 
_pdbx_audit_revision_details.provider            repository 
_pdbx_audit_revision_details.type                'Initial release' 
_pdbx_audit_revision_details.description         ? 
_pdbx_audit_revision_details.details             ? 
# 
loop_
_pdbx_audit_revision_group.ordinal 
_pdbx_audit_revision_group.revision_ordinal 
_pdbx_audit_revision_group.data_content_type 
_pdbx_audit_revision_group.group 
1 2 'Structure model' 'Data collection'        
2 2 'Structure model' 'Database references'    
3 2 'Structure model' 'Derived calculations'   
4 2 'Structure model' 'Refinement description' 
# 
loop_
_pdbx_audit_revision_category.ordinal 
_pdbx_audit_revision_category.revision_ordinal 
_pdbx_audit_revision_category.data_content_type 
_pdbx_audit_revision_category.category 
1 2 'Structure model' chem_comp_atom                
2 2 'Structure model' chem_comp_bond                
3 2 'Structure model' citation                      
4 2 'Structure model' database_2                    
5 2 'Structure model' pdbx_initial_refinement_model 
6 2 'Structure model' pdbx_struct_oper_list         
# 
loop_
_pdbx_audit_revision_item.ordinal 
_pdbx_audit_revision_item.revision_ordinal 
_pdbx_audit_revision_item.data_content_type 
_pdbx_audit_revision_item.item 
1 2 'Structure model' '_citation.journal_id_CSD'                  
2 2 'Structure model' '_database_2.pdbx_DOI'                      
3 2 'Structure model' '_database_2.pdbx_database_accession'       
4 2 'Structure model' '_pdbx_struct_oper_list.symmetry_operation' 
# 
loop_
_software.citation_id 
_software.classification 
_software.compiler_name 
_software.compiler_version 
_software.contact_author 
_software.contact_author_email 
_software.date 
_software.description 
_software.dependencies 
_software.hardware 
_software.language 
_software.location 
_software.mods 
_software.name 
_software.os 
_software.os_version 
_software.type 
_software.version 
_software.pdbx_ordinal 
? refinement        ? ? ? ? ? ? ? ? ? ? ? PHENIX   ? ? ? '(phenix.refine: 1.8.1_1168)' 1 
? 'data processing' ? ? ? ? ? ? ? ? ? ? ? HKL-2000 ? ? ? .                             2 
? 'model building'  ? ? ? ? ? ? ? ? ? ? ? Coot     ? ? ? .                             3 
? phasing           ? ? ? ? ? ? ? ? ? ? ? PHASER   ? ? ? .                             4 
? refinement        ? ? ? ? ? ? ? ? ? ? ? Coot     ? ? ? .                             5 
? refinement        ? ? ? ? ? ? ? ? ? ? ? REFMAC   ? ? ? .                             6 
? 'data reduction'  ? ? ? ? ? ? ? ? ? ? ? HKL-2000 ? ? ? .                             7 
# 
loop_
_pdbx_validate_close_contact.id 
_pdbx_validate_close_contact.PDB_model_num 
_pdbx_validate_close_contact.auth_atom_id_1 
_pdbx_validate_close_contact.auth_asym_id_1 
_pdbx_validate_close_contact.auth_comp_id_1 
_pdbx_validate_close_contact.auth_seq_id_1 
_pdbx_validate_close_contact.PDB_ins_code_1 
_pdbx_validate_close_contact.label_alt_id_1 
_pdbx_validate_close_contact.auth_atom_id_2 
_pdbx_validate_close_contact.auth_asym_id_2 
_pdbx_validate_close_contact.auth_comp_id_2 
_pdbx_validate_close_contact.auth_seq_id_2 
_pdbx_validate_close_contact.PDB_ins_code_2 
_pdbx_validate_close_contact.label_alt_id_2 
_pdbx_validate_close_contact.dist 
1 1 O   A HOH 622 ? ? O   A HOH 629 ? ? 1.93 
2 1 NH2 A ARG 559 ? ? O   A HOH 601 ? ? 1.94 
3 1 OD1 A ASP 530 ? ? NH1 A ARG 559 ? ? 2.01 
4 1 O   A PRO 456 ? ? O   A HOH 602 ? ? 2.04 
5 1 O   A GLN 524 ? ? O   A HOH 603 ? ? 2.06 
6 1 O   A HOH 610 ? ? O   A HOH 627 ? ? 2.18 
# 
_pdbx_validate_symm_contact.id                1 
_pdbx_validate_symm_contact.PDB_model_num     1 
_pdbx_validate_symm_contact.auth_atom_id_1    O 
_pdbx_validate_symm_contact.auth_asym_id_1    A 
_pdbx_validate_symm_contact.auth_comp_id_1    HOH 
_pdbx_validate_symm_contact.auth_seq_id_1     620 
_pdbx_validate_symm_contact.PDB_ins_code_1    ? 
_pdbx_validate_symm_contact.label_alt_id_1    ? 
_pdbx_validate_symm_contact.site_symmetry_1   1_555 
_pdbx_validate_symm_contact.auth_atom_id_2    O 
_pdbx_validate_symm_contact.auth_asym_id_2    A 
_pdbx_validate_symm_contact.auth_comp_id_2    HOH 
_pdbx_validate_symm_contact.auth_seq_id_2     623 
_pdbx_validate_symm_contact.PDB_ins_code_2    ? 
_pdbx_validate_symm_contact.label_alt_id_2    ? 
_pdbx_validate_symm_contact.site_symmetry_2   2_455 
_pdbx_validate_symm_contact.dist              1.86 
# 
loop_
_pdbx_validate_torsion.id 
_pdbx_validate_torsion.PDB_model_num 
_pdbx_validate_torsion.auth_comp_id 
_pdbx_validate_torsion.auth_asym_id 
_pdbx_validate_torsion.auth_seq_id 
_pdbx_validate_torsion.PDB_ins_code 
_pdbx_validate_torsion.label_alt_id 
_pdbx_validate_torsion.phi 
_pdbx_validate_torsion.psi 
1 1 GLN A 508 ? ? 58.92   1.15   
2 1 GLN A 534 ? ? -118.63 77.46  
3 1 GLU A 535 ? ? -44.40  -19.81 
# 
loop_
_chem_comp_atom.comp_id 
_chem_comp_atom.atom_id 
_chem_comp_atom.type_symbol 
_chem_comp_atom.pdbx_aromatic_flag 
_chem_comp_atom.pdbx_stereo_config 
_chem_comp_atom.pdbx_ordinal 
ALA N    N N N 1   
ALA CA   C N S 2   
ALA C    C N N 3   
ALA O    O N N 4   
ALA CB   C N N 5   
ALA OXT  O N N 6   
ALA H    H N N 7   
ALA H2   H N N 8   
ALA HA   H N N 9   
ALA HB1  H N N 10  
ALA HB2  H N N 11  
ALA HB3  H N N 12  
ALA HXT  H N N 13  
ARG N    N N N 14  
ARG CA   C N S 15  
ARG C    C N N 16  
ARG O    O N N 17  
ARG CB   C N N 18  
ARG CG   C N N 19  
ARG CD   C N N 20  
ARG NE   N N N 21  
ARG CZ   C N N 22  
ARG NH1  N N N 23  
ARG NH2  N N N 24  
ARG OXT  O N N 25  
ARG H    H N N 26  
ARG H2   H N N 27  
ARG HA   H N N 28  
ARG HB2  H N N 29  
ARG HB3  H N N 30  
ARG HG2  H N N 31  
ARG HG3  H N N 32  
ARG HD2  H N N 33  
ARG HD3  H N N 34  
ARG HE   H N N 35  
ARG HH11 H N N 36  
ARG HH12 H N N 37  
ARG HH21 H N N 38  
ARG HH22 H N N 39  
ARG HXT  H N N 40  
ASN N    N N N 41  
ASN CA   C N S 42  
ASN C    C N N 43  
ASN O    O N N 44  
ASN CB   C N N 45  
ASN CG   C N N 46  
ASN OD1  O N N 47  
ASN ND2  N N N 48  
ASN OXT  O N N 49  
ASN H    H N N 50  
ASN H2   H N N 51  
ASN HA   H N N 52  
ASN HB2  H N N 53  
ASN HB3  H N N 54  
ASN HD21 H N N 55  
ASN HD22 H N N 56  
ASN HXT  H N N 57  
ASP N    N N N 58  
ASP CA   C N S 59  
ASP C    C N N 60  
ASP O    O N N 61  
ASP CB   C N N 62  
ASP CG   C N N 63  
ASP OD1  O N N 64  
ASP OD2  O N N 65  
ASP OXT  O N N 66  
ASP H    H N N 67  
ASP H2   H N N 68  
ASP HA   H N N 69  
ASP HB2  H N N 70  
ASP HB3  H N N 71  
ASP HD2  H N N 72  
ASP HXT  H N N 73  
CYS N    N N N 74  
CYS CA   C N R 75  
CYS C    C N N 76  
CYS O    O N N 77  
CYS CB   C N N 78  
CYS SG   S N N 79  
CYS OXT  O N N 80  
CYS H    H N N 81  
CYS H2   H N N 82  
CYS HA   H N N 83  
CYS HB2  H N N 84  
CYS HB3  H N N 85  
CYS HG   H N N 86  
CYS HXT  H N N 87  
GLN N    N N N 88  
GLN CA   C N S 89  
GLN C    C N N 90  
GLN O    O N N 91  
GLN CB   C N N 92  
GLN CG   C N N 93  
GLN CD   C N N 94  
GLN OE1  O N N 95  
GLN NE2  N N N 96  
GLN OXT  O N N 97  
GLN H    H N N 98  
GLN H2   H N N 99  
GLN HA   H N N 100 
GLN HB2  H N N 101 
GLN HB3  H N N 102 
GLN HG2  H N N 103 
GLN HG3  H N N 104 
GLN HE21 H N N 105 
GLN HE22 H N N 106 
GLN HXT  H N N 107 
GLU N    N N N 108 
GLU CA   C N S 109 
GLU C    C N N 110 
GLU O    O N N 111 
GLU CB   C N N 112 
GLU CG   C N N 113 
GLU CD   C N N 114 
GLU OE1  O N N 115 
GLU OE2  O N N 116 
GLU OXT  O N N 117 
GLU H    H N N 118 
GLU H2   H N N 119 
GLU HA   H N N 120 
GLU HB2  H N N 121 
GLU HB3  H N N 122 
GLU HG2  H N N 123 
GLU HG3  H N N 124 
GLU HE2  H N N 125 
GLU HXT  H N N 126 
GLY N    N N N 127 
GLY CA   C N N 128 
GLY C    C N N 129 
GLY O    O N N 130 
GLY OXT  O N N 131 
GLY H    H N N 132 
GLY H2   H N N 133 
GLY HA2  H N N 134 
GLY HA3  H N N 135 
GLY HXT  H N N 136 
HIS N    N N N 137 
HIS CA   C N S 138 
HIS C    C N N 139 
HIS O    O N N 140 
HIS CB   C N N 141 
HIS CG   C Y N 142 
HIS ND1  N Y N 143 
HIS CD2  C Y N 144 
HIS CE1  C Y N 145 
HIS NE2  N Y N 146 
HIS OXT  O N N 147 
HIS H    H N N 148 
HIS H2   H N N 149 
HIS HA   H N N 150 
HIS HB2  H N N 151 
HIS HB3  H N N 152 
HIS HD1  H N N 153 
HIS HD2  H N N 154 
HIS HE1  H N N 155 
HIS HE2  H N N 156 
HIS HXT  H N N 157 
HOH O    O N N 158 
HOH H1   H N N 159 
HOH H2   H N N 160 
ILE N    N N N 161 
ILE CA   C N S 162 
ILE C    C N N 163 
ILE O    O N N 164 
ILE CB   C N S 165 
ILE CG1  C N N 166 
ILE CG2  C N N 167 
ILE CD1  C N N 168 
ILE OXT  O N N 169 
ILE H    H N N 170 
ILE H2   H N N 171 
ILE HA   H N N 172 
ILE HB   H N N 173 
ILE HG12 H N N 174 
ILE HG13 H N N 175 
ILE HG21 H N N 176 
ILE HG22 H N N 177 
ILE HG23 H N N 178 
ILE HD11 H N N 179 
ILE HD12 H N N 180 
ILE HD13 H N N 181 
ILE HXT  H N N 182 
LEU N    N N N 183 
LEU CA   C N S 184 
LEU C    C N N 185 
LEU O    O N N 186 
LEU CB   C N N 187 
LEU CG   C N N 188 
LEU CD1  C N N 189 
LEU CD2  C N N 190 
LEU OXT  O N N 191 
LEU H    H N N 192 
LEU H2   H N N 193 
LEU HA   H N N 194 
LEU HB2  H N N 195 
LEU HB3  H N N 196 
LEU HG   H N N 197 
LEU HD11 H N N 198 
LEU HD12 H N N 199 
LEU HD13 H N N 200 
LEU HD21 H N N 201 
LEU HD22 H N N 202 
LEU HD23 H N N 203 
LEU HXT  H N N 204 
LYS N    N N N 205 
LYS CA   C N S 206 
LYS C    C N N 207 
LYS O    O N N 208 
LYS CB   C N N 209 
LYS CG   C N N 210 
LYS CD   C N N 211 
LYS CE   C N N 212 
LYS NZ   N N N 213 
LYS OXT  O N N 214 
LYS H    H N N 215 
LYS H2   H N N 216 
LYS HA   H N N 217 
LYS HB2  H N N 218 
LYS HB3  H N N 219 
LYS HG2  H N N 220 
LYS HG3  H N N 221 
LYS HD2  H N N 222 
LYS HD3  H N N 223 
LYS HE2  H N N 224 
LYS HE3  H N N 225 
LYS HZ1  H N N 226 
LYS HZ2  H N N 227 
LYS HZ3  H N N 228 
LYS HXT  H N N 229 
MET N    N N N 230 
MET CA   C N S 231 
MET C    C N N 232 
MET O    O N N 233 
MET CB   C N N 234 
MET CG   C N N 235 
MET SD   S N N 236 
MET CE   C N N 237 
MET OXT  O N N 238 
MET H    H N N 239 
MET H2   H N N 240 
MET HA   H N N 241 
MET HB2  H N N 242 
MET HB3  H N N 243 
MET HG2  H N N 244 
MET HG3  H N N 245 
MET HE1  H N N 246 
MET HE2  H N N 247 
MET HE3  H N N 248 
MET HXT  H N N 249 
PHE N    N N N 250 
PHE CA   C N S 251 
PHE C    C N N 252 
PHE O    O N N 253 
PHE CB   C N N 254 
PHE CG   C Y N 255 
PHE CD1  C Y N 256 
PHE CD2  C Y N 257 
PHE CE1  C Y N 258 
PHE CE2  C Y N 259 
PHE CZ   C Y N 260 
PHE OXT  O N N 261 
PHE H    H N N 262 
PHE H2   H N N 263 
PHE HA   H N N 264 
PHE HB2  H N N 265 
PHE HB3  H N N 266 
PHE HD1  H N N 267 
PHE HD2  H N N 268 
PHE HE1  H N N 269 
PHE HE2  H N N 270 
PHE HZ   H N N 271 
PHE HXT  H N N 272 
PRO N    N N N 273 
PRO CA   C N S 274 
PRO C    C N N 275 
PRO O    O N N 276 
PRO CB   C N N 277 
PRO CG   C N N 278 
PRO CD   C N N 279 
PRO OXT  O N N 280 
PRO H    H N N 281 
PRO HA   H N N 282 
PRO HB2  H N N 283 
PRO HB3  H N N 284 
PRO HG2  H N N 285 
PRO HG3  H N N 286 
PRO HD2  H N N 287 
PRO HD3  H N N 288 
PRO HXT  H N N 289 
SER N    N N N 290 
SER CA   C N S 291 
SER C    C N N 292 
SER O    O N N 293 
SER CB   C N N 294 
SER OG   O N N 295 
SER OXT  O N N 296 
SER H    H N N 297 
SER H2   H N N 298 
SER HA   H N N 299 
SER HB2  H N N 300 
SER HB3  H N N 301 
SER HG   H N N 302 
SER HXT  H N N 303 
THR N    N N N 304 
THR CA   C N S 305 
THR C    C N N 306 
THR O    O N N 307 
THR CB   C N R 308 
THR OG1  O N N 309 
THR CG2  C N N 310 
THR OXT  O N N 311 
THR H    H N N 312 
THR H2   H N N 313 
THR HA   H N N 314 
THR HB   H N N 315 
THR HG1  H N N 316 
THR HG21 H N N 317 
THR HG22 H N N 318 
THR HG23 H N N 319 
THR HXT  H N N 320 
TRP N    N N N 321 
TRP CA   C N S 322 
TRP C    C N N 323 
TRP O    O N N 324 
TRP CB   C N N 325 
TRP CG   C Y N 326 
TRP CD1  C Y N 327 
TRP CD2  C Y N 328 
TRP NE1  N Y N 329 
TRP CE2  C Y N 330 
TRP CE3  C Y N 331 
TRP CZ2  C Y N 332 
TRP CZ3  C Y N 333 
TRP CH2  C Y N 334 
TRP OXT  O N N 335 
TRP H    H N N 336 
TRP H2   H N N 337 
TRP HA   H N N 338 
TRP HB2  H N N 339 
TRP HB3  H N N 340 
TRP HD1  H N N 341 
TRP HE1  H N N 342 
TRP HE3  H N N 343 
TRP HZ2  H N N 344 
TRP HZ3  H N N 345 
TRP HH2  H N N 346 
TRP HXT  H N N 347 
TYR N    N N N 348 
TYR CA   C N S 349 
TYR C    C N N 350 
TYR O    O N N 351 
TYR CB   C N N 352 
TYR CG   C Y N 353 
TYR CD1  C Y N 354 
TYR CD2  C Y N 355 
TYR CE1  C Y N 356 
TYR CE2  C Y N 357 
TYR CZ   C Y N 358 
TYR OH   O N N 359 
TYR OXT  O N N 360 
TYR H    H N N 361 
TYR H2   H N N 362 
TYR HA   H N N 363 
TYR HB2  H N N 364 
TYR HB3  H N N 365 
TYR HD1  H N N 366 
TYR HD2  H N N 367 
TYR HE1  H N N 368 
TYR HE2  H N N 369 
TYR HH   H N N 370 
TYR HXT  H N N 371 
VAL N    N N N 372 
VAL CA   C N S 373 
VAL C    C N N 374 
VAL O    O N N 375 
VAL CB   C N N 376 
VAL CG1  C N N 377 
VAL CG2  C N N 378 
VAL OXT  O N N 379 
VAL H    H N N 380 
VAL H2   H N N 381 
VAL HA   H N N 382 
VAL HB   H N N 383 
VAL HG11 H N N 384 
VAL HG12 H N N 385 
VAL HG13 H N N 386 
VAL HG21 H N N 387 
VAL HG22 H N N 388 
VAL HG23 H N N 389 
VAL HXT  H N N 390 
# 
loop_
_chem_comp_bond.comp_id 
_chem_comp_bond.atom_id_1 
_chem_comp_bond.atom_id_2 
_chem_comp_bond.value_order 
_chem_comp_bond.pdbx_aromatic_flag 
_chem_comp_bond.pdbx_stereo_config 
_chem_comp_bond.pdbx_ordinal 
ALA N   CA   sing N N 1   
ALA N   H    sing N N 2   
ALA N   H2   sing N N 3   
ALA CA  C    sing N N 4   
ALA CA  CB   sing N N 5   
ALA CA  HA   sing N N 6   
ALA C   O    doub N N 7   
ALA C   OXT  sing N N 8   
ALA CB  HB1  sing N N 9   
ALA CB  HB2  sing N N 10  
ALA CB  HB3  sing N N 11  
ALA OXT HXT  sing N N 12  
ARG N   CA   sing N N 13  
ARG N   H    sing N N 14  
ARG N   H2   sing N N 15  
ARG CA  C    sing N N 16  
ARG CA  CB   sing N N 17  
ARG CA  HA   sing N N 18  
ARG C   O    doub N N 19  
ARG C   OXT  sing N N 20  
ARG CB  CG   sing N N 21  
ARG CB  HB2  sing N N 22  
ARG CB  HB3  sing N N 23  
ARG CG  CD   sing N N 24  
ARG CG  HG2  sing N N 25  
ARG CG  HG3  sing N N 26  
ARG CD  NE   sing N N 27  
ARG CD  HD2  sing N N 28  
ARG CD  HD3  sing N N 29  
ARG NE  CZ   sing N N 30  
ARG NE  HE   sing N N 31  
ARG CZ  NH1  sing N N 32  
ARG CZ  NH2  doub N N 33  
ARG NH1 HH11 sing N N 34  
ARG NH1 HH12 sing N N 35  
ARG NH2 HH21 sing N N 36  
ARG NH2 HH22 sing N N 37  
ARG OXT HXT  sing N N 38  
ASN N   CA   sing N N 39  
ASN N   H    sing N N 40  
ASN N   H2   sing N N 41  
ASN CA  C    sing N N 42  
ASN CA  CB   sing N N 43  
ASN CA  HA   sing N N 44  
ASN C   O    doub N N 45  
ASN C   OXT  sing N N 46  
ASN CB  CG   sing N N 47  
ASN CB  HB2  sing N N 48  
ASN CB  HB3  sing N N 49  
ASN CG  OD1  doub N N 50  
ASN CG  ND2  sing N N 51  
ASN ND2 HD21 sing N N 52  
ASN ND2 HD22 sing N N 53  
ASN OXT HXT  sing N N 54  
ASP N   CA   sing N N 55  
ASP N   H    sing N N 56  
ASP N   H2   sing N N 57  
ASP CA  C    sing N N 58  
ASP CA  CB   sing N N 59  
ASP CA  HA   sing N N 60  
ASP C   O    doub N N 61  
ASP C   OXT  sing N N 62  
ASP CB  CG   sing N N 63  
ASP CB  HB2  sing N N 64  
ASP CB  HB3  sing N N 65  
ASP CG  OD1  doub N N 66  
ASP CG  OD2  sing N N 67  
ASP OD2 HD2  sing N N 68  
ASP OXT HXT  sing N N 69  
CYS N   CA   sing N N 70  
CYS N   H    sing N N 71  
CYS N   H2   sing N N 72  
CYS CA  C    sing N N 73  
CYS CA  CB   sing N N 74  
CYS CA  HA   sing N N 75  
CYS C   O    doub N N 76  
CYS C   OXT  sing N N 77  
CYS CB  SG   sing N N 78  
CYS CB  HB2  sing N N 79  
CYS CB  HB3  sing N N 80  
CYS SG  HG   sing N N 81  
CYS OXT HXT  sing N N 82  
GLN N   CA   sing N N 83  
GLN N   H    sing N N 84  
GLN N   H2   sing N N 85  
GLN CA  C    sing N N 86  
GLN CA  CB   sing N N 87  
GLN CA  HA   sing N N 88  
GLN C   O    doub N N 89  
GLN C   OXT  sing N N 90  
GLN CB  CG   sing N N 91  
GLN CB  HB2  sing N N 92  
GLN CB  HB3  sing N N 93  
GLN CG  CD   sing N N 94  
GLN CG  HG2  sing N N 95  
GLN CG  HG3  sing N N 96  
GLN CD  OE1  doub N N 97  
GLN CD  NE2  sing N N 98  
GLN NE2 HE21 sing N N 99  
GLN NE2 HE22 sing N N 100 
GLN OXT HXT  sing N N 101 
GLU N   CA   sing N N 102 
GLU N   H    sing N N 103 
GLU N   H2   sing N N 104 
GLU CA  C    sing N N 105 
GLU CA  CB   sing N N 106 
GLU CA  HA   sing N N 107 
GLU C   O    doub N N 108 
GLU C   OXT  sing N N 109 
GLU CB  CG   sing N N 110 
GLU CB  HB2  sing N N 111 
GLU CB  HB3  sing N N 112 
GLU CG  CD   sing N N 113 
GLU CG  HG2  sing N N 114 
GLU CG  HG3  sing N N 115 
GLU CD  OE1  doub N N 116 
GLU CD  OE2  sing N N 117 
GLU OE2 HE2  sing N N 118 
GLU OXT HXT  sing N N 119 
GLY N   CA   sing N N 120 
GLY N   H    sing N N 121 
GLY N   H2   sing N N 122 
GLY CA  C    sing N N 123 
GLY CA  HA2  sing N N 124 
GLY CA  HA3  sing N N 125 
GLY C   O    doub N N 126 
GLY C   OXT  sing N N 127 
GLY OXT HXT  sing N N 128 
HIS N   CA   sing N N 129 
HIS N   H    sing N N 130 
HIS N   H2   sing N N 131 
HIS CA  C    sing N N 132 
HIS CA  CB   sing N N 133 
HIS CA  HA   sing N N 134 
HIS C   O    doub N N 135 
HIS C   OXT  sing N N 136 
HIS CB  CG   sing N N 137 
HIS CB  HB2  sing N N 138 
HIS CB  HB3  sing N N 139 
HIS CG  ND1  sing Y N 140 
HIS CG  CD2  doub Y N 141 
HIS ND1 CE1  doub Y N 142 
HIS ND1 HD1  sing N N 143 
HIS CD2 NE2  sing Y N 144 
HIS CD2 HD2  sing N N 145 
HIS CE1 NE2  sing Y N 146 
HIS CE1 HE1  sing N N 147 
HIS NE2 HE2  sing N N 148 
HIS OXT HXT  sing N N 149 
HOH O   H1   sing N N 150 
HOH O   H2   sing N N 151 
ILE N   CA   sing N N 152 
ILE N   H    sing N N 153 
ILE N   H2   sing N N 154 
ILE CA  C    sing N N 155 
ILE CA  CB   sing N N 156 
ILE CA  HA   sing N N 157 
ILE C   O    doub N N 158 
ILE C   OXT  sing N N 159 
ILE CB  CG1  sing N N 160 
ILE CB  CG2  sing N N 161 
ILE CB  HB   sing N N 162 
ILE CG1 CD1  sing N N 163 
ILE CG1 HG12 sing N N 164 
ILE CG1 HG13 sing N N 165 
ILE CG2 HG21 sing N N 166 
ILE CG2 HG22 sing N N 167 
ILE CG2 HG23 sing N N 168 
ILE CD1 HD11 sing N N 169 
ILE CD1 HD12 sing N N 170 
ILE CD1 HD13 sing N N 171 
ILE OXT HXT  sing N N 172 
LEU N   CA   sing N N 173 
LEU N   H    sing N N 174 
LEU N   H2   sing N N 175 
LEU CA  C    sing N N 176 
LEU CA  CB   sing N N 177 
LEU CA  HA   sing N N 178 
LEU C   O    doub N N 179 
LEU C   OXT  sing N N 180 
LEU CB  CG   sing N N 181 
LEU CB  HB2  sing N N 182 
LEU CB  HB3  sing N N 183 
LEU CG  CD1  sing N N 184 
LEU CG  CD2  sing N N 185 
LEU CG  HG   sing N N 186 
LEU CD1 HD11 sing N N 187 
LEU CD1 HD12 sing N N 188 
LEU CD1 HD13 sing N N 189 
LEU CD2 HD21 sing N N 190 
LEU CD2 HD22 sing N N 191 
LEU CD2 HD23 sing N N 192 
LEU OXT HXT  sing N N 193 
LYS N   CA   sing N N 194 
LYS N   H    sing N N 195 
LYS N   H2   sing N N 196 
LYS CA  C    sing N N 197 
LYS CA  CB   sing N N 198 
LYS CA  HA   sing N N 199 
LYS C   O    doub N N 200 
LYS C   OXT  sing N N 201 
LYS CB  CG   sing N N 202 
LYS CB  HB2  sing N N 203 
LYS CB  HB3  sing N N 204 
LYS CG  CD   sing N N 205 
LYS CG  HG2  sing N N 206 
LYS CG  HG3  sing N N 207 
LYS CD  CE   sing N N 208 
LYS CD  HD2  sing N N 209 
LYS CD  HD3  sing N N 210 
LYS CE  NZ   sing N N 211 
LYS CE  HE2  sing N N 212 
LYS CE  HE3  sing N N 213 
LYS NZ  HZ1  sing N N 214 
LYS NZ  HZ2  sing N N 215 
LYS NZ  HZ3  sing N N 216 
LYS OXT HXT  sing N N 217 
MET N   CA   sing N N 218 
MET N   H    sing N N 219 
MET N   H2   sing N N 220 
MET CA  C    sing N N 221 
MET CA  CB   sing N N 222 
MET CA  HA   sing N N 223 
MET C   O    doub N N 224 
MET C   OXT  sing N N 225 
MET CB  CG   sing N N 226 
MET CB  HB2  sing N N 227 
MET CB  HB3  sing N N 228 
MET CG  SD   sing N N 229 
MET CG  HG2  sing N N 230 
MET CG  HG3  sing N N 231 
MET SD  CE   sing N N 232 
MET CE  HE1  sing N N 233 
MET CE  HE2  sing N N 234 
MET CE  HE3  sing N N 235 
MET OXT HXT  sing N N 236 
PHE N   CA   sing N N 237 
PHE N   H    sing N N 238 
PHE N   H2   sing N N 239 
PHE CA  C    sing N N 240 
PHE CA  CB   sing N N 241 
PHE CA  HA   sing N N 242 
PHE C   O    doub N N 243 
PHE C   OXT  sing N N 244 
PHE CB  CG   sing N N 245 
PHE CB  HB2  sing N N 246 
PHE CB  HB3  sing N N 247 
PHE CG  CD1  doub Y N 248 
PHE CG  CD2  sing Y N 249 
PHE CD1 CE1  sing Y N 250 
PHE CD1 HD1  sing N N 251 
PHE CD2 CE2  doub Y N 252 
PHE CD2 HD2  sing N N 253 
PHE CE1 CZ   doub Y N 254 
PHE CE1 HE1  sing N N 255 
PHE CE2 CZ   sing Y N 256 
PHE CE2 HE2  sing N N 257 
PHE CZ  HZ   sing N N 258 
PHE OXT HXT  sing N N 259 
PRO N   CA   sing N N 260 
PRO N   CD   sing N N 261 
PRO N   H    sing N N 262 
PRO CA  C    sing N N 263 
PRO CA  CB   sing N N 264 
PRO CA  HA   sing N N 265 
PRO C   O    doub N N 266 
PRO C   OXT  sing N N 267 
PRO CB  CG   sing N N 268 
PRO CB  HB2  sing N N 269 
PRO CB  HB3  sing N N 270 
PRO CG  CD   sing N N 271 
PRO CG  HG2  sing N N 272 
PRO CG  HG3  sing N N 273 
PRO CD  HD2  sing N N 274 
PRO CD  HD3  sing N N 275 
PRO OXT HXT  sing N N 276 
SER N   CA   sing N N 277 
SER N   H    sing N N 278 
SER N   H2   sing N N 279 
SER CA  C    sing N N 280 
SER CA  CB   sing N N 281 
SER CA  HA   sing N N 282 
SER C   O    doub N N 283 
SER C   OXT  sing N N 284 
SER CB  OG   sing N N 285 
SER CB  HB2  sing N N 286 
SER CB  HB3  sing N N 287 
SER OG  HG   sing N N 288 
SER OXT HXT  sing N N 289 
THR N   CA   sing N N 290 
THR N   H    sing N N 291 
THR N   H2   sing N N 292 
THR CA  C    sing N N 293 
THR CA  CB   sing N N 294 
THR CA  HA   sing N N 295 
THR C   O    doub N N 296 
THR C   OXT  sing N N 297 
THR CB  OG1  sing N N 298 
THR CB  CG2  sing N N 299 
THR CB  HB   sing N N 300 
THR OG1 HG1  sing N N 301 
THR CG2 HG21 sing N N 302 
THR CG2 HG22 sing N N 303 
THR CG2 HG23 sing N N 304 
THR OXT HXT  sing N N 305 
TRP N   CA   sing N N 306 
TRP N   H    sing N N 307 
TRP N   H2   sing N N 308 
TRP CA  C    sing N N 309 
TRP CA  CB   sing N N 310 
TRP CA  HA   sing N N 311 
TRP C   O    doub N N 312 
TRP C   OXT  sing N N 313 
TRP CB  CG   sing N N 314 
TRP CB  HB2  sing N N 315 
TRP CB  HB3  sing N N 316 
TRP CG  CD1  doub Y N 317 
TRP CG  CD2  sing Y N 318 
TRP CD1 NE1  sing Y N 319 
TRP CD1 HD1  sing N N 320 
TRP CD2 CE2  doub Y N 321 
TRP CD2 CE3  sing Y N 322 
TRP NE1 CE2  sing Y N 323 
TRP NE1 HE1  sing N N 324 
TRP CE2 CZ2  sing Y N 325 
TRP CE3 CZ3  doub Y N 326 
TRP CE3 HE3  sing N N 327 
TRP CZ2 CH2  doub Y N 328 
TRP CZ2 HZ2  sing N N 329 
TRP CZ3 CH2  sing Y N 330 
TRP CZ3 HZ3  sing N N 331 
TRP CH2 HH2  sing N N 332 
TRP OXT HXT  sing N N 333 
TYR N   CA   sing N N 334 
TYR N   H    sing N N 335 
TYR N   H2   sing N N 336 
TYR CA  C    sing N N 337 
TYR CA  CB   sing N N 338 
TYR CA  HA   sing N N 339 
TYR C   O    doub N N 340 
TYR C   OXT  sing N N 341 
TYR CB  CG   sing N N 342 
TYR CB  HB2  sing N N 343 
TYR CB  HB3  sing N N 344 
TYR CG  CD1  doub Y N 345 
TYR CG  CD2  sing Y N 346 
TYR CD1 CE1  sing Y N 347 
TYR CD1 HD1  sing N N 348 
TYR CD2 CE2  doub Y N 349 
TYR CD2 HD2  sing N N 350 
TYR CE1 CZ   doub Y N 351 
TYR CE1 HE1  sing N N 352 
TYR CE2 CZ   sing Y N 353 
TYR CE2 HE2  sing N N 354 
TYR CZ  OH   sing N N 355 
TYR OH  HH   sing N N 356 
TYR OXT HXT  sing N N 357 
VAL N   CA   sing N N 358 
VAL N   H    sing N N 359 
VAL N   H2   sing N N 360 
VAL CA  C    sing N N 361 
VAL CA  CB   sing N N 362 
VAL CA  HA   sing N N 363 
VAL C   O    doub N N 364 
VAL C   OXT  sing N N 365 
VAL CB  CG1  sing N N 366 
VAL CB  CG2  sing N N 367 
VAL CB  HB   sing N N 368 
VAL CG1 HG11 sing N N 369 
VAL CG1 HG12 sing N N 370 
VAL CG1 HG13 sing N N 371 
VAL CG2 HG21 sing N N 372 
VAL CG2 HG22 sing N N 373 
VAL CG2 HG23 sing N N 374 
VAL OXT HXT  sing N N 375 
# 
_pdbx_audit_support.funding_organization   ? 
_pdbx_audit_support.country                China 
_pdbx_audit_support.grant_number           ? 
_pdbx_audit_support.ordinal                1 
# 
_pdbx_entity_nonpoly.entity_id   2 
_pdbx_entity_nonpoly.name        water 
_pdbx_entity_nonpoly.comp_id     HOH 
# 
_pdbx_initial_refinement_model.id               1 
_pdbx_initial_refinement_model.entity_id_list   ? 
_pdbx_initial_refinement_model.type             'experimental model' 
_pdbx_initial_refinement_model.source_name      PDB 
_pdbx_initial_refinement_model.accession_code   4D0N 
_pdbx_initial_refinement_model.details          ? 
# 
